data_8V3C
#
_entry.id   8V3C
#
_cell.length_a   1.00
_cell.length_b   1.00
_cell.length_c   1.00
_cell.angle_alpha   90.00
_cell.angle_beta   90.00
_cell.angle_gamma   90.00
#
_symmetry.space_group_name_H-M   'P 1'
#
loop_
_entity.id
_entity.type
_entity.pdbx_description
1 polymer OR28
2 polymer 'Odorant receptor Orco'
#
loop_
_entity_poly.entity_id
_entity_poly.type
_entity_poly.pdbx_seq_one_letter_code
_entity_poly.pdbx_strand_id
1 'polypeptide(L)'
;MARLVLHEVRYVLMAMLYISRGMAKQIQNSTIDLYVYWFLTFIPIASLCVPQFTYLVVDTKSLIDFISVLVPITEILLTN
GKMIICNVKRGKIINLINQVQVAWDECAKSEHLEIQTLITATAKKTKIFVIIYTTSFLLICVEYSSMPLFKLIYHSAVYG
KQSNYTIALPYLSRFAYSTESTTSFAWTYFFILLGVYLLALTLSGFDSLFATLVMHVKMMFKVLKFEIEQLGLDLSAGKS
HVELQAKLKQIILKHKTNLSLIEQLEDGFSFFLMAQFLTSSILVCVVLYELTMVFGWNEDTFKTVTYLPGAILQLFLFCW
YAQQITEEARLVSDHIYNIPWYLADPKLQKDILTFMVKAQKPTGVTASKFYMVTLQTFQRISSTSYSYFTLLQTINQQ
;
D
2 'polypeptide(L)'
;MKFKHQGLVADLLPNIRVMQGVGHFMFNYYSEGKKFPHRIYCIVTLLLLLLQYGMMAVNLMMESDDVDDLTANTITMLFF
LHPIVKMIYFPVRSKIFYKTLAIWNNPNSHPLFAESNARFHALAITKMRRLLFCVAGATIFSVISWTGITFIEDSVKRIT
DPETNETTIIPIPRLMIRTFYPFNAMSGAGHVFALIYQFYYLVISMAVSNSLDVLFCSWLLFACEQLQHLKAIMKPLMEL
SATLDTVVPNSGELFKAGSADHLRESQGVQPSGNGDNVLDVDLRGIYSNRQDFTATFRPTAGTTFNGGVGPNGLTKKQEM
LVRSAIKYWVERHKHVVRLVTAVGDAYGVALLLHMLTTTITLTLLAYQATKVNGVNVYAATVIGYLLYTLGQVFLFCIFG
NRLIEESSSVMEAAYSCHWYDGSEEAKTFVQIVCQQCQKAMSISGAKFFTVSLDLFASVLGAVVTYFMVLVQLK
;
A,B,C
#
# COMPACT_ATOMS: atom_id res chain seq x y z
N ARG A 3 23.65 34.47 -15.06
CA ARG A 3 24.65 33.42 -15.02
C ARG A 3 24.81 32.90 -13.60
N LEU A 4 25.57 31.82 -13.44
CA LEU A 4 25.89 31.25 -12.13
C LEU A 4 24.60 30.86 -11.39
N VAL A 5 23.96 29.82 -11.94
CA VAL A 5 22.79 29.24 -11.28
C VAL A 5 23.09 29.01 -9.81
N LEU A 6 22.08 29.21 -8.97
CA LEU A 6 22.22 29.01 -7.52
C LEU A 6 23.24 29.97 -6.92
N HIS A 7 23.15 31.23 -7.33
CA HIS A 7 24.12 32.24 -6.91
C HIS A 7 24.14 32.39 -5.39
N GLU A 8 22.97 32.63 -4.80
CA GLU A 8 22.91 32.80 -3.35
C GLU A 8 23.25 31.51 -2.64
N VAL A 9 22.94 30.37 -3.25
CA VAL A 9 23.34 29.09 -2.66
C VAL A 9 24.85 29.00 -2.63
N ARG A 10 25.52 29.44 -3.70
CA ARG A 10 26.97 29.45 -3.72
C ARG A 10 27.51 30.36 -2.61
N TYR A 11 26.91 31.53 -2.43
CA TYR A 11 27.36 32.41 -1.35
C TYR A 11 27.23 31.73 0.00
N VAL A 12 26.09 31.11 0.28
CA VAL A 12 25.87 30.53 1.60
C VAL A 12 26.80 29.34 1.82
N LEU A 13 27.04 28.55 0.77
CA LEU A 13 27.98 27.45 0.88
C LEU A 13 29.39 27.96 1.18
N MET A 14 29.80 29.02 0.49
CA MET A 14 31.12 29.60 0.73
C MET A 14 31.24 30.11 2.16
N ALA A 15 30.19 30.74 2.67
CA ALA A 15 30.22 31.23 4.05
C ALA A 15 30.46 30.11 5.05
N MET A 16 30.19 28.87 4.66
CA MET A 16 30.39 27.71 5.51
C MET A 16 31.73 27.04 5.29
N LEU A 17 32.54 27.52 4.35
CA LEU A 17 33.78 26.89 3.94
C LEU A 17 33.57 25.52 3.30
N TYR A 18 32.33 25.21 2.93
CA TYR A 18 32.07 23.95 2.22
C TYR A 18 32.83 23.90 0.91
N ILE A 19 32.83 25.00 0.16
CA ILE A 19 33.55 25.10 -1.10
C ILE A 19 34.19 26.48 -1.14
N SER A 20 35.48 26.53 -1.49
CA SER A 20 36.22 27.77 -1.47
C SER A 20 36.13 28.57 -2.77
N ARG A 21 35.77 27.92 -3.88
CA ARG A 21 35.70 28.60 -5.17
C ARG A 21 34.30 28.45 -5.77
N GLY A 22 33.26 28.68 -4.97
CA GLY A 22 31.91 28.43 -5.42
C GLY A 22 31.51 29.25 -6.63
N MET A 23 32.05 30.46 -6.77
CA MET A 23 31.63 31.38 -7.81
C MET A 23 32.26 31.08 -9.16
N ALA A 24 32.83 29.90 -9.34
CA ALA A 24 33.37 29.51 -10.64
C ALA A 24 32.29 28.89 -11.50
N LYS A 25 32.41 29.07 -12.81
CA LYS A 25 31.43 28.49 -13.72
C LYS A 25 31.38 26.98 -13.56
N GLN A 26 32.54 26.34 -13.44
CA GLN A 26 32.64 24.89 -13.22
C GLN A 26 33.34 24.68 -11.88
N ILE A 27 32.56 24.49 -10.83
CA ILE A 27 33.13 24.29 -9.51
C ILE A 27 34.07 23.09 -9.54
N GLN A 28 35.12 23.15 -8.72
CA GLN A 28 36.11 22.10 -8.62
C GLN A 28 36.06 21.47 -7.23
N ASN A 29 36.24 20.16 -7.19
CA ASN A 29 36.31 19.42 -5.92
C ASN A 29 37.77 19.28 -5.54
N SER A 30 38.19 20.01 -4.50
CA SER A 30 39.57 20.01 -4.05
C SER A 30 39.65 19.45 -2.64
N THR A 31 40.64 18.58 -2.41
CA THR A 31 40.77 17.90 -1.13
C THR A 31 40.97 18.89 0.03
N ILE A 32 41.48 20.08 -0.25
CA ILE A 32 41.67 21.06 0.81
C ILE A 32 40.34 21.41 1.45
N ASP A 33 39.31 21.64 0.61
CA ASP A 33 37.98 21.92 1.15
C ASP A 33 37.46 20.72 1.93
N LEU A 34 37.71 19.51 1.44
CA LEU A 34 37.25 18.32 2.13
C LEU A 34 37.80 18.26 3.55
N TYR A 35 39.12 18.40 3.71
CA TYR A 35 39.70 18.27 5.03
C TYR A 35 39.35 19.45 5.92
N VAL A 36 39.31 20.66 5.35
CA VAL A 36 38.90 21.82 6.15
C VAL A 36 37.49 21.63 6.66
N TYR A 37 36.60 21.10 5.83
CA TYR A 37 35.22 20.91 6.24
C TYR A 37 35.09 19.81 7.27
N TRP A 38 35.90 18.75 7.17
CA TRP A 38 35.90 17.75 8.23
C TRP A 38 36.33 18.35 9.56
N PHE A 39 37.38 19.17 9.53
CA PHE A 39 37.83 19.81 10.75
C PHE A 39 36.73 20.70 11.33
N LEU A 40 36.05 21.46 10.47
CA LEU A 40 34.94 22.28 10.93
C LEU A 40 33.82 21.41 11.52
N THR A 41 33.50 20.32 10.85
CA THR A 41 32.46 19.42 11.34
C THR A 41 32.75 18.96 12.75
N PHE A 42 34.03 18.72 13.05
CA PHE A 42 34.36 18.25 14.39
C PHE A 42 34.17 19.33 15.46
N ILE A 43 33.92 20.58 15.07
CA ILE A 43 33.80 21.67 16.05
C ILE A 43 32.46 21.61 16.77
N PRO A 44 31.32 21.63 16.06
CA PRO A 44 30.03 21.55 16.77
C PRO A 44 29.87 20.27 17.59
N ILE A 45 30.48 19.16 17.15
CA ILE A 45 30.40 17.93 17.92
C ILE A 45 30.99 18.12 19.31
N ALA A 46 32.16 18.75 19.38
CA ALA A 46 32.81 18.96 20.66
C ALA A 46 32.18 20.09 21.46
N SER A 47 31.68 21.13 20.78
CA SER A 47 31.18 22.31 21.47
C SER A 47 29.71 22.21 21.86
N LEU A 48 28.89 21.52 21.05
CA LEU A 48 27.47 21.40 21.32
C LEU A 48 27.06 19.97 21.63
N CYS A 49 27.36 19.01 20.75
CA CYS A 49 26.80 17.68 20.88
C CYS A 49 27.25 17.02 22.19
N VAL A 50 28.54 16.97 22.43
CA VAL A 50 29.09 16.18 23.53
C VAL A 50 28.66 16.75 24.88
N PRO A 51 28.80 18.06 25.13
CA PRO A 51 28.36 18.58 26.43
C PRO A 51 26.88 18.39 26.69
N GLN A 52 26.04 18.63 25.69
CA GLN A 52 24.61 18.46 25.87
C GLN A 52 24.27 17.00 26.13
N PHE A 53 24.88 16.08 25.39
CA PHE A 53 24.65 14.66 25.61
C PHE A 53 25.08 14.25 27.00
N THR A 54 26.21 14.77 27.47
CA THR A 54 26.67 14.46 28.81
C THR A 54 25.69 14.95 29.86
N TYR A 55 25.19 16.17 29.71
CA TYR A 55 24.19 16.67 30.65
C TYR A 55 22.93 15.80 30.61
N LEU A 56 22.50 15.41 29.42
CA LEU A 56 21.32 14.57 29.29
C LEU A 56 21.51 13.25 30.04
N VAL A 57 22.68 12.63 29.86
CA VAL A 57 22.92 11.34 30.48
C VAL A 57 23.02 11.46 32.00
N VAL A 58 23.65 12.53 32.48
CA VAL A 58 24.02 12.61 33.89
C VAL A 58 23.03 13.43 34.69
N ASP A 59 22.89 14.71 34.34
CA ASP A 59 22.21 15.66 35.22
C ASP A 59 20.69 15.51 35.24
N THR A 60 20.11 14.82 34.25
CA THR A 60 18.66 14.69 34.20
C THR A 60 18.16 13.94 35.43
N LYS A 61 17.03 14.40 35.97
CA LYS A 61 16.45 13.82 37.17
C LYS A 61 15.07 13.22 36.96
N SER A 62 14.35 13.58 35.91
CA SER A 62 13.01 13.07 35.66
C SER A 62 12.84 12.84 34.16
N LEU A 63 11.78 12.10 33.81
CA LEU A 63 11.52 11.79 32.42
C LEU A 63 11.16 13.04 31.63
N ILE A 64 10.43 13.97 32.24
CA ILE A 64 10.07 15.20 31.55
C ILE A 64 11.33 15.96 31.14
N ASP A 65 12.24 16.14 32.09
CA ASP A 65 13.51 16.81 31.77
C ASP A 65 14.27 16.03 30.72
N PHE A 66 14.27 14.70 30.83
CA PHE A 66 14.96 13.88 29.83
C PHE A 66 14.47 14.20 28.43
N ILE A 67 13.14 14.19 28.23
CA ILE A 67 12.61 14.39 26.89
C ILE A 67 12.85 15.81 26.42
N SER A 68 12.67 16.79 27.31
CA SER A 68 12.87 18.19 26.92
C SER A 68 14.31 18.44 26.50
N VAL A 69 15.27 17.84 27.20
CA VAL A 69 16.66 17.96 26.80
C VAL A 69 16.97 17.12 25.58
N LEU A 70 16.19 16.06 25.35
CA LEU A 70 16.48 15.15 24.25
C LEU A 70 16.08 15.73 22.91
N VAL A 71 15.01 16.51 22.86
CA VAL A 71 14.53 17.02 21.56
C VAL A 71 15.62 17.87 20.90
N PRO A 72 16.06 18.97 21.54
CA PRO A 72 17.05 19.83 20.88
C PRO A 72 18.34 19.10 20.56
N ILE A 73 18.78 18.21 21.44
CA ILE A 73 19.97 17.42 21.18
C ILE A 73 19.79 16.59 19.93
N THR A 74 18.59 16.02 19.75
CA THR A 74 18.33 15.25 18.55
C THR A 74 18.42 16.12 17.30
N GLU A 75 17.88 17.35 17.37
CA GLU A 75 17.98 18.23 16.22
C GLU A 75 19.44 18.56 15.89
N ILE A 76 20.23 18.84 16.92
CA ILE A 76 21.65 19.15 16.71
C ILE A 76 22.38 17.96 16.10
N LEU A 77 22.11 16.76 16.61
CA LEU A 77 22.74 15.56 16.07
C LEU A 77 22.36 15.37 14.61
N LEU A 78 21.09 15.62 14.27
CA LEU A 78 20.68 15.50 12.88
C LEU A 78 21.42 16.50 11.99
N THR A 79 21.60 17.73 12.49
CA THR A 79 22.33 18.73 11.70
C THR A 79 23.77 18.31 11.48
N ASN A 80 24.42 17.78 12.52
CA ASN A 80 25.78 17.29 12.36
C ASN A 80 25.83 16.14 11.36
N GLY A 81 24.86 15.24 11.43
CA GLY A 81 24.79 14.18 10.44
C GLY A 81 24.65 14.72 9.03
N LYS A 82 23.88 15.80 8.87
CA LYS A 82 23.78 16.44 7.56
C LYS A 82 25.15 16.95 7.11
N MET A 83 25.88 17.59 8.03
CA MET A 83 27.23 18.04 7.71
C MET A 83 28.06 16.89 7.17
N ILE A 84 28.08 15.77 7.90
CA ILE A 84 28.92 14.63 7.51
C ILE A 84 28.46 14.06 6.18
N ILE A 85 27.15 13.89 6.00
CA ILE A 85 26.63 13.25 4.80
C ILE A 85 26.98 14.07 3.57
N CYS A 86 26.79 15.39 3.67
CA CYS A 86 27.08 16.24 2.51
C CYS A 86 28.58 16.34 2.26
N ASN A 87 29.39 16.31 3.32
CA ASN A 87 30.83 16.24 3.12
C ASN A 87 31.21 14.98 2.36
N VAL A 88 30.58 13.86 2.69
CA VAL A 88 30.88 12.61 2.01
C VAL A 88 30.43 12.66 0.55
N LYS A 89 29.28 13.27 0.28
CA LYS A 89 28.71 13.30 -1.07
C LYS A 89 29.18 14.50 -1.89
N ARG A 90 30.13 15.29 -1.36
CA ARG A 90 30.72 16.42 -2.05
C ARG A 90 30.85 16.25 -3.56
N GLY A 91 31.49 15.17 -3.99
CA GLY A 91 31.77 15.01 -5.42
C GLY A 91 30.49 14.96 -6.24
N LYS A 92 29.53 14.15 -5.80
CA LYS A 92 28.27 14.03 -6.53
C LYS A 92 27.50 15.34 -6.52
N ILE A 93 27.47 16.02 -5.38
CA ILE A 93 26.72 17.27 -5.30
C ILE A 93 27.34 18.31 -6.24
N ILE A 94 28.67 18.41 -6.25
CA ILE A 94 29.33 19.39 -7.09
C ILE A 94 29.11 19.06 -8.57
N ASN A 95 29.20 17.78 -8.93
CA ASN A 95 28.95 17.41 -10.32
C ASN A 95 27.52 17.74 -10.72
N LEU A 96 26.56 17.53 -9.81
CA LEU A 96 25.18 17.88 -10.10
C LEU A 96 25.04 19.38 -10.36
N ILE A 97 25.67 20.20 -9.52
CA ILE A 97 25.59 21.64 -9.73
C ILE A 97 26.20 22.02 -11.08
N ASN A 98 27.33 21.40 -11.42
CA ASN A 98 27.98 21.72 -12.70
C ASN A 98 27.08 21.34 -13.87
N GLN A 99 26.42 20.18 -13.80
CA GLN A 99 25.54 19.77 -14.89
C GLN A 99 24.33 20.71 -14.99
N VAL A 100 23.79 21.13 -13.85
CA VAL A 100 22.68 22.09 -13.88
C VAL A 100 23.12 23.38 -14.55
N GLN A 101 24.32 23.85 -14.21
CA GLN A 101 24.85 25.07 -14.84
C GLN A 101 25.01 24.89 -16.34
N VAL A 102 25.49 23.72 -16.77
CA VAL A 102 25.65 23.47 -18.21
C VAL A 102 24.29 23.52 -18.90
N ALA A 103 23.28 22.87 -18.31
CA ALA A 103 21.95 22.87 -18.90
C ALA A 103 21.39 24.28 -18.98
N TRP A 104 21.56 25.07 -17.91
CA TRP A 104 21.07 26.44 -17.90
C TRP A 104 21.76 27.27 -18.98
N ASP A 105 23.07 27.11 -19.14
CA ASP A 105 23.79 27.84 -20.17
C ASP A 105 23.28 27.44 -21.55
N GLU A 106 23.00 26.15 -21.75
CA GLU A 106 22.46 25.72 -23.04
C GLU A 106 21.10 26.34 -23.30
N CYS A 107 20.24 26.40 -22.27
CA CYS A 107 18.91 26.97 -22.45
C CYS A 107 18.98 28.46 -22.72
N ALA A 108 19.88 29.17 -22.05
CA ALA A 108 19.89 30.64 -22.12
C ALA A 108 20.19 31.16 -23.52
N LYS A 109 20.68 30.32 -24.43
CA LYS A 109 20.92 30.73 -25.80
C LYS A 109 19.67 30.67 -26.66
N SER A 110 18.50 30.45 -26.06
CA SER A 110 17.28 30.28 -26.83
C SER A 110 16.81 31.61 -27.41
N GLU A 111 16.11 31.53 -28.54
CA GLU A 111 15.55 32.68 -29.23
C GLU A 111 14.06 32.85 -28.96
N HIS A 112 13.51 32.08 -28.03
CA HIS A 112 12.07 32.08 -27.76
C HIS A 112 11.79 32.79 -26.45
N LEU A 113 10.85 33.73 -26.47
CA LEU A 113 10.59 34.55 -25.30
C LEU A 113 10.09 33.72 -24.12
N GLU A 114 9.40 32.61 -24.40
CA GLU A 114 8.87 31.78 -23.32
C GLU A 114 9.99 31.22 -22.46
N ILE A 115 11.06 30.72 -23.10
CA ILE A 115 12.18 30.18 -22.35
C ILE A 115 12.86 31.27 -21.55
N GLN A 116 13.00 32.47 -22.11
CA GLN A 116 13.61 33.56 -21.37
C GLN A 116 12.78 33.93 -20.15
N THR A 117 11.46 33.97 -20.30
CA THR A 117 10.60 34.25 -19.14
C THR A 117 10.77 33.17 -18.08
N LEU A 118 10.83 31.90 -18.49
CA LEU A 118 11.06 30.82 -17.55
C LEU A 118 12.37 31.03 -16.80
N ILE A 119 13.42 31.39 -17.53
CA ILE A 119 14.73 31.60 -16.93
C ILE A 119 14.67 32.70 -15.88
N THR A 120 14.09 33.84 -16.24
CA THR A 120 14.03 34.96 -15.29
C THR A 120 13.21 34.58 -14.06
N ALA A 121 12.07 33.92 -14.26
CA ALA A 121 11.25 33.52 -13.13
C ALA A 121 12.00 32.58 -12.20
N THR A 122 12.72 31.61 -12.78
CA THR A 122 13.46 30.66 -11.97
C THR A 122 14.54 31.35 -11.16
N ALA A 123 15.29 32.26 -11.79
CA ALA A 123 16.34 32.96 -11.07
C ALA A 123 15.76 33.76 -9.91
N LYS A 124 14.68 34.49 -10.16
CA LYS A 124 14.06 35.29 -9.11
C LYS A 124 13.59 34.41 -7.97
N LYS A 125 12.94 33.29 -8.31
CA LYS A 125 12.43 32.37 -7.29
C LYS A 125 13.54 31.86 -6.41
N THR A 126 14.63 31.37 -7.03
CA THR A 126 15.72 30.80 -6.25
C THR A 126 16.34 31.84 -5.34
N LYS A 127 16.60 33.04 -5.86
CA LYS A 127 17.21 34.09 -5.04
C LYS A 127 16.32 34.39 -3.84
N ILE A 128 15.03 34.61 -4.07
CA ILE A 128 14.14 35.00 -2.99
C ILE A 128 14.07 33.91 -1.94
N PHE A 129 13.93 32.65 -2.38
CA PHE A 129 13.78 31.55 -1.42
C PHE A 129 15.03 31.40 -0.56
N VAL A 130 16.20 31.43 -1.19
CA VAL A 130 17.44 31.30 -0.43
C VAL A 130 17.52 32.41 0.61
N ILE A 131 17.25 33.64 0.19
CA ILE A 131 17.39 34.77 1.11
C ILE A 131 16.46 34.59 2.31
N ILE A 132 15.17 34.33 2.05
CA ILE A 132 14.23 34.23 3.16
C ILE A 132 14.64 33.13 4.11
N TYR A 133 14.91 31.94 3.57
CA TYR A 133 15.17 30.79 4.43
C TYR A 133 16.41 31.00 5.28
N THR A 134 17.52 31.40 4.64
CA THR A 134 18.75 31.60 5.38
C THR A 134 18.60 32.69 6.43
N THR A 135 17.98 33.82 6.06
CA THR A 135 17.83 34.90 7.01
C THR A 135 17.01 34.47 8.22
N SER A 136 15.89 33.77 7.98
CA SER A 136 15.03 33.36 9.08
C SER A 136 15.77 32.42 10.02
N PHE A 137 16.47 31.43 9.47
CA PHE A 137 17.14 30.47 10.35
C PHE A 137 18.30 31.11 11.11
N LEU A 138 19.06 31.98 10.44
CA LEU A 138 20.12 32.69 11.14
C LEU A 138 19.55 33.54 12.27
N LEU A 139 18.44 34.22 12.02
CA LEU A 139 17.83 35.02 13.07
C LEU A 139 17.42 34.16 14.25
N ILE A 140 16.76 33.02 13.98
CA ILE A 140 16.30 32.16 15.06
C ILE A 140 17.49 31.70 15.90
N CYS A 141 18.52 31.16 15.24
CA CYS A 141 19.65 30.60 15.96
C CYS A 141 20.41 31.68 16.72
N VAL A 142 20.62 32.84 16.11
CA VAL A 142 21.34 33.92 16.76
C VAL A 142 20.58 34.39 18.00
N GLU A 143 19.27 34.58 17.88
CA GLU A 143 18.48 34.96 19.04
C GLU A 143 18.64 33.93 20.16
N TYR A 144 18.43 32.65 19.84
CA TYR A 144 18.46 31.63 20.88
C TYR A 144 19.82 31.60 21.56
N SER A 145 20.90 31.70 20.78
CA SER A 145 22.24 31.59 21.35
C SER A 145 22.58 32.82 22.19
N SER A 146 22.33 34.02 21.65
CA SER A 146 22.84 35.24 22.23
C SER A 146 21.87 35.92 23.20
N MET A 147 20.70 35.33 23.45
CA MET A 147 19.79 35.94 24.41
C MET A 147 20.45 36.31 25.74
N PRO A 148 21.20 35.43 26.39
CA PRO A 148 21.83 35.83 27.66
C PRO A 148 22.89 36.91 27.50
N LEU A 149 23.60 36.96 26.37
CA LEU A 149 24.56 38.05 26.16
C LEU A 149 23.84 39.38 26.13
N PHE A 150 22.74 39.46 25.40
CA PHE A 150 21.95 40.69 25.37
C PHE A 150 21.39 41.01 26.74
N LYS A 151 20.96 39.98 27.48
CA LYS A 151 20.49 40.20 28.84
C LYS A 151 21.57 40.84 29.69
N LEU A 152 22.80 40.32 29.59
CA LEU A 152 23.91 40.87 30.36
C LEU A 152 24.17 42.32 29.97
N ILE A 153 24.20 42.61 28.67
CA ILE A 153 24.48 43.96 28.22
C ILE A 153 23.41 44.93 28.74
N TYR A 154 22.15 44.54 28.60
CA TYR A 154 21.05 45.40 29.04
C TYR A 154 21.09 45.61 30.54
N HIS A 155 21.33 44.55 31.31
CA HIS A 155 21.39 44.69 32.76
C HIS A 155 22.55 45.58 33.18
N SER A 156 23.71 45.43 32.56
CA SER A 156 24.84 46.28 32.89
C SER A 156 24.55 47.73 32.56
N ALA A 157 23.92 47.98 31.41
CA ALA A 157 23.63 49.36 31.02
C ALA A 157 22.60 50.00 31.93
N VAL A 158 21.60 49.25 32.38
CA VAL A 158 20.51 49.82 33.17
C VAL A 158 20.89 49.91 34.64
N TYR A 159 21.27 48.81 35.26
CA TYR A 159 21.59 48.77 36.68
C TYR A 159 23.07 49.00 36.96
N GLY A 160 23.87 49.27 35.94
CA GLY A 160 25.29 49.51 36.17
C GLY A 160 25.94 48.31 36.81
N LYS A 161 26.69 48.55 37.89
CA LYS A 161 27.40 47.51 38.60
C LYS A 161 26.57 46.87 39.70
N GLN A 162 25.32 47.32 39.89
CA GLN A 162 24.45 46.79 40.94
C GLN A 162 23.56 45.65 40.46
N SER A 163 23.67 45.24 39.19
CA SER A 163 22.82 44.18 38.68
C SER A 163 23.08 42.89 39.42
N ASN A 164 21.99 42.25 39.87
CA ASN A 164 22.07 40.93 40.49
C ASN A 164 21.78 39.84 39.45
N TYR A 165 22.59 39.85 38.39
CA TYR A 165 22.43 38.92 37.28
C TYR A 165 23.76 38.23 37.00
N THR A 166 23.73 36.90 36.95
CA THR A 166 24.90 36.10 36.64
C THR A 166 24.67 35.38 35.32
N ILE A 167 25.61 35.54 34.40
CA ILE A 167 25.46 34.99 33.05
C ILE A 167 25.84 33.53 33.03
N ALA A 168 25.18 32.77 32.15
CA ALA A 168 25.43 31.35 31.98
C ALA A 168 25.44 31.01 30.50
N LEU A 169 25.91 29.81 30.18
CA LEU A 169 26.06 29.42 28.78
C LEU A 169 24.68 29.25 28.13
N PRO A 170 24.62 29.37 26.80
CA PRO A 170 23.30 29.40 26.13
C PRO A 170 22.50 28.12 26.25
N TYR A 171 23.13 26.98 26.55
CA TYR A 171 22.44 25.71 26.57
C TYR A 171 22.72 25.00 27.89
N LEU A 172 21.82 24.08 28.25
CA LEU A 172 22.00 23.24 29.42
C LEU A 172 22.98 22.13 29.06
N SER A 173 24.22 22.24 29.53
CA SER A 173 25.26 21.29 29.15
C SER A 173 26.28 21.19 30.26
N ARG A 174 27.06 20.12 30.21
CA ARG A 174 28.11 19.84 31.19
C ARG A 174 29.38 19.47 30.43
N PHE A 175 30.47 20.16 30.74
CA PHE A 175 31.76 19.94 30.10
C PHE A 175 32.67 19.10 30.99
N ALA A 176 33.78 18.67 30.42
CA ALA A 176 34.76 17.90 31.19
C ALA A 176 35.57 18.78 32.13
N TYR A 177 35.75 20.05 31.78
CA TYR A 177 36.56 20.98 32.55
C TYR A 177 35.67 22.04 33.20
N SER A 178 36.29 22.85 34.06
CA SER A 178 35.57 23.91 34.75
C SER A 178 35.38 25.12 33.84
N THR A 179 34.42 25.97 34.21
CA THR A 179 34.15 27.20 33.49
C THR A 179 34.07 28.41 34.42
N GLU A 180 34.38 28.24 35.70
CA GLU A 180 34.35 29.38 36.62
C GLU A 180 35.35 30.45 36.22
N SER A 181 36.46 30.05 35.59
CA SER A 181 37.43 31.03 35.11
C SER A 181 36.85 31.82 33.96
N THR A 182 37.17 33.13 33.93
CA THR A 182 36.65 34.00 32.89
C THR A 182 37.19 33.61 31.51
N THR A 183 38.47 33.27 31.43
CA THR A 183 39.06 32.93 30.14
C THR A 183 38.41 31.68 29.54
N SER A 184 38.30 30.63 30.35
CA SER A 184 37.68 29.39 29.87
C SER A 184 36.23 29.64 29.48
N PHE A 185 35.50 30.40 30.30
CA PHE A 185 34.11 30.71 29.98
C PHE A 185 34.02 31.43 28.64
N ALA A 186 34.85 32.44 28.44
CA ALA A 186 34.80 33.20 27.19
C ALA A 186 35.12 32.33 25.99
N TRP A 187 36.17 31.51 26.10
CA TRP A 187 36.55 30.71 24.94
C TRP A 187 35.51 29.63 24.63
N THR A 188 34.94 29.00 25.66
CA THR A 188 33.87 28.05 25.43
C THR A 188 32.67 28.72 24.80
N TYR A 189 32.34 29.94 25.25
CA TYR A 189 31.22 30.66 24.67
C TYR A 189 31.47 30.97 23.19
N PHE A 190 32.69 31.40 22.87
CA PHE A 190 33.01 31.67 21.47
C PHE A 190 32.91 30.43 20.63
N PHE A 191 33.38 29.29 21.14
CA PHE A 191 33.29 28.06 20.37
C PHE A 191 31.84 27.59 20.23
N ILE A 192 31.01 27.84 21.24
CA ILE A 192 29.60 27.52 21.14
C ILE A 192 28.95 28.34 20.03
N LEU A 193 29.23 29.64 19.99
CA LEU A 193 28.69 30.46 18.91
C LEU A 193 29.21 30.00 17.54
N LEU A 194 30.49 29.64 17.46
CA LEU A 194 31.01 29.16 16.18
C LEU A 194 30.27 27.90 15.74
N GLY A 195 30.05 26.96 16.67
CA GLY A 195 29.32 25.76 16.34
C GLY A 195 27.89 26.03 15.91
N VAL A 196 27.20 26.92 16.63
CA VAL A 196 25.82 27.26 16.28
C VAL A 196 25.76 27.88 14.90
N TYR A 197 26.70 28.78 14.61
CA TYR A 197 26.74 29.40 13.29
C TYR A 197 26.95 28.36 12.20
N LEU A 198 27.87 27.42 12.43
CA LEU A 198 28.11 26.38 11.44
C LEU A 198 26.87 25.53 11.23
N LEU A 199 26.18 25.15 12.32
CA LEU A 199 25.00 24.31 12.18
C LEU A 199 23.88 25.04 11.44
N ALA A 200 23.65 26.31 11.78
CA ALA A 200 22.60 27.07 11.11
C ALA A 200 22.90 27.20 9.62
N LEU A 201 24.15 27.52 9.27
CA LEU A 201 24.50 27.61 7.86
C LEU A 201 24.34 26.27 7.17
N THR A 202 24.70 25.17 7.84
CA THR A 202 24.50 23.85 7.26
C THR A 202 23.04 23.62 6.92
N LEU A 203 22.17 23.79 7.90
CA LEU A 203 20.75 23.53 7.70
C LEU A 203 20.21 24.36 6.54
N SER A 204 20.41 25.68 6.62
CA SER A 204 19.86 26.57 5.61
C SER A 204 20.43 26.26 4.24
N GLY A 205 21.76 26.16 4.15
CA GLY A 205 22.39 25.99 2.85
C GLY A 205 21.98 24.71 2.16
N PHE A 206 21.94 23.60 2.90
CA PHE A 206 21.65 22.33 2.24
C PHE A 206 20.17 22.19 1.90
N ASP A 207 19.27 22.65 2.79
CA ASP A 207 17.87 22.65 2.43
C ASP A 207 17.62 23.53 1.20
N SER A 208 18.25 24.71 1.17
CA SER A 208 18.10 25.60 0.02
C SER A 208 18.67 24.97 -1.24
N LEU A 209 19.79 24.26 -1.12
CA LEU A 209 20.37 23.60 -2.29
C LEU A 209 19.41 22.56 -2.85
N PHE A 210 18.81 21.74 -1.98
CA PHE A 210 17.86 20.74 -2.47
C PHE A 210 16.68 21.42 -3.17
N ALA A 211 16.07 22.41 -2.51
CA ALA A 211 14.91 23.06 -3.10
C ALA A 211 15.25 23.72 -4.42
N THR A 212 16.41 24.39 -4.49
CA THR A 212 16.77 25.12 -5.70
C THR A 212 17.10 24.18 -6.85
N LEU A 213 17.75 23.05 -6.56
CA LEU A 213 17.98 22.07 -7.60
C LEU A 213 16.66 21.53 -8.12
N VAL A 214 15.69 21.33 -7.22
CA VAL A 214 14.36 20.91 -7.66
C VAL A 214 13.75 21.96 -8.58
N MET A 215 13.88 23.24 -8.22
CA MET A 215 13.33 24.30 -9.05
C MET A 215 13.95 24.30 -10.44
N HIS A 216 15.27 24.10 -10.52
CA HIS A 216 15.92 24.10 -11.82
C HIS A 216 15.51 22.89 -12.66
N VAL A 217 15.33 21.73 -12.02
CA VAL A 217 14.86 20.57 -12.76
C VAL A 217 13.43 20.81 -13.28
N LYS A 218 12.61 21.46 -12.47
CA LYS A 218 11.26 21.82 -12.92
C LYS A 218 11.31 22.74 -14.13
N MET A 219 12.20 23.73 -14.10
CA MET A 219 12.35 24.62 -15.25
C MET A 219 12.78 23.84 -16.48
N MET A 220 13.66 22.85 -16.31
CA MET A 220 14.08 22.05 -17.45
C MET A 220 12.92 21.24 -18.01
N PHE A 221 12.06 20.72 -17.14
CA PHE A 221 10.89 19.99 -17.61
C PHE A 221 9.94 20.90 -18.37
N LYS A 222 9.80 22.15 -17.92
CA LYS A 222 8.96 23.09 -18.66
C LYS A 222 9.53 23.41 -20.03
N VAL A 223 10.86 23.51 -20.13
CA VAL A 223 11.48 23.69 -21.44
C VAL A 223 11.17 22.49 -22.33
N LEU A 224 11.22 21.28 -21.75
CA LEU A 224 10.87 20.09 -22.51
C LEU A 224 9.42 20.14 -22.98
N LYS A 225 8.52 20.61 -22.13
CA LYS A 225 7.13 20.78 -22.53
C LYS A 225 7.01 21.72 -23.72
N PHE A 226 7.74 22.84 -23.67
CA PHE A 226 7.72 23.77 -24.79
C PHE A 226 8.19 23.09 -26.08
N GLU A 227 9.25 22.29 -25.99
CA GLU A 227 9.76 21.63 -27.18
C GLU A 227 8.74 20.62 -27.72
N ILE A 228 8.06 19.91 -26.83
CA ILE A 228 7.04 18.96 -27.26
C ILE A 228 5.91 19.69 -27.99
N GLU A 229 5.48 20.83 -27.44
CA GLU A 229 4.44 21.61 -28.09
C GLU A 229 4.89 22.09 -29.47
N GLN A 230 6.15 22.48 -29.60
CA GLN A 230 6.66 22.88 -30.91
C GLN A 230 6.65 21.71 -31.88
N LEU A 231 6.97 20.51 -31.40
CA LEU A 231 6.85 19.33 -32.26
C LEU A 231 5.41 19.13 -32.71
N GLY A 232 4.45 19.34 -31.80
CA GLY A 232 3.06 19.22 -32.17
C GLY A 232 2.66 20.22 -33.26
N LEU A 233 3.12 21.46 -33.12
CA LEU A 233 2.85 22.46 -34.15
C LEU A 233 3.45 22.04 -35.49
N ASP A 234 4.67 21.51 -35.46
CA ASP A 234 5.29 21.04 -36.68
C ASP A 234 4.52 19.87 -37.28
N LEU A 235 3.93 19.02 -36.43
CA LEU A 235 3.09 17.94 -36.94
C LEU A 235 1.87 18.49 -37.65
N SER A 236 1.21 19.47 -37.03
CA SER A 236 0.03 20.07 -37.65
C SER A 236 0.39 20.73 -38.99
N ALA A 237 1.51 21.44 -39.04
CA ALA A 237 1.92 22.11 -40.27
C ALA A 237 2.25 21.13 -41.39
N GLY A 238 2.45 19.85 -41.07
CA GLY A 238 2.70 18.85 -42.08
C GLY A 238 4.06 18.96 -42.75
N LYS A 239 5.11 18.68 -41.98
CA LYS A 239 6.47 18.65 -42.49
C LYS A 239 6.89 17.20 -42.77
N SER A 240 7.88 17.06 -43.65
CA SER A 240 8.28 15.74 -44.10
C SER A 240 8.71 14.86 -42.93
N HIS A 241 8.88 13.57 -43.22
CA HIS A 241 9.12 12.60 -42.15
C HIS A 241 10.47 12.81 -41.48
N VAL A 242 11.50 13.13 -42.25
CA VAL A 242 12.85 13.21 -41.69
C VAL A 242 12.95 14.35 -40.68
N GLU A 243 12.32 15.49 -40.98
CA GLU A 243 12.37 16.61 -40.05
C GLU A 243 11.67 16.26 -38.74
N LEU A 244 10.54 15.57 -38.82
CA LEU A 244 9.85 15.16 -37.60
C LEU A 244 10.68 14.17 -36.81
N GLN A 245 11.37 13.25 -37.52
CA GLN A 245 12.27 12.33 -36.83
C GLN A 245 13.35 13.09 -36.07
N ALA A 246 13.97 14.08 -36.73
CA ALA A 246 15.03 14.84 -36.08
C ALA A 246 14.51 15.58 -34.87
N LYS A 247 13.34 16.22 -34.99
CA LYS A 247 12.79 16.96 -33.87
C LYS A 247 12.47 16.04 -32.70
N LEU A 248 11.89 14.88 -32.99
CA LEU A 248 11.59 13.92 -31.93
C LEU A 248 12.87 13.42 -31.28
N LYS A 249 13.92 13.21 -32.07
CA LYS A 249 15.21 12.81 -31.51
C LYS A 249 15.73 13.85 -30.53
N GLN A 250 15.66 15.12 -30.91
CA GLN A 250 16.11 16.18 -30.00
C GLN A 250 15.27 16.20 -28.73
N ILE A 251 13.96 16.02 -28.86
CA ILE A 251 13.11 16.00 -27.67
C ILE A 251 13.50 14.85 -26.75
N ILE A 252 13.76 13.67 -27.33
CA ILE A 252 14.12 12.51 -26.52
C ILE A 252 15.45 12.74 -25.82
N LEU A 253 16.41 13.37 -26.52
CA LEU A 253 17.69 13.67 -25.90
C LEU A 253 17.51 14.62 -24.71
N LYS A 254 16.66 15.63 -24.86
CA LYS A 254 16.39 16.53 -23.74
C LYS A 254 15.74 15.77 -22.58
N HIS A 255 14.83 14.86 -22.89
CA HIS A 255 14.21 14.05 -21.83
C HIS A 255 15.26 13.23 -21.10
N LYS A 256 16.19 12.64 -21.85
CA LYS A 256 17.26 11.86 -21.23
C LYS A 256 18.10 12.73 -20.31
N THR A 257 18.41 13.95 -20.75
CA THR A 257 19.18 14.86 -19.91
C THR A 257 18.45 15.16 -18.60
N ASN A 258 17.16 15.44 -18.68
CA ASN A 258 16.41 15.73 -17.46
C ASN A 258 16.36 14.52 -16.54
N LEU A 259 16.20 13.32 -17.12
CA LEU A 259 16.21 12.11 -16.31
C LEU A 259 17.56 11.91 -15.63
N SER A 260 18.64 12.21 -16.35
CA SER A 260 19.97 12.13 -15.74
C SER A 260 20.10 13.08 -14.57
N LEU A 261 19.58 14.30 -14.71
CA LEU A 261 19.63 15.25 -13.60
C LEU A 261 18.86 14.72 -12.40
N ILE A 262 17.68 14.15 -12.63
CA ILE A 262 16.91 13.59 -11.51
C ILE A 262 17.67 12.45 -10.85
N GLU A 263 18.31 11.60 -11.67
CA GLU A 263 19.10 10.50 -11.13
C GLU A 263 20.21 11.01 -10.23
N GLN A 264 20.93 12.04 -10.69
CA GLN A 264 22.02 12.59 -9.89
C GLN A 264 21.50 13.18 -8.58
N LEU A 265 20.38 13.91 -8.64
CA LEU A 265 19.82 14.49 -7.43
C LEU A 265 19.45 13.41 -6.43
N GLU A 266 18.78 12.35 -6.89
CA GLU A 266 18.41 11.26 -6.00
C GLU A 266 19.65 10.61 -5.41
N ASP A 267 20.65 10.35 -6.26
CA ASP A 267 21.88 9.73 -5.78
C ASP A 267 22.53 10.58 -4.70
N GLY A 268 22.51 11.90 -4.87
CA GLY A 268 23.17 12.76 -3.91
C GLY A 268 22.41 12.95 -2.61
N PHE A 269 21.07 12.85 -2.64
CA PHE A 269 20.28 13.23 -1.46
C PHE A 269 19.46 12.10 -0.85
N SER A 270 19.62 10.85 -1.31
CA SER A 270 18.81 9.76 -0.78
C SER A 270 19.00 9.60 0.73
N PHE A 271 20.25 9.44 1.18
CA PHE A 271 20.49 9.19 2.60
C PHE A 271 20.16 10.41 3.42
N PHE A 272 20.42 11.60 2.88
CA PHE A 272 20.03 12.84 3.54
C PHE A 272 18.54 12.81 3.87
N LEU A 273 17.71 12.53 2.86
CA LEU A 273 16.27 12.53 3.07
C LEU A 273 15.86 11.43 4.05
N MET A 274 16.46 10.24 3.92
CA MET A 274 16.10 9.15 4.84
C MET A 274 16.35 9.54 6.28
N ALA A 275 17.55 10.04 6.57
CA ALA A 275 17.86 10.42 7.95
C ALA A 275 16.97 11.56 8.42
N GLN A 276 16.73 12.55 7.55
CA GLN A 276 15.87 13.67 7.92
C GLN A 276 14.48 13.18 8.33
N PHE A 277 13.85 12.35 7.48
CA PHE A 277 12.50 11.91 7.77
C PHE A 277 12.45 11.05 9.02
N LEU A 278 13.40 10.11 9.17
CA LEU A 278 13.39 9.27 10.35
C LEU A 278 13.49 10.11 11.62
N THR A 279 14.47 11.01 11.68
CA THR A 279 14.66 11.80 12.88
C THR A 279 13.46 12.70 13.14
N SER A 280 12.93 13.34 12.10
CA SER A 280 11.81 14.24 12.28
C SER A 280 10.58 13.52 12.82
N SER A 281 10.27 12.35 12.24
CA SER A 281 9.11 11.60 12.70
C SER A 281 9.28 11.15 14.14
N ILE A 282 10.47 10.63 14.49
CA ILE A 282 10.68 10.18 15.86
C ILE A 282 10.57 11.36 16.82
N LEU A 283 11.11 12.52 16.44
CA LEU A 283 11.02 13.70 17.28
C LEU A 283 9.57 14.13 17.46
N VAL A 284 8.77 14.06 16.39
CA VAL A 284 7.37 14.43 16.49
C VAL A 284 6.66 13.52 17.50
N CYS A 285 6.92 12.22 17.40
CA CYS A 285 6.30 11.29 18.36
C CYS A 285 6.72 11.61 19.79
N VAL A 286 8.01 11.85 20.00
CA VAL A 286 8.50 12.11 21.34
C VAL A 286 7.88 13.39 21.90
N VAL A 287 7.82 14.45 21.10
CA VAL A 287 7.29 15.72 21.59
C VAL A 287 5.79 15.59 21.84
N LEU A 288 5.08 14.81 21.03
CA LEU A 288 3.66 14.57 21.30
C LEU A 288 3.49 13.87 22.64
N TYR A 289 4.32 12.86 22.91
CA TYR A 289 4.26 12.19 24.21
C TYR A 289 4.49 13.18 25.34
N GLU A 290 5.53 14.01 25.20
CA GLU A 290 5.84 14.97 26.26
C GLU A 290 4.68 15.94 26.48
N LEU A 291 4.10 16.44 25.40
CA LEU A 291 2.96 17.35 25.53
C LEU A 291 1.80 16.67 26.24
N THR A 292 1.54 15.40 25.89
CA THR A 292 0.48 14.67 26.57
C THR A 292 0.73 14.58 28.06
N MET A 293 1.99 14.31 28.45
CA MET A 293 2.28 14.16 29.87
C MET A 293 2.17 15.48 30.62
N VAL A 294 2.38 16.61 29.94
CA VAL A 294 2.35 17.92 30.60
C VAL A 294 1.28 18.81 30.01
N PHE A 295 0.18 18.20 29.54
CA PHE A 295 -0.91 18.98 28.97
C PHE A 295 -1.43 20.00 29.99
N GLY A 296 -2.24 20.93 29.50
CA GLY A 296 -2.81 21.98 30.33
C GLY A 296 -2.04 23.27 30.22
N TRP A 297 -2.57 24.29 30.91
CA TRP A 297 -1.96 25.61 30.91
C TRP A 297 -0.76 25.62 31.86
N ASN A 298 0.43 25.84 31.30
CA ASN A 298 1.66 25.84 32.08
C ASN A 298 2.80 26.24 31.15
N GLU A 299 3.98 26.40 31.73
CA GLU A 299 5.14 26.83 30.95
C GLU A 299 5.68 25.71 30.08
N ASP A 300 5.54 24.45 30.51
CA ASP A 300 6.14 23.34 29.78
C ASP A 300 5.55 23.21 28.39
N THR A 301 4.23 23.39 28.27
CA THR A 301 3.59 23.23 26.96
C THR A 301 4.18 24.16 25.92
N PHE A 302 4.65 25.34 26.35
CA PHE A 302 5.19 26.32 25.40
C PHE A 302 6.36 25.73 24.63
N LYS A 303 7.30 25.08 25.33
CA LYS A 303 8.49 24.59 24.68
C LYS A 303 8.18 23.55 23.62
N THR A 304 7.28 22.61 23.93
CA THR A 304 6.88 21.61 22.95
C THR A 304 6.18 22.27 21.77
N VAL A 305 5.30 23.24 22.05
CA VAL A 305 4.61 23.94 20.97
C VAL A 305 5.61 24.63 20.06
N THR A 306 6.74 25.08 20.61
CA THR A 306 7.78 25.67 19.78
C THR A 306 8.55 24.61 19.01
N TYR A 307 8.84 23.47 19.63
CA TYR A 307 9.64 22.45 18.96
C TYR A 307 8.90 21.86 17.76
N LEU A 308 7.58 21.76 17.84
CA LEU A 308 6.83 21.12 16.74
C LEU A 308 6.98 21.86 15.42
N PRO A 309 6.58 23.13 15.30
CA PRO A 309 6.47 23.74 13.96
C PRO A 309 7.73 23.66 13.14
N GLY A 310 8.90 23.79 13.76
CA GLY A 310 10.12 23.61 12.99
C GLY A 310 10.16 22.26 12.31
N ALA A 311 9.81 21.21 13.05
CA ALA A 311 9.84 19.86 12.49
C ALA A 311 8.82 19.73 11.35
N ILE A 312 7.59 20.21 11.57
CA ILE A 312 6.58 20.03 10.53
C ILE A 312 6.97 20.78 9.26
N LEU A 313 7.40 22.03 9.38
CA LEU A 313 7.77 22.79 8.19
C LEU A 313 8.98 22.19 7.49
N GLN A 314 9.97 21.72 8.26
CA GLN A 314 11.14 21.10 7.63
C GLN A 314 10.74 19.86 6.84
N LEU A 315 9.84 19.04 7.39
CA LEU A 315 9.34 17.90 6.63
C LEU A 315 8.59 18.35 5.38
N PHE A 316 7.73 19.35 5.53
CA PHE A 316 6.87 19.77 4.42
C PHE A 316 7.68 20.29 3.25
N LEU A 317 8.78 20.98 3.53
CA LEU A 317 9.61 21.52 2.44
C LEU A 317 10.08 20.39 1.52
N PHE A 318 10.71 19.38 2.09
CA PHE A 318 11.22 18.27 1.29
C PHE A 318 10.10 17.53 0.60
N CYS A 319 8.99 17.29 1.31
CA CYS A 319 7.89 16.57 0.71
C CYS A 319 7.35 17.32 -0.50
N TRP A 320 7.17 18.64 -0.37
CA TRP A 320 6.62 19.43 -1.45
C TRP A 320 7.52 19.38 -2.67
N TYR A 321 8.83 19.54 -2.48
CA TYR A 321 9.67 19.62 -3.67
C TYR A 321 9.90 18.26 -4.32
N ALA A 322 9.97 17.18 -3.53
CA ALA A 322 9.99 15.85 -4.14
C ALA A 322 8.71 15.60 -4.92
N GLN A 323 7.57 16.07 -4.37
CA GLN A 323 6.31 15.94 -5.08
C GLN A 323 6.34 16.67 -6.41
N GLN A 324 6.93 17.86 -6.44
CA GLN A 324 7.03 18.58 -7.70
C GLN A 324 7.85 17.80 -8.72
N ILE A 325 8.97 17.23 -8.28
CA ILE A 325 9.80 16.44 -9.20
C ILE A 325 8.97 15.31 -9.80
N THR A 326 8.30 14.54 -8.95
CA THR A 326 7.52 13.40 -9.43
C THR A 326 6.41 13.85 -10.37
N GLU A 327 5.73 14.93 -10.01
CA GLU A 327 4.59 15.40 -10.78
C GLU A 327 5.01 15.81 -12.19
N GLU A 328 6.12 16.55 -12.31
CA GLU A 328 6.58 16.94 -13.64
C GLU A 328 7.02 15.73 -14.46
N ALA A 329 7.79 14.83 -13.83
CA ALA A 329 8.23 13.65 -14.55
C ALA A 329 7.04 12.87 -15.09
N ARG A 330 5.97 12.78 -14.31
CA ARG A 330 4.76 12.12 -14.77
C ARG A 330 4.10 12.89 -15.92
N LEU A 331 3.95 14.21 -15.76
CA LEU A 331 3.23 14.99 -16.75
C LEU A 331 3.90 14.99 -18.11
N VAL A 332 5.16 14.58 -18.18
CA VAL A 332 5.78 14.44 -19.50
C VAL A 332 4.92 13.57 -20.41
N SER A 333 4.30 12.53 -19.84
CA SER A 333 3.48 11.62 -20.63
C SER A 333 2.26 12.33 -21.21
N ASP A 334 1.58 13.14 -20.39
CA ASP A 334 0.46 13.93 -20.91
C ASP A 334 0.91 14.88 -22.00
N HIS A 335 2.04 15.56 -21.79
CA HIS A 335 2.51 16.49 -22.80
C HIS A 335 2.76 15.80 -24.13
N ILE A 336 3.30 14.57 -24.08
CA ILE A 336 3.57 13.87 -25.33
C ILE A 336 2.31 13.26 -25.93
N TYR A 337 1.28 12.99 -25.11
CA TYR A 337 0.05 12.44 -25.65
C TYR A 337 -0.77 13.48 -26.39
N ASN A 338 -0.64 14.76 -26.04
CA ASN A 338 -1.54 15.80 -26.50
C ASN A 338 -1.17 16.38 -27.86
N ILE A 339 -0.07 15.95 -28.47
CA ILE A 339 0.28 16.43 -29.81
C ILE A 339 -0.55 15.66 -30.82
N PRO A 340 -0.72 16.16 -32.04
CA PRO A 340 -1.50 15.42 -33.05
C PRO A 340 -0.72 14.24 -33.64
N TRP A 341 -0.40 13.26 -32.80
CA TRP A 341 0.41 12.14 -33.26
C TRP A 341 -0.31 11.33 -34.33
N TYR A 342 -1.63 11.33 -34.34
CA TYR A 342 -2.37 10.56 -35.33
C TYR A 342 -2.11 11.04 -36.74
N LEU A 343 -1.57 12.25 -36.92
CA LEU A 343 -1.23 12.75 -38.24
C LEU A 343 0.10 12.22 -38.75
N ALA A 344 0.92 11.64 -37.88
CA ALA A 344 2.21 11.10 -38.27
C ALA A 344 2.07 9.66 -38.74
N ASP A 345 2.99 9.26 -39.62
CA ASP A 345 2.97 7.90 -40.12
C ASP A 345 3.38 6.94 -39.00
N PRO A 346 3.07 5.65 -39.16
CA PRO A 346 3.14 4.75 -38.00
C PRO A 346 4.51 4.70 -37.32
N LYS A 347 5.60 4.88 -38.04
CA LYS A 347 6.92 4.74 -37.44
C LYS A 347 7.15 5.79 -36.35
N LEU A 348 6.85 7.06 -36.65
CA LEU A 348 6.97 8.09 -35.64
C LEU A 348 6.02 7.83 -34.47
N GLN A 349 4.85 7.25 -34.76
CA GLN A 349 3.92 6.92 -33.68
C GLN A 349 4.50 5.85 -32.77
N LYS A 350 5.22 4.87 -33.33
CA LYS A 350 5.86 3.85 -32.51
C LYS A 350 6.98 4.44 -31.66
N ASP A 351 7.77 5.36 -32.25
CA ASP A 351 8.78 6.05 -31.44
C ASP A 351 8.14 6.82 -30.30
N ILE A 352 7.03 7.51 -30.58
CA ILE A 352 6.30 8.22 -29.54
C ILE A 352 5.77 7.24 -28.51
N LEU A 353 5.40 6.04 -28.94
CA LEU A 353 4.92 5.03 -28.00
C LEU A 353 6.01 4.60 -27.04
N THR A 354 7.23 4.39 -27.53
CA THR A 354 8.34 4.06 -26.64
C THR A 354 8.61 5.22 -25.68
N PHE A 355 8.61 6.44 -26.21
CA PHE A 355 8.75 7.63 -25.37
C PHE A 355 7.73 7.61 -24.23
N MET A 356 6.46 7.38 -24.57
CA MET A 356 5.39 7.39 -23.57
C MET A 356 5.56 6.25 -22.58
N VAL A 357 5.99 5.07 -23.05
CA VAL A 357 6.20 3.95 -22.14
C VAL A 357 7.23 4.32 -21.09
N LYS A 358 8.33 4.95 -21.51
CA LYS A 358 9.34 5.35 -20.55
C LYS A 358 8.83 6.44 -19.63
N ALA A 359 8.13 7.44 -20.17
CA ALA A 359 7.76 8.62 -19.40
C ALA A 359 6.75 8.31 -18.30
N GLN A 360 6.01 7.21 -18.40
CA GLN A 360 4.98 6.90 -17.42
C GLN A 360 5.53 6.31 -16.14
N LYS A 361 6.73 5.75 -16.17
CA LYS A 361 7.26 5.10 -14.98
C LYS A 361 7.43 6.11 -13.85
N PRO A 362 6.96 5.82 -12.65
CA PRO A 362 7.14 6.78 -11.55
C PRO A 362 8.61 7.07 -11.28
N THR A 363 9.02 8.32 -11.53
CA THR A 363 10.39 8.76 -11.34
C THR A 363 10.40 9.91 -10.35
N GLY A 364 11.17 9.77 -9.29
CA GLY A 364 11.26 10.79 -8.27
C GLY A 364 12.47 10.60 -7.41
N VAL A 365 12.36 11.01 -6.15
CA VAL A 365 13.45 10.95 -5.19
C VAL A 365 13.00 10.05 -4.04
N THR A 366 13.78 9.00 -3.77
CA THR A 366 13.45 8.04 -2.74
C THR A 366 14.22 8.35 -1.45
N ALA A 367 13.77 7.74 -0.36
CA ALA A 367 14.42 7.86 0.95
C ALA A 367 15.15 6.56 1.22
N SER A 368 16.38 6.46 0.72
CA SER A 368 17.19 5.25 0.84
C SER A 368 16.50 4.05 0.19
N LYS A 369 15.73 4.30 -0.87
CA LYS A 369 14.98 3.30 -1.62
C LYS A 369 13.84 2.67 -0.81
N PHE A 370 13.66 3.08 0.44
CA PHE A 370 12.54 2.53 1.21
C PHE A 370 11.20 2.97 0.61
N TYR A 371 11.09 4.23 0.21
CA TYR A 371 9.88 4.73 -0.42
C TYR A 371 10.21 5.97 -1.23
N MET A 372 9.32 6.30 -2.16
CA MET A 372 9.44 7.52 -2.94
C MET A 372 8.82 8.66 -2.17
N VAL A 373 9.54 9.77 -2.07
CA VAL A 373 9.09 10.90 -1.26
C VAL A 373 8.13 11.74 -2.07
N THR A 374 6.96 12.00 -1.50
CA THR A 374 5.94 12.84 -2.12
C THR A 374 5.13 13.48 -1.00
N LEU A 375 4.00 14.10 -1.35
CA LEU A 375 3.16 14.71 -0.32
C LEU A 375 2.40 13.65 0.46
N GLN A 376 2.14 12.49 -0.15
CA GLN A 376 1.50 11.41 0.59
C GLN A 376 2.35 10.95 1.75
N THR A 377 3.67 11.12 1.66
CA THR A 377 4.54 10.81 2.79
C THR A 377 4.22 11.72 3.97
N PHE A 378 4.05 13.01 3.71
CA PHE A 378 3.67 13.93 4.78
C PHE A 378 2.30 13.58 5.32
N GLN A 379 1.37 13.21 4.44
CA GLN A 379 0.05 12.80 4.90
C GLN A 379 0.14 11.59 5.82
N ARG A 380 0.95 10.61 5.46
CA ARG A 380 1.10 9.40 6.27
C ARG A 380 1.74 9.72 7.61
N ILE A 381 2.76 10.57 7.62
CA ILE A 381 3.38 10.96 8.89
C ILE A 381 2.38 11.66 9.77
N SER A 382 1.57 12.55 9.19
CA SER A 382 0.56 13.26 9.97
C SER A 382 -0.49 12.31 10.52
N SER A 383 -0.94 11.36 9.70
CA SER A 383 -1.93 10.40 10.16
C SER A 383 -1.40 9.57 11.31
N THR A 384 -0.17 9.09 11.18
CA THR A 384 0.42 8.29 12.25
C THR A 384 0.58 9.12 13.51
N SER A 385 0.97 10.39 13.37
CA SER A 385 1.12 11.25 14.54
C SER A 385 -0.21 11.45 15.25
N TYR A 386 -1.27 11.71 14.48
CA TYR A 386 -2.59 11.90 15.08
C TYR A 386 -3.08 10.63 15.77
N SER A 387 -2.91 9.48 15.11
CA SER A 387 -3.33 8.22 15.70
C SER A 387 -2.58 7.95 16.99
N TYR A 388 -1.25 8.16 16.98
CA TYR A 388 -0.46 7.97 18.19
C TYR A 388 -0.96 8.89 19.30
N PHE A 389 -1.24 10.14 18.97
CA PHE A 389 -1.70 11.09 19.97
C PHE A 389 -3.01 10.63 20.62
N THR A 390 -3.99 10.28 19.79
CA THR A 390 -5.30 9.87 20.32
C THR A 390 -5.19 8.60 21.14
N LEU A 391 -4.46 7.61 20.62
CA LEU A 391 -4.32 6.35 21.35
C LEU A 391 -3.61 6.57 22.68
N LEU A 392 -2.60 7.45 22.69
CA LEU A 392 -1.91 7.75 23.93
C LEU A 392 -2.85 8.37 24.95
N GLN A 393 -3.68 9.33 24.51
CA GLN A 393 -4.64 9.92 25.43
C GLN A 393 -5.59 8.89 26.02
N THR A 394 -6.13 8.01 25.17
CA THR A 394 -7.09 7.03 25.68
C THR A 394 -6.41 6.03 26.61
N ILE A 395 -5.31 5.44 26.18
CA ILE A 395 -4.65 4.40 26.96
C ILE A 395 -4.07 4.96 28.25
N ASN A 396 -3.83 6.28 28.33
CA ASN A 396 -3.30 6.86 29.56
C ASN A 396 -4.14 6.44 30.77
N GLN A 397 -5.46 6.50 30.64
CA GLN A 397 -6.35 6.08 31.71
C GLN A 397 -7.72 5.69 31.15
N LYS B 4 30.86 -30.96 -8.86
CA LYS B 4 31.69 -29.78 -8.49
C LYS B 4 32.40 -29.20 -9.71
N HIS B 5 31.83 -29.43 -10.89
CA HIS B 5 32.44 -29.01 -12.14
C HIS B 5 31.60 -27.99 -12.89
N GLN B 6 30.33 -28.31 -13.14
CA GLN B 6 29.52 -27.48 -14.03
C GLN B 6 29.19 -26.14 -13.36
N GLY B 7 28.80 -25.19 -14.20
CA GLY B 7 28.59 -23.83 -13.71
C GLY B 7 27.51 -23.78 -12.63
N LEU B 8 27.65 -22.80 -11.75
CA LEU B 8 26.77 -22.48 -10.63
C LEU B 8 26.95 -23.46 -9.48
N VAL B 9 27.71 -24.53 -9.65
CA VAL B 9 28.15 -25.36 -8.54
C VAL B 9 29.63 -25.16 -8.25
N ALA B 10 30.43 -24.96 -9.30
CA ALA B 10 31.81 -24.55 -9.11
C ALA B 10 31.87 -23.18 -8.44
N ASP B 11 31.00 -22.26 -8.86
CA ASP B 11 31.00 -20.92 -8.29
C ASP B 11 30.65 -20.96 -6.80
N LEU B 12 29.66 -21.76 -6.43
CA LEU B 12 29.18 -21.84 -5.06
C LEU B 12 29.86 -22.95 -4.26
N LEU B 13 30.86 -23.60 -4.83
CA LEU B 13 31.47 -24.76 -4.18
C LEU B 13 31.91 -24.48 -2.75
N PRO B 14 32.55 -23.35 -2.42
CA PRO B 14 32.92 -23.13 -1.02
C PRO B 14 31.74 -23.16 -0.07
N ASN B 15 30.61 -22.57 -0.46
CA ASN B 15 29.44 -22.58 0.41
C ASN B 15 28.89 -24.00 0.55
N ILE B 16 28.88 -24.75 -0.55
CA ILE B 16 28.44 -26.15 -0.49
C ILE B 16 29.31 -26.93 0.48
N ARG B 17 30.62 -26.68 0.45
CA ARG B 17 31.52 -27.39 1.37
C ARG B 17 31.25 -26.99 2.81
N VAL B 18 31.00 -25.70 3.08
CA VAL B 18 30.65 -25.30 4.44
C VAL B 18 29.40 -26.04 4.90
N MET B 19 28.37 -26.06 4.05
CA MET B 19 27.12 -26.70 4.43
C MET B 19 27.30 -28.19 4.68
N GLN B 20 28.07 -28.86 3.82
CA GLN B 20 28.34 -30.28 4.03
C GLN B 20 29.10 -30.49 5.33
N GLY B 21 30.07 -29.62 5.62
CA GLY B 21 30.84 -29.78 6.83
C GLY B 21 30.01 -29.63 8.09
N VAL B 22 29.09 -28.66 8.10
CA VAL B 22 28.30 -28.46 9.30
C VAL B 22 27.30 -29.59 9.49
N GLY B 23 26.85 -30.19 8.39
CA GLY B 23 25.91 -31.30 8.45
C GLY B 23 24.63 -31.09 7.68
N HIS B 24 24.66 -30.26 6.65
CA HIS B 24 23.49 -30.03 5.80
C HIS B 24 23.37 -31.10 4.72
N PHE B 25 23.46 -32.37 5.13
CA PHE B 25 23.29 -33.49 4.22
C PHE B 25 23.97 -33.22 2.89
N MET B 26 23.21 -33.13 1.79
CA MET B 26 23.77 -32.87 0.47
C MET B 26 24.80 -33.94 0.08
N PHE B 27 24.31 -35.17 -0.07
CA PHE B 27 25.15 -36.27 -0.53
C PHE B 27 25.18 -36.31 -2.06
N ASN B 28 25.66 -35.21 -2.65
CA ASN B 28 25.60 -35.07 -4.11
C ASN B 28 26.88 -34.56 -4.77
N TYR B 29 27.77 -33.86 -4.08
CA TYR B 29 28.84 -33.14 -4.77
C TYR B 29 30.21 -33.56 -4.27
N TYR B 30 30.45 -34.86 -4.19
CA TYR B 30 31.78 -35.39 -3.94
C TYR B 30 31.84 -36.80 -4.53
N SER B 31 33.01 -37.42 -4.42
CA SER B 31 33.15 -38.80 -4.89
C SER B 31 32.35 -39.73 -4.01
N GLU B 32 31.83 -40.79 -4.61
CA GLU B 32 30.97 -41.73 -3.89
C GLU B 32 31.69 -42.37 -2.71
N GLY B 33 33.03 -42.40 -2.72
CA GLY B 33 33.75 -42.98 -1.61
C GLY B 33 33.42 -42.30 -0.29
N LYS B 34 33.30 -40.98 -0.30
CA LYS B 34 32.93 -40.23 0.90
C LYS B 34 31.43 -40.23 1.15
N LYS B 35 30.64 -40.78 0.23
CA LYS B 35 29.18 -40.73 0.39
C LYS B 35 28.74 -41.44 1.66
N PHE B 36 29.32 -42.61 1.95
CA PHE B 36 28.91 -43.35 3.15
C PHE B 36 29.30 -42.60 4.41
N PRO B 37 30.58 -42.42 4.73
CA PRO B 37 30.94 -41.87 6.05
C PRO B 37 30.21 -40.58 6.38
N HIS B 38 30.24 -39.60 5.48
CA HIS B 38 29.64 -38.30 5.76
C HIS B 38 28.22 -38.46 6.30
N ARG B 39 27.45 -39.36 5.69
CA ARG B 39 26.05 -39.52 6.10
C ARG B 39 25.95 -39.76 7.61
N ILE B 40 26.72 -40.72 8.13
CA ILE B 40 26.62 -40.99 9.56
C ILE B 40 26.93 -39.73 10.35
N TYR B 41 27.98 -39.03 9.96
CA TYR B 41 28.32 -37.78 10.65
C TYR B 41 27.08 -36.88 10.71
N CYS B 42 26.44 -36.67 9.56
CA CYS B 42 25.25 -35.83 9.55
C CYS B 42 24.26 -36.31 10.59
N ILE B 43 23.91 -37.60 10.55
CA ILE B 43 22.93 -38.11 11.49
C ILE B 43 23.35 -37.80 12.90
N VAL B 44 24.61 -38.08 13.23
CA VAL B 44 25.07 -37.85 14.59
C VAL B 44 24.82 -36.40 14.98
N THR B 45 25.25 -35.47 14.12
CA THR B 45 25.04 -34.06 14.43
C THR B 45 23.57 -33.82 14.74
N LEU B 46 22.70 -34.25 13.83
CA LEU B 46 21.27 -34.03 14.04
C LEU B 46 20.86 -34.56 15.40
N LEU B 47 21.20 -35.82 15.69
CA LEU B 47 20.83 -36.39 16.97
C LEU B 47 21.29 -35.50 18.10
N LEU B 48 22.58 -35.13 18.08
CA LEU B 48 23.11 -34.29 19.14
C LEU B 48 22.25 -33.04 19.30
N LEU B 49 22.02 -32.33 18.18
CA LEU B 49 21.15 -31.17 18.23
C LEU B 49 19.88 -31.50 18.97
N LEU B 50 19.12 -32.46 18.45
CA LEU B 50 17.83 -32.80 19.05
C LEU B 50 18.02 -33.08 20.53
N LEU B 51 19.03 -33.90 20.87
CA LEU B 51 19.27 -34.21 22.27
C LEU B 51 19.28 -32.93 23.09
N GLN B 52 20.21 -32.02 22.78
CA GLN B 52 20.28 -30.77 23.53
C GLN B 52 18.94 -30.06 23.50
N TYR B 53 18.35 -29.94 22.31
CA TYR B 53 17.05 -29.29 22.20
C TYR B 53 16.06 -29.93 23.15
N GLY B 54 15.97 -31.25 23.14
CA GLY B 54 15.07 -31.92 24.07
C GLY B 54 15.42 -31.58 25.50
N MET B 55 16.70 -31.66 25.85
CA MET B 55 17.11 -31.35 27.20
C MET B 55 16.82 -29.90 27.54
N MET B 56 16.76 -29.03 26.53
CA MET B 56 16.31 -27.67 26.75
C MET B 56 14.82 -27.64 27.04
N ALA B 57 14.02 -28.32 26.20
CA ALA B 57 12.57 -28.28 26.36
C ALA B 57 12.17 -28.79 27.73
N VAL B 58 12.79 -29.88 28.18
CA VAL B 58 12.49 -30.41 29.50
C VAL B 58 12.66 -29.33 30.56
N ASN B 59 13.75 -28.57 30.46
CA ASN B 59 13.96 -27.48 31.42
C ASN B 59 12.78 -26.52 31.40
N LEU B 60 12.35 -26.12 30.19
CA LEU B 60 11.25 -25.18 30.08
C LEU B 60 10.00 -25.71 30.76
N MET B 61 9.86 -27.04 30.87
CA MET B 61 8.68 -27.60 31.51
C MET B 61 8.66 -27.27 33.00
N MET B 62 9.80 -27.34 33.68
CA MET B 62 9.85 -26.99 35.10
C MET B 62 10.18 -25.52 35.32
N GLU B 63 10.36 -24.74 34.26
CA GLU B 63 10.56 -23.31 34.36
C GLU B 63 9.29 -22.52 34.06
N SER B 64 8.14 -23.18 34.01
CA SER B 64 6.88 -22.55 33.69
C SER B 64 6.16 -21.98 34.89
N ASP B 65 6.73 -22.10 36.09
CA ASP B 65 6.11 -21.50 37.27
C ASP B 65 6.04 -19.99 37.14
N ASP B 66 7.10 -19.37 36.66
CA ASP B 66 7.16 -17.92 36.47
C ASP B 66 6.95 -17.56 35.01
N VAL B 67 6.72 -16.26 34.77
CA VAL B 67 6.47 -15.79 33.41
C VAL B 67 7.76 -15.30 32.75
N ASP B 68 8.58 -14.56 33.48
CA ASP B 68 9.80 -14.02 32.88
C ASP B 68 10.74 -15.13 32.45
N ASP B 69 10.99 -16.10 33.33
CA ASP B 69 11.83 -17.24 32.95
C ASP B 69 11.18 -18.03 31.83
N LEU B 70 9.86 -18.17 31.87
CA LEU B 70 9.16 -18.83 30.78
C LEU B 70 9.37 -18.09 29.46
N THR B 71 9.31 -16.76 29.49
CA THR B 71 9.53 -15.98 28.27
C THR B 71 10.93 -16.17 27.74
N ALA B 72 11.93 -16.11 28.63
CA ALA B 72 13.31 -16.28 28.20
C ALA B 72 13.53 -17.67 27.60
N ASN B 73 13.00 -18.70 28.27
CA ASN B 73 13.14 -20.05 27.74
C ASN B 73 12.46 -20.18 26.38
N THR B 74 11.28 -19.60 26.23
CA THR B 74 10.59 -19.68 24.94
C THR B 74 11.39 -18.99 23.84
N ILE B 75 11.98 -17.84 24.15
CA ILE B 75 12.78 -17.14 23.15
C ILE B 75 13.97 -18.00 22.74
N THR B 76 14.64 -18.60 23.72
CA THR B 76 15.76 -19.49 23.41
C THR B 76 15.31 -20.65 22.54
N MET B 77 14.16 -21.26 22.88
CA MET B 77 13.67 -22.41 22.12
C MET B 77 13.35 -22.04 20.68
N LEU B 78 12.74 -20.87 20.45
CA LEU B 78 12.47 -20.47 19.08
C LEU B 78 13.74 -20.18 18.31
N PHE B 79 14.67 -19.45 18.94
CA PHE B 79 15.93 -19.14 18.29
C PHE B 79 16.64 -20.40 17.84
N PHE B 80 16.66 -21.42 18.70
CA PHE B 80 17.30 -22.68 18.36
C PHE B 80 16.40 -23.63 17.58
N LEU B 81 15.12 -23.28 17.42
CA LEU B 81 14.26 -24.02 16.52
C LEU B 81 14.54 -23.67 15.07
N HIS B 82 14.90 -22.42 14.82
CA HIS B 82 15.26 -22.03 13.45
C HIS B 82 16.19 -23.05 12.78
N PRO B 83 17.37 -23.33 13.34
CA PRO B 83 18.30 -24.26 12.68
C PRO B 83 17.74 -25.65 12.47
N ILE B 84 17.00 -26.19 13.44
CA ILE B 84 16.45 -27.53 13.29
C ILE B 84 15.46 -27.56 12.13
N VAL B 85 14.60 -26.55 12.05
CA VAL B 85 13.65 -26.47 10.95
C VAL B 85 14.38 -26.44 9.63
N LYS B 86 15.43 -25.62 9.53
CA LYS B 86 16.18 -25.54 8.27
C LYS B 86 16.83 -26.87 7.92
N MET B 87 17.43 -27.53 8.91
CA MET B 87 18.15 -28.77 8.67
C MET B 87 17.21 -29.86 8.20
N ILE B 88 16.02 -29.95 8.80
CA ILE B 88 15.05 -30.93 8.35
C ILE B 88 14.47 -30.52 7.00
N TYR B 89 14.33 -29.21 6.77
CA TYR B 89 13.69 -28.73 5.54
C TYR B 89 14.53 -29.06 4.31
N PHE B 90 15.85 -28.93 4.41
CA PHE B 90 16.65 -29.12 3.20
C PHE B 90 16.49 -30.51 2.59
N PRO B 91 16.67 -31.61 3.33
CA PRO B 91 16.65 -32.93 2.67
C PRO B 91 15.34 -33.27 1.98
N VAL B 92 14.21 -32.81 2.50
CA VAL B 92 12.93 -33.15 1.88
C VAL B 92 12.81 -32.49 0.51
N ARG B 93 13.35 -31.28 0.38
CA ARG B 93 13.30 -30.53 -0.88
C ARG B 93 14.62 -30.61 -1.64
N SER B 94 15.49 -31.56 -1.28
CA SER B 94 16.76 -31.70 -1.96
C SER B 94 16.58 -31.84 -3.47
N LYS B 95 15.47 -32.41 -3.92
CA LYS B 95 15.24 -32.54 -5.36
C LYS B 95 15.22 -31.17 -6.03
N ILE B 96 14.39 -30.26 -5.52
CA ILE B 96 14.31 -28.93 -6.12
C ILE B 96 15.61 -28.17 -5.89
N PHE B 97 16.27 -28.38 -4.75
CA PHE B 97 17.54 -27.69 -4.51
C PHE B 97 18.58 -28.08 -5.54
N TYR B 98 18.69 -29.37 -5.83
CA TYR B 98 19.65 -29.83 -6.83
C TYR B 98 19.23 -29.41 -8.23
N LYS B 99 17.92 -29.32 -8.48
CA LYS B 99 17.46 -28.79 -9.76
C LYS B 99 17.91 -27.34 -9.94
N THR B 100 17.80 -26.55 -8.87
CA THR B 100 18.24 -25.16 -8.93
C THR B 100 19.75 -25.08 -9.14
N LEU B 101 20.52 -25.86 -8.38
CA LEU B 101 21.98 -25.77 -8.47
C LEU B 101 22.50 -26.19 -9.83
N ALA B 102 21.69 -26.87 -10.65
CA ALA B 102 22.09 -27.28 -11.98
C ALA B 102 21.37 -26.49 -13.07
N ILE B 103 20.81 -25.33 -12.72
CA ILE B 103 20.05 -24.55 -13.70
C ILE B 103 20.97 -23.92 -14.73
N TRP B 104 22.14 -23.45 -14.30
CA TRP B 104 23.05 -22.69 -15.17
C TRP B 104 24.16 -23.54 -15.75
N ASN B 105 23.89 -24.83 -16.00
CA ASN B 105 24.95 -25.69 -16.51
C ASN B 105 25.27 -25.43 -17.97
N ASN B 106 24.29 -25.01 -18.76
CA ASN B 106 24.45 -24.82 -20.20
C ASN B 106 23.84 -23.49 -20.62
N PRO B 107 24.48 -22.38 -20.28
CA PRO B 107 23.95 -21.07 -20.67
C PRO B 107 24.26 -20.74 -22.12
N ASN B 108 23.79 -19.59 -22.56
CA ASN B 108 23.97 -19.14 -23.94
C ASN B 108 25.33 -18.49 -24.12
N SER B 109 25.65 -18.17 -25.37
CA SER B 109 26.93 -17.55 -25.69
C SER B 109 26.85 -16.84 -27.02
N HIS B 110 27.46 -15.66 -27.10
CA HIS B 110 27.60 -14.91 -28.34
C HIS B 110 29.02 -14.36 -28.40
N PRO B 111 29.67 -14.38 -29.57
CA PRO B 111 31.05 -13.87 -29.64
C PRO B 111 31.20 -12.43 -29.17
N LEU B 112 30.24 -11.56 -29.50
CA LEU B 112 30.41 -10.13 -29.22
C LEU B 112 30.23 -9.80 -27.75
N PHE B 113 29.65 -10.71 -26.96
CA PHE B 113 29.35 -10.43 -25.56
C PHE B 113 30.06 -11.39 -24.61
N ALA B 114 31.07 -12.11 -25.10
CA ALA B 114 31.78 -13.05 -24.23
C ALA B 114 32.58 -12.32 -23.15
N GLU B 115 33.20 -11.18 -23.50
CA GLU B 115 34.07 -10.50 -22.56
C GLU B 115 33.29 -9.95 -21.38
N SER B 116 32.19 -9.26 -21.65
CA SER B 116 31.36 -8.74 -20.57
C SER B 116 30.79 -9.88 -19.73
N ASN B 117 30.40 -10.97 -20.40
CA ASN B 117 29.87 -12.12 -19.67
C ASN B 117 30.89 -12.65 -18.68
N ALA B 118 32.13 -12.84 -19.13
CA ALA B 118 33.18 -13.33 -18.25
C ALA B 118 33.46 -12.35 -17.12
N ARG B 119 33.52 -11.06 -17.43
CA ARG B 119 33.80 -10.06 -16.41
C ARG B 119 32.73 -10.09 -15.32
N PHE B 120 31.46 -10.15 -15.72
CA PHE B 120 30.40 -10.12 -14.73
C PHE B 120 30.28 -11.44 -13.98
N HIS B 121 30.62 -12.55 -14.63
CA HIS B 121 30.68 -13.83 -13.92
C HIS B 121 31.72 -13.78 -12.81
N ALA B 122 32.91 -13.28 -13.13
CA ALA B 122 33.96 -13.17 -12.12
C ALA B 122 33.54 -12.22 -11.00
N LEU B 123 32.91 -11.10 -11.35
CA LEU B 123 32.44 -10.18 -10.33
C LEU B 123 31.42 -10.85 -9.41
N ALA B 124 30.51 -11.63 -9.99
CA ALA B 124 29.54 -12.34 -9.17
C ALA B 124 30.23 -13.31 -8.22
N ILE B 125 31.22 -14.05 -8.71
CA ILE B 125 31.91 -15.01 -7.85
C ILE B 125 32.57 -14.28 -6.68
N THR B 126 33.24 -13.16 -6.97
CA THR B 126 33.90 -12.42 -5.89
C THR B 126 32.89 -11.93 -4.87
N LYS B 127 31.74 -11.41 -5.34
CA LYS B 127 30.73 -10.93 -4.41
C LYS B 127 30.19 -12.07 -3.55
N MET B 128 29.98 -13.24 -4.14
CA MET B 128 29.50 -14.39 -3.37
C MET B 128 30.49 -14.75 -2.28
N ARG B 129 31.78 -14.81 -2.62
CA ARG B 129 32.78 -15.16 -1.61
C ARG B 129 32.81 -14.12 -0.50
N ARG B 130 32.72 -12.84 -0.85
CA ARG B 130 32.73 -11.79 0.16
C ARG B 130 31.53 -11.94 1.10
N LEU B 131 30.35 -12.21 0.54
CA LEU B 131 29.17 -12.39 1.38
C LEU B 131 29.33 -13.57 2.32
N LEU B 132 29.85 -14.69 1.80
CA LEU B 132 30.05 -15.86 2.64
C LEU B 132 31.00 -15.55 3.80
N PHE B 133 32.12 -14.90 3.50
CA PHE B 133 33.09 -14.59 4.54
C PHE B 133 32.51 -13.63 5.58
N CYS B 134 31.75 -12.62 5.12
CA CYS B 134 31.17 -11.67 6.06
C CYS B 134 30.18 -12.37 7.00
N VAL B 135 29.33 -13.23 6.46
CA VAL B 135 28.35 -13.91 7.31
C VAL B 135 29.06 -14.87 8.27
N ALA B 136 30.11 -15.54 7.80
CA ALA B 136 30.86 -16.42 8.69
C ALA B 136 31.48 -15.64 9.83
N GLY B 137 32.05 -14.47 9.52
CA GLY B 137 32.61 -13.64 10.57
C GLY B 137 31.56 -13.19 11.57
N ALA B 138 30.37 -12.81 11.08
CA ALA B 138 29.30 -12.42 11.99
C ALA B 138 28.90 -13.57 12.90
N THR B 139 28.79 -14.78 12.33
CA THR B 139 28.43 -15.94 13.14
C THR B 139 29.48 -16.21 14.22
N ILE B 140 30.76 -16.15 13.85
CA ILE B 140 31.82 -16.39 14.82
C ILE B 140 31.78 -15.33 15.91
N PHE B 141 31.58 -14.07 15.53
CA PHE B 141 31.49 -13.02 16.53
C PHE B 141 30.33 -13.25 17.49
N SER B 142 29.19 -13.69 16.97
CA SER B 142 28.04 -13.97 17.84
C SER B 142 28.35 -15.10 18.80
N VAL B 143 29.00 -16.16 18.31
CA VAL B 143 29.36 -17.29 19.18
C VAL B 143 30.28 -16.83 20.30
N ILE B 144 31.30 -16.04 19.95
CA ILE B 144 32.25 -15.57 20.96
C ILE B 144 31.56 -14.65 21.95
N SER B 145 30.67 -13.78 21.47
CA SER B 145 29.95 -12.88 22.36
C SER B 145 29.12 -13.67 23.36
N TRP B 146 28.43 -14.70 22.89
CA TRP B 146 27.65 -15.55 23.80
C TRP B 146 28.57 -16.21 24.84
N THR B 147 29.65 -16.82 24.36
CA THR B 147 30.56 -17.55 25.25
C THR B 147 31.23 -16.63 26.25
N GLY B 148 31.34 -15.33 25.95
CA GLY B 148 31.92 -14.39 26.90
C GLY B 148 30.91 -13.84 27.87
N ILE B 149 29.75 -13.43 27.36
CA ILE B 149 28.71 -12.88 28.22
C ILE B 149 28.28 -13.91 29.25
N THR B 150 28.32 -15.20 28.90
CA THR B 150 27.98 -16.21 29.90
C THR B 150 28.94 -16.21 31.08
N PHE B 151 30.13 -15.62 30.92
CA PHE B 151 31.14 -15.63 31.97
C PHE B 151 31.26 -14.28 32.69
N ILE B 152 31.10 -13.17 31.98
CA ILE B 152 31.23 -11.88 32.67
C ILE B 152 30.13 -11.71 33.70
N GLU B 153 28.94 -12.25 33.43
CA GLU B 153 27.80 -12.09 34.33
C GLU B 153 27.99 -12.98 35.56
N ASP B 154 26.94 -13.06 36.38
CA ASP B 154 26.92 -13.91 37.57
C ASP B 154 25.74 -14.86 37.48
N SER B 155 26.00 -16.14 37.73
CA SER B 155 24.96 -17.17 37.66
C SER B 155 24.27 -17.24 39.02
N VAL B 156 22.99 -16.88 39.04
CA VAL B 156 22.23 -16.78 40.28
C VAL B 156 20.75 -16.88 39.98
N LYS B 157 20.01 -17.50 40.89
CA LYS B 157 18.57 -17.67 40.77
C LYS B 157 17.89 -16.96 41.94
N ARG B 158 16.87 -16.17 41.63
CA ARG B 158 16.12 -15.43 42.64
C ARG B 158 14.81 -16.17 42.92
N ILE B 159 14.50 -16.35 44.20
CA ILE B 159 13.30 -17.07 44.61
C ILE B 159 12.46 -16.18 45.51
N THR B 168 14.96 -15.14 48.07
CA THR B 168 16.22 -15.78 48.46
C THR B 168 17.10 -16.03 47.25
N ILE B 169 18.36 -16.35 47.50
CA ILE B 169 19.36 -16.55 46.47
C ILE B 169 19.71 -18.02 46.41
N ILE B 170 19.69 -18.59 45.20
CA ILE B 170 20.04 -19.99 44.98
C ILE B 170 21.02 -20.06 43.82
N PRO B 171 22.24 -20.58 44.02
CA PRO B 171 23.17 -20.68 42.89
C PRO B 171 22.63 -21.60 41.80
N ILE B 172 22.94 -21.26 40.56
CA ILE B 172 22.50 -22.02 39.39
C ILE B 172 23.75 -22.37 38.58
N PRO B 173 23.86 -23.57 38.01
CA PRO B 173 25.06 -23.89 37.23
C PRO B 173 25.32 -22.86 36.14
N ARG B 174 26.58 -22.47 35.99
CA ARG B 174 26.99 -21.47 35.01
C ARG B 174 27.12 -22.15 33.66
N LEU B 175 26.12 -21.96 32.80
CA LEU B 175 26.10 -22.57 31.48
C LEU B 175 25.69 -21.52 30.46
N MET B 176 26.14 -21.71 29.22
CA MET B 176 25.80 -20.76 28.16
C MET B 176 24.32 -20.81 27.82
N ILE B 177 23.73 -22.00 27.86
CA ILE B 177 22.30 -22.19 27.62
C ILE B 177 21.70 -22.87 28.84
N ARG B 178 20.60 -22.33 29.34
CA ARG B 178 19.87 -22.99 30.42
C ARG B 178 19.40 -24.36 29.95
N THR B 179 19.63 -25.38 30.78
CA THR B 179 19.31 -26.74 30.38
C THR B 179 19.30 -27.63 31.62
N PHE B 180 18.48 -28.67 31.57
CA PHE B 180 18.44 -29.69 32.61
C PHE B 180 19.27 -30.89 32.14
N TYR B 181 20.13 -31.38 33.02
CA TYR B 181 21.00 -32.50 32.69
C TYR B 181 20.82 -33.60 33.71
N PRO B 182 20.85 -34.87 33.29
CA PRO B 182 20.71 -35.96 34.26
C PRO B 182 21.78 -35.94 35.33
N PHE B 183 22.98 -35.48 34.98
CA PHE B 183 24.11 -35.48 35.90
C PHE B 183 24.24 -34.13 36.59
N ASN B 184 25.19 -34.06 37.53
CA ASN B 184 25.46 -32.82 38.26
C ASN B 184 26.39 -31.97 37.39
N ALA B 185 25.78 -31.12 36.57
CA ALA B 185 26.53 -30.24 35.68
C ALA B 185 26.80 -28.89 36.35
N MET B 186 27.39 -28.92 37.54
CA MET B 186 27.64 -27.70 38.32
C MET B 186 29.12 -27.43 38.48
N SER B 187 29.89 -28.38 39.02
CA SER B 187 31.30 -28.13 39.31
C SER B 187 32.22 -29.23 38.79
N GLY B 188 31.70 -30.44 38.64
CA GLY B 188 32.52 -31.58 38.26
C GLY B 188 32.86 -31.57 36.79
N ALA B 189 33.38 -32.71 36.32
CA ALA B 189 33.67 -32.86 34.91
C ALA B 189 32.41 -32.71 34.07
N GLY B 190 31.24 -32.94 34.65
CA GLY B 190 30.00 -32.64 33.95
C GLY B 190 29.90 -31.20 33.53
N HIS B 191 30.42 -30.29 34.36
CA HIS B 191 30.41 -28.86 34.01
C HIS B 191 31.19 -28.60 32.72
N VAL B 192 32.43 -29.08 32.65
CA VAL B 192 33.24 -28.82 31.47
C VAL B 192 32.67 -29.54 30.26
N PHE B 193 32.13 -30.75 30.46
CA PHE B 193 31.48 -31.44 29.36
C PHE B 193 30.29 -30.64 28.84
N ALA B 194 29.50 -30.07 29.74
CA ALA B 194 28.35 -29.28 29.33
C ALA B 194 28.78 -28.04 28.56
N LEU B 195 29.84 -27.36 29.02
CA LEU B 195 30.34 -26.21 28.28
C LEU B 195 30.79 -26.60 26.88
N ILE B 196 31.54 -27.69 26.75
CA ILE B 196 32.00 -28.10 25.43
C ILE B 196 30.80 -28.43 24.53
N TYR B 197 29.83 -29.17 25.07
CA TYR B 197 28.68 -29.56 24.28
C TYR B 197 27.86 -28.35 23.85
N GLN B 198 27.67 -27.39 24.75
CA GLN B 198 26.89 -26.20 24.41
C GLN B 198 27.62 -25.34 23.39
N PHE B 199 28.95 -25.24 23.49
CA PHE B 199 29.70 -24.51 22.48
C PHE B 199 29.53 -25.15 21.11
N TYR B 200 29.64 -26.48 21.06
CA TYR B 200 29.45 -27.18 19.79
C TYR B 200 28.04 -26.95 19.25
N TYR B 201 27.05 -27.01 20.13
CA TYR B 201 25.67 -26.78 19.72
C TYR B 201 25.50 -25.39 19.11
N LEU B 202 25.98 -24.36 19.80
CA LEU B 202 25.89 -23.00 19.28
C LEU B 202 26.51 -22.90 17.91
N VAL B 203 27.77 -23.36 17.79
CA VAL B 203 28.48 -23.21 16.53
C VAL B 203 27.73 -23.89 15.40
N ILE B 204 27.30 -25.14 15.63
CA ILE B 204 26.68 -25.90 14.55
C ILE B 204 25.34 -25.31 14.17
N SER B 205 24.50 -24.97 15.15
CA SER B 205 23.19 -24.42 14.82
C SER B 205 23.32 -23.15 14.01
N MET B 206 24.11 -22.19 14.51
CA MET B 206 24.29 -20.95 13.78
C MET B 206 24.85 -21.21 12.39
N ALA B 207 25.77 -22.17 12.28
CA ALA B 207 26.41 -22.42 10.99
C ALA B 207 25.42 -22.93 9.97
N VAL B 208 24.62 -23.94 10.33
CA VAL B 208 23.66 -24.49 9.36
C VAL B 208 22.66 -23.42 8.95
N SER B 209 22.10 -22.70 9.92
CA SER B 209 21.10 -21.70 9.58
C SER B 209 21.67 -20.65 8.64
N ASN B 210 22.79 -20.03 9.03
CA ASN B 210 23.34 -18.95 8.24
C ASN B 210 23.85 -19.45 6.90
N SER B 211 24.29 -20.70 6.81
CA SER B 211 24.81 -21.20 5.54
C SER B 211 23.68 -21.41 4.53
N LEU B 212 22.54 -21.93 4.98
CA LEU B 212 21.40 -22.02 4.06
C LEU B 212 20.96 -20.63 3.61
N ASP B 213 20.90 -19.68 4.56
CA ASP B 213 20.55 -18.31 4.17
C ASP B 213 21.54 -17.75 3.14
N VAL B 214 22.82 -18.00 3.35
CA VAL B 214 23.84 -17.47 2.44
C VAL B 214 23.70 -18.10 1.06
N LEU B 215 23.35 -19.39 0.99
CA LEU B 215 23.12 -20.00 -0.32
C LEU B 215 21.99 -19.31 -1.07
N PHE B 216 20.89 -19.04 -0.36
CA PHE B 216 19.78 -18.31 -0.99
C PHE B 216 20.25 -16.96 -1.52
N CYS B 217 20.93 -16.20 -0.65
CA CYS B 217 21.38 -14.87 -1.04
C CYS B 217 22.37 -14.92 -2.19
N SER B 218 23.18 -15.98 -2.27
CA SER B 218 24.15 -16.10 -3.35
C SER B 218 23.46 -16.39 -4.67
N TRP B 219 22.41 -17.21 -4.67
CA TRP B 219 21.59 -17.36 -5.86
C TRP B 219 21.11 -16.00 -6.34
N LEU B 220 20.57 -15.20 -5.40
CA LEU B 220 20.06 -13.89 -5.77
C LEU B 220 21.16 -13.00 -6.34
N LEU B 221 22.36 -13.04 -5.74
CA LEU B 221 23.46 -12.24 -6.23
C LEU B 221 23.85 -12.62 -7.65
N PHE B 222 23.89 -13.92 -7.94
CA PHE B 222 24.19 -14.35 -9.30
C PHE B 222 23.17 -13.81 -10.28
N ALA B 223 21.89 -13.87 -9.91
CA ALA B 223 20.84 -13.34 -10.80
C ALA B 223 21.06 -11.85 -11.05
N CYS B 224 21.35 -11.09 -10.00
CA CYS B 224 21.54 -9.66 -10.14
C CYS B 224 22.71 -9.34 -11.06
N GLU B 225 23.82 -10.07 -10.91
CA GLU B 225 24.97 -9.82 -11.78
C GLU B 225 24.67 -10.16 -13.22
N GLN B 226 23.88 -11.21 -13.46
CA GLN B 226 23.49 -11.51 -14.84
C GLN B 226 22.64 -10.38 -15.43
N LEU B 227 21.75 -9.80 -14.62
CA LEU B 227 21.00 -8.64 -15.10
C LEU B 227 21.92 -7.47 -15.42
N GLN B 228 22.92 -7.24 -14.57
CA GLN B 228 23.89 -6.18 -14.83
C GLN B 228 24.59 -6.40 -16.16
N HIS B 229 25.01 -7.65 -16.43
CA HIS B 229 25.65 -7.94 -17.71
C HIS B 229 24.68 -7.68 -18.87
N LEU B 230 23.41 -8.03 -18.67
CA LEU B 230 22.42 -7.81 -19.73
C LEU B 230 22.31 -6.34 -20.08
N LYS B 231 22.29 -5.46 -19.07
CA LYS B 231 22.24 -4.02 -19.35
C LYS B 231 23.53 -3.54 -20.01
N ALA B 232 24.67 -3.96 -19.48
CA ALA B 232 25.95 -3.54 -20.04
C ALA B 232 26.03 -3.87 -21.52
N ILE B 233 25.56 -5.04 -21.92
CA ILE B 233 25.56 -5.38 -23.34
C ILE B 233 24.37 -4.79 -24.08
N MET B 234 23.32 -4.40 -23.36
CA MET B 234 22.25 -3.64 -24.00
C MET B 234 22.80 -2.38 -24.63
N LYS B 235 23.74 -1.74 -23.95
CA LYS B 235 24.27 -0.48 -24.48
C LYS B 235 24.85 -0.63 -25.89
N PRO B 236 25.75 -1.57 -26.18
CA PRO B 236 26.30 -1.68 -27.55
C PRO B 236 25.43 -2.45 -28.53
N LEU B 237 24.39 -3.14 -28.07
CA LEU B 237 23.54 -3.89 -28.99
C LEU B 237 22.88 -2.96 -30.01
N MET B 238 22.34 -1.84 -29.53
CA MET B 238 21.71 -0.88 -30.44
C MET B 238 22.73 -0.30 -31.41
N GLU B 239 23.90 0.09 -30.91
CA GLU B 239 24.95 0.57 -31.79
C GLU B 239 25.22 -0.43 -32.90
N LEU B 240 25.23 -1.72 -32.56
CA LEU B 240 25.35 -2.75 -33.59
C LEU B 240 24.18 -2.66 -34.57
N SER B 241 22.96 -2.47 -34.05
CA SER B 241 21.79 -2.38 -34.93
C SER B 241 21.84 -1.13 -35.80
N ALA B 242 22.22 0.00 -35.22
CA ALA B 242 22.20 1.26 -35.94
C ALA B 242 23.26 1.27 -37.03
N THR B 243 22.87 1.66 -38.25
CA THR B 243 23.79 1.74 -39.37
C THR B 243 23.05 2.16 -40.63
N GLY B 313 18.98 -0.21 -46.51
CA GLY B 313 20.20 0.30 -45.91
C GLY B 313 21.14 -0.81 -45.47
N LEU B 314 20.77 -1.49 -44.39
CA LEU B 314 21.60 -2.58 -43.88
C LEU B 314 21.63 -3.73 -44.88
N THR B 315 22.77 -4.41 -44.90
CA THR B 315 22.92 -5.61 -45.71
C THR B 315 22.34 -6.81 -44.97
N LYS B 316 22.19 -7.92 -45.70
CA LYS B 316 21.61 -9.12 -45.10
C LYS B 316 22.45 -9.60 -43.92
N LYS B 317 23.77 -9.56 -44.05
CA LYS B 317 24.64 -10.03 -42.97
C LYS B 317 24.45 -9.21 -41.71
N GLN B 318 24.34 -7.89 -41.85
CA GLN B 318 24.11 -7.05 -40.68
C GLN B 318 22.78 -7.36 -40.03
N GLU B 319 21.75 -7.62 -40.84
CA GLU B 319 20.44 -7.98 -40.28
C GLU B 319 20.51 -9.29 -39.53
N MET B 320 21.23 -10.28 -40.08
CA MET B 320 21.41 -11.55 -39.37
C MET B 320 22.15 -11.34 -38.05
N LEU B 321 23.17 -10.48 -38.06
CA LEU B 321 23.90 -10.19 -36.84
C LEU B 321 23.00 -9.56 -35.79
N VAL B 322 22.15 -8.62 -36.20
CA VAL B 322 21.22 -7.99 -35.26
C VAL B 322 20.26 -9.02 -34.71
N ARG B 323 19.74 -9.90 -35.58
CA ARG B 323 18.81 -10.93 -35.12
C ARG B 323 19.48 -11.84 -34.10
N SER B 324 20.72 -12.25 -34.37
CA SER B 324 21.43 -13.12 -33.44
C SER B 324 21.67 -12.43 -32.10
N ALA B 325 22.03 -11.15 -32.13
CA ALA B 325 22.25 -10.42 -30.88
C ALA B 325 20.96 -10.29 -30.08
N ILE B 326 19.85 -9.98 -30.75
CA ILE B 326 18.57 -9.87 -30.06
C ILE B 326 18.15 -11.21 -29.47
N LYS B 327 18.38 -12.29 -30.23
CA LYS B 327 18.08 -13.62 -29.74
C LYS B 327 18.89 -13.92 -28.49
N TYR B 328 20.19 -13.60 -28.51
CA TYR B 328 21.03 -13.82 -27.34
C TYR B 328 20.49 -13.06 -26.14
N TRP B 329 20.15 -11.78 -26.33
CA TRP B 329 19.68 -10.97 -25.22
C TRP B 329 18.40 -11.55 -24.63
N VAL B 330 17.44 -11.87 -25.49
CA VAL B 330 16.15 -12.36 -25.00
C VAL B 330 16.32 -13.70 -24.30
N GLU B 331 17.10 -14.60 -24.88
CA GLU B 331 17.29 -15.92 -24.27
C GLU B 331 18.00 -15.82 -22.92
N ARG B 332 19.01 -14.95 -22.81
CA ARG B 332 19.67 -14.79 -21.53
C ARG B 332 18.73 -14.21 -20.48
N HIS B 333 17.88 -13.26 -20.88
CA HIS B 333 16.90 -12.73 -19.93
C HIS B 333 15.94 -13.82 -19.48
N LYS B 334 15.47 -14.64 -20.41
CA LYS B 334 14.58 -15.74 -20.04
C LYS B 334 15.27 -16.71 -19.10
N HIS B 335 16.56 -16.98 -19.33
CA HIS B 335 17.32 -17.83 -18.44
C HIS B 335 17.37 -17.26 -17.02
N VAL B 336 17.60 -15.95 -16.91
CA VAL B 336 17.61 -15.33 -15.58
C VAL B 336 16.24 -15.46 -14.92
N VAL B 337 15.17 -15.30 -15.70
CA VAL B 337 13.83 -15.45 -15.14
C VAL B 337 13.62 -16.88 -14.64
N ARG B 338 14.06 -17.86 -15.41
CA ARG B 338 13.96 -19.25 -14.99
C ARG B 338 14.70 -19.47 -13.66
N LEU B 339 15.90 -18.93 -13.56
CA LEU B 339 16.67 -19.09 -12.33
C LEU B 339 15.94 -18.48 -11.15
N VAL B 340 15.35 -17.29 -11.33
CA VAL B 340 14.66 -16.64 -10.22
C VAL B 340 13.44 -17.46 -9.80
N THR B 341 12.69 -17.99 -10.78
CA THR B 341 11.53 -18.81 -10.45
C THR B 341 11.95 -20.06 -9.69
N ALA B 342 13.05 -20.70 -10.11
CA ALA B 342 13.54 -21.88 -9.40
C ALA B 342 13.93 -21.54 -7.98
N VAL B 343 14.61 -20.41 -7.78
CA VAL B 343 15.01 -20.01 -6.43
C VAL B 343 13.77 -19.81 -5.55
N GLY B 344 12.75 -19.13 -6.10
CA GLY B 344 11.53 -18.96 -5.34
C GLY B 344 10.89 -20.29 -4.98
N ASP B 345 10.79 -21.19 -5.95
CA ASP B 345 10.26 -22.52 -5.69
C ASP B 345 11.01 -23.18 -4.54
N ALA B 346 12.34 -23.09 -4.58
CA ALA B 346 13.16 -23.79 -3.59
C ALA B 346 12.97 -23.22 -2.19
N TYR B 347 12.87 -21.90 -2.06
CA TYR B 347 13.00 -21.28 -0.75
C TYR B 347 11.76 -20.55 -0.23
N GLY B 348 10.62 -20.58 -0.93
CA GLY B 348 9.46 -19.87 -0.45
C GLY B 348 8.96 -20.36 0.91
N VAL B 349 8.81 -21.68 1.04
CA VAL B 349 8.28 -22.22 2.30
C VAL B 349 9.27 -22.00 3.43
N ALA B 350 10.58 -22.08 3.13
CA ALA B 350 11.58 -21.79 4.14
C ALA B 350 11.46 -20.36 4.64
N LEU B 351 11.26 -19.42 3.72
CA LEU B 351 11.06 -18.03 4.13
C LEU B 351 9.81 -17.88 4.98
N LEU B 352 8.72 -18.55 4.59
CA LEU B 352 7.49 -18.47 5.35
C LEU B 352 7.69 -18.97 6.78
N LEU B 353 8.36 -20.11 6.93
CA LEU B 353 8.60 -20.66 8.26
C LEU B 353 9.50 -19.74 9.07
N HIS B 354 10.53 -19.18 8.44
CA HIS B 354 11.42 -18.26 9.12
C HIS B 354 10.64 -17.07 9.68
N MET B 355 9.79 -16.48 8.85
CA MET B 355 9.04 -15.31 9.30
C MET B 355 8.01 -15.68 10.36
N LEU B 356 7.41 -16.86 10.26
CA LEU B 356 6.47 -17.30 11.28
C LEU B 356 7.16 -17.42 12.63
N THR B 357 8.35 -18.03 12.67
CA THR B 357 9.09 -18.11 13.92
C THR B 357 9.49 -16.74 14.41
N THR B 358 9.96 -15.88 13.49
CA THR B 358 10.40 -14.54 13.86
C THR B 358 9.28 -13.81 14.58
N THR B 359 8.10 -13.73 13.97
CA THR B 359 6.98 -12.99 14.58
C THR B 359 6.86 -13.24 16.08
N ILE B 360 6.76 -14.51 16.48
CA ILE B 360 6.63 -14.82 17.90
C ILE B 360 7.90 -14.42 18.66
N THR B 361 9.07 -14.66 18.06
CA THR B 361 10.30 -14.29 18.74
C THR B 361 10.32 -12.80 19.05
N LEU B 362 9.94 -11.98 18.07
CA LEU B 362 9.94 -10.53 18.23
C LEU B 362 8.89 -10.08 19.23
N THR B 363 7.72 -10.73 19.25
CA THR B 363 6.73 -10.40 20.26
C THR B 363 7.29 -10.61 21.67
N LEU B 364 7.84 -11.80 21.91
CA LEU B 364 8.40 -12.08 23.23
C LEU B 364 9.56 -11.14 23.53
N LEU B 365 10.35 -10.80 22.52
CA LEU B 365 11.49 -9.93 22.73
C LEU B 365 11.05 -8.51 23.10
N ALA B 366 9.96 -8.03 22.49
CA ALA B 366 9.41 -6.74 22.89
C ALA B 366 8.96 -6.77 24.34
N TYR B 367 8.27 -7.83 24.74
CA TYR B 367 7.89 -7.92 26.15
C TYR B 367 9.12 -7.91 27.04
N GLN B 368 10.18 -8.63 26.65
CA GLN B 368 11.39 -8.66 27.46
C GLN B 368 12.03 -7.29 27.54
N ALA B 369 12.14 -6.59 26.41
CA ALA B 369 12.73 -5.26 26.39
C ALA B 369 11.94 -4.30 27.26
N THR B 370 10.65 -4.56 27.46
CA THR B 370 9.86 -3.70 28.34
C THR B 370 10.44 -3.66 29.75
N LYS B 371 11.24 -4.65 30.15
CA LYS B 371 11.77 -4.74 31.51
C LYS B 371 13.20 -4.21 31.64
N VAL B 372 13.77 -3.64 30.58
CA VAL B 372 15.17 -3.22 30.62
C VAL B 372 15.28 -1.94 31.45
N ASN B 373 16.23 -1.92 32.38
CA ASN B 373 16.51 -0.73 33.20
C ASN B 373 18.02 -0.67 33.44
N GLY B 374 18.74 0.04 32.56
CA GLY B 374 20.17 0.24 32.70
C GLY B 374 20.93 -0.34 31.52
N VAL B 375 22.20 -0.68 31.77
CA VAL B 375 23.09 -1.22 30.75
C VAL B 375 23.69 -2.53 31.25
N ASN B 376 22.95 -3.24 32.09
CA ASN B 376 23.46 -4.45 32.72
C ASN B 376 23.40 -5.61 31.72
N VAL B 377 23.58 -6.84 32.21
CA VAL B 377 23.64 -8.01 31.33
C VAL B 377 22.33 -8.21 30.60
N TYR B 378 21.20 -8.01 31.30
CA TYR B 378 19.89 -8.24 30.70
C TYR B 378 19.74 -7.43 29.42
N ALA B 379 20.13 -6.16 29.46
CA ALA B 379 20.03 -5.33 28.26
C ALA B 379 20.88 -5.88 27.14
N ALA B 380 22.09 -6.35 27.46
CA ALA B 380 22.96 -6.90 26.43
C ALA B 380 22.33 -8.11 25.77
N THR B 381 21.76 -9.01 26.57
CA THR B 381 21.14 -10.21 26.02
C THR B 381 19.95 -9.86 25.12
N VAL B 382 19.09 -8.95 25.59
CA VAL B 382 17.93 -8.58 24.80
C VAL B 382 18.35 -7.94 23.48
N ILE B 383 19.33 -7.03 23.53
CA ILE B 383 19.78 -6.36 22.32
C ILE B 383 20.41 -7.38 21.37
N GLY B 384 21.14 -8.35 21.91
CA GLY B 384 21.72 -9.37 21.05
C GLY B 384 20.67 -10.18 20.32
N TYR B 385 19.63 -10.61 21.05
CA TYR B 385 18.56 -11.38 20.41
C TYR B 385 17.89 -10.55 19.33
N LEU B 386 17.52 -9.31 19.64
CA LEU B 386 16.87 -8.46 18.66
C LEU B 386 17.76 -8.25 17.44
N LEU B 387 19.05 -8.01 17.68
CA LEU B 387 19.94 -7.74 16.57
C LEU B 387 20.09 -8.95 15.66
N TYR B 388 20.24 -10.14 16.25
CA TYR B 388 20.38 -11.34 15.41
C TYR B 388 19.13 -11.57 14.58
N THR B 389 17.95 -11.49 15.21
CA THR B 389 16.71 -11.74 14.49
C THR B 389 16.53 -10.75 13.35
N LEU B 390 16.62 -9.45 13.67
CA LEU B 390 16.43 -8.44 12.65
C LEU B 390 17.52 -8.49 11.61
N GLY B 391 18.71 -8.98 11.96
CA GLY B 391 19.77 -9.11 10.98
C GLY B 391 19.48 -10.19 9.95
N GLN B 392 18.93 -11.33 10.40
CA GLN B 392 18.51 -12.35 9.44
C GLN B 392 17.44 -11.79 8.51
N VAL B 393 16.40 -11.17 9.08
CA VAL B 393 15.35 -10.60 8.25
C VAL B 393 15.94 -9.59 7.29
N PHE B 394 16.91 -8.80 7.76
CA PHE B 394 17.43 -7.68 6.98
C PHE B 394 18.31 -8.18 5.83
N LEU B 395 19.05 -9.26 6.04
CA LEU B 395 19.78 -9.87 4.93
C LEU B 395 18.83 -10.32 3.84
N PHE B 396 17.78 -11.07 4.23
CA PHE B 396 16.82 -11.53 3.22
C PHE B 396 16.24 -10.35 2.45
N CYS B 397 15.80 -9.32 3.19
CA CYS B 397 15.18 -8.16 2.55
C CYS B 397 16.16 -7.42 1.65
N ILE B 398 17.41 -7.26 2.08
CA ILE B 398 18.40 -6.57 1.26
C ILE B 398 18.49 -7.24 -0.10
N PHE B 399 18.63 -8.56 -0.11
CA PHE B 399 18.90 -9.20 -1.40
C PHE B 399 17.64 -9.28 -2.26
N GLY B 400 16.47 -9.51 -1.65
CA GLY B 400 15.24 -9.40 -2.43
C GLY B 400 15.09 -8.03 -3.08
N ASN B 401 15.35 -6.97 -2.30
CA ASN B 401 15.21 -5.62 -2.81
C ASN B 401 16.20 -5.37 -3.95
N ARG B 402 17.44 -5.84 -3.81
CA ARG B 402 18.41 -5.64 -4.87
C ARG B 402 17.95 -6.31 -6.16
N LEU B 403 17.40 -7.52 -6.05
CA LEU B 403 16.87 -8.18 -7.24
C LEU B 403 15.78 -7.33 -7.88
N ILE B 404 14.88 -6.80 -7.06
CA ILE B 404 13.79 -5.96 -7.57
C ILE B 404 14.37 -4.77 -8.33
N GLU B 405 15.35 -4.10 -7.73
CA GLU B 405 15.89 -2.88 -8.33
C GLU B 405 16.55 -3.17 -9.66
N GLU B 406 17.36 -4.22 -9.74
CA GLU B 406 18.00 -4.54 -11.02
C GLU B 406 16.97 -4.87 -12.08
N SER B 407 15.97 -5.70 -11.73
CA SER B 407 14.96 -6.07 -12.70
C SER B 407 14.22 -4.85 -13.23
N SER B 408 13.90 -3.89 -12.34
CA SER B 408 13.23 -2.68 -12.79
C SER B 408 14.16 -1.83 -13.67
N SER B 409 15.39 -1.62 -13.22
CA SER B 409 16.33 -0.73 -13.91
C SER B 409 16.71 -1.24 -15.30
N VAL B 410 16.39 -2.50 -15.60
CA VAL B 410 16.57 -2.95 -16.99
C VAL B 410 15.96 -1.95 -17.96
N MET B 411 14.80 -1.37 -17.60
CA MET B 411 14.13 -0.44 -18.51
C MET B 411 14.95 0.83 -18.70
N GLU B 412 15.48 1.39 -17.62
CA GLU B 412 16.32 2.58 -17.73
C GLU B 412 17.53 2.30 -18.60
N ALA B 413 18.15 1.13 -18.42
CA ALA B 413 19.29 0.78 -19.26
C ALA B 413 18.88 0.68 -20.73
N ALA B 414 17.67 0.17 -20.99
CA ALA B 414 17.22 0.03 -22.37
C ALA B 414 16.87 1.37 -23.00
N TYR B 415 16.42 2.34 -22.19
CA TYR B 415 16.02 3.63 -22.73
C TYR B 415 17.22 4.52 -23.08
N SER B 416 18.34 4.34 -22.38
CA SER B 416 19.46 5.28 -22.47
C SER B 416 20.36 5.04 -23.67
N CYS B 417 20.10 4.04 -24.49
CA CYS B 417 20.86 3.84 -25.71
C CYS B 417 20.22 4.61 -26.85
N HIS B 418 20.81 4.51 -28.04
CA HIS B 418 20.29 5.19 -29.23
C HIS B 418 19.27 4.31 -29.94
N TRP B 419 18.16 4.05 -29.25
CA TRP B 419 17.14 3.16 -29.80
C TRP B 419 16.40 3.80 -30.96
N TYR B 420 16.32 5.13 -31.00
CA TYR B 420 15.64 5.82 -32.09
C TYR B 420 16.42 5.75 -33.39
N ASP B 421 17.71 5.44 -33.33
CA ASP B 421 18.54 5.33 -34.53
C ASP B 421 18.65 3.91 -35.05
N GLY B 422 18.09 2.93 -34.34
CA GLY B 422 18.20 1.55 -34.74
C GLY B 422 17.24 1.20 -35.86
N SER B 423 17.28 -0.07 -36.26
CA SER B 423 16.39 -0.57 -37.29
C SER B 423 15.03 -0.92 -36.67
N GLU B 424 14.11 -1.41 -37.50
CA GLU B 424 12.77 -1.71 -37.00
C GLU B 424 12.83 -2.86 -36.01
N GLU B 425 13.63 -3.89 -36.29
CA GLU B 425 13.73 -5.02 -35.38
C GLU B 425 14.23 -4.57 -34.02
N ALA B 426 15.28 -3.73 -34.00
CA ALA B 426 15.85 -3.30 -32.72
C ALA B 426 14.87 -2.45 -31.93
N LYS B 427 14.13 -1.57 -32.62
CA LYS B 427 13.18 -0.72 -31.92
C LYS B 427 12.02 -1.53 -31.37
N THR B 428 11.52 -2.52 -32.13
CA THR B 428 10.47 -3.40 -31.60
C THR B 428 10.98 -4.20 -30.42
N PHE B 429 12.23 -4.67 -30.48
CA PHE B 429 12.80 -5.41 -29.37
C PHE B 429 12.88 -4.54 -28.13
N VAL B 430 13.30 -3.29 -28.28
CA VAL B 430 13.35 -2.36 -27.16
C VAL B 430 11.94 -2.14 -26.61
N GLN B 431 10.95 -1.99 -27.49
CA GLN B 431 9.58 -1.79 -27.04
C GLN B 431 9.11 -2.95 -26.19
N ILE B 432 9.29 -4.18 -26.69
CA ILE B 432 8.80 -5.35 -25.96
C ILE B 432 9.54 -5.51 -24.65
N VAL B 433 10.84 -5.24 -24.64
CA VAL B 433 11.60 -5.35 -23.40
C VAL B 433 11.11 -4.32 -22.38
N CYS B 434 10.85 -3.09 -22.84
CA CYS B 434 10.35 -2.06 -21.93
C CYS B 434 8.99 -2.44 -21.37
N GLN B 435 8.12 -3.02 -22.20
CA GLN B 435 6.84 -3.49 -21.71
C GLN B 435 7.02 -4.59 -20.66
N GLN B 436 7.93 -5.53 -20.91
CA GLN B 436 8.15 -6.62 -19.98
C GLN B 436 8.69 -6.12 -18.64
N CYS B 437 9.58 -5.13 -18.67
CA CYS B 437 10.27 -4.69 -17.46
C CYS B 437 9.38 -3.94 -16.49
N GLN B 438 8.15 -3.62 -16.86
CA GLN B 438 7.28 -2.87 -15.95
C GLN B 438 7.07 -3.59 -14.63
N LYS B 439 7.12 -4.92 -14.64
CA LYS B 439 6.96 -5.71 -13.43
C LYS B 439 8.33 -6.21 -12.97
N ALA B 440 8.66 -5.95 -11.71
CA ALA B 440 9.97 -6.28 -11.18
C ALA B 440 10.00 -7.72 -10.68
N MET B 441 11.09 -8.42 -10.99
CA MET B 441 11.30 -9.75 -10.46
C MET B 441 11.37 -9.69 -8.94
N SER B 442 10.85 -10.71 -8.28
CA SER B 442 10.86 -10.73 -6.82
C SER B 442 10.70 -12.17 -6.34
N ILE B 443 11.02 -12.38 -5.07
CA ILE B 443 10.85 -13.66 -4.40
C ILE B 443 9.74 -13.50 -3.37
N SER B 444 8.75 -14.40 -3.42
CA SER B 444 7.60 -14.35 -2.54
C SER B 444 7.69 -15.49 -1.52
N GLY B 445 7.42 -15.16 -0.26
CA GLY B 445 7.42 -16.15 0.79
C GLY B 445 6.19 -17.01 0.77
N ALA B 446 6.08 -17.88 -0.23
CA ALA B 446 4.91 -18.74 -0.41
C ALA B 446 3.68 -17.93 -0.76
N LYS B 447 3.87 -16.87 -1.55
CA LYS B 447 2.82 -15.98 -2.04
C LYS B 447 2.15 -15.19 -0.93
N PHE B 448 2.64 -15.26 0.31
CA PHE B 448 2.08 -14.48 1.39
C PHE B 448 2.75 -13.12 1.55
N PHE B 449 3.94 -12.94 1.03
CA PHE B 449 4.64 -11.66 1.04
C PHE B 449 5.82 -11.75 0.10
N THR B 450 6.41 -10.60 -0.21
CA THR B 450 7.64 -10.53 -0.99
C THR B 450 8.76 -10.00 -0.12
N VAL B 451 9.96 -10.54 -0.32
CA VAL B 451 11.13 -10.11 0.45
C VAL B 451 11.66 -8.83 -0.18
N SER B 452 11.64 -7.75 0.60
CA SER B 452 12.14 -6.46 0.18
C SER B 452 12.26 -5.59 1.43
N LEU B 453 12.91 -4.43 1.28
CA LEU B 453 13.08 -3.55 2.43
C LEU B 453 11.75 -3.07 2.97
N ASP B 454 10.69 -3.10 2.15
CA ASP B 454 9.36 -2.78 2.66
C ASP B 454 8.92 -3.79 3.70
N LEU B 455 9.21 -5.07 3.49
CA LEU B 455 8.87 -6.09 4.48
C LEU B 455 9.62 -5.85 5.78
N PHE B 456 10.90 -5.51 5.69
CA PHE B 456 11.67 -5.23 6.91
C PHE B 456 11.11 -4.02 7.63
N ALA B 457 10.75 -2.98 6.88
CA ALA B 457 10.17 -1.78 7.51
C ALA B 457 8.85 -2.12 8.20
N SER B 458 8.02 -2.94 7.56
CA SER B 458 6.75 -3.33 8.18
C SER B 458 6.98 -4.14 9.44
N VAL B 459 7.93 -5.07 9.42
CA VAL B 459 8.23 -5.86 10.61
C VAL B 459 8.70 -4.95 11.74
N LEU B 460 9.60 -4.02 11.43
CA LEU B 460 10.14 -3.13 12.45
C LEU B 460 9.05 -2.24 13.02
N GLY B 461 8.18 -1.70 12.16
CA GLY B 461 7.09 -0.88 12.64
C GLY B 461 6.14 -1.65 13.51
N ALA B 462 5.81 -2.88 13.13
CA ALA B 462 4.92 -3.70 13.94
C ALA B 462 5.50 -3.95 15.32
N VAL B 463 6.78 -4.32 15.38
CA VAL B 463 7.37 -4.61 16.68
C VAL B 463 7.45 -3.35 17.53
N VAL B 464 7.78 -2.21 16.91
CA VAL B 464 7.86 -0.95 17.67
C VAL B 464 6.49 -0.57 18.22
N THR B 465 5.45 -0.71 17.39
CA THR B 465 4.10 -0.39 17.84
C THR B 465 3.67 -1.30 18.99
N TYR B 466 3.96 -2.59 18.88
CA TYR B 466 3.60 -3.50 19.95
C TYR B 466 4.34 -3.14 21.23
N PHE B 467 5.63 -2.79 21.12
CA PHE B 467 6.38 -2.41 22.31
C PHE B 467 5.80 -1.15 22.95
N MET B 468 5.42 -0.17 22.14
CA MET B 468 4.83 1.05 22.68
C MET B 468 3.52 0.74 23.40
N VAL B 469 2.67 -0.09 22.79
CA VAL B 469 1.42 -0.45 23.43
C VAL B 469 1.68 -1.15 24.75
N LEU B 470 2.68 -2.05 24.78
CA LEU B 470 3.01 -2.74 26.02
C LEU B 470 3.45 -1.76 27.10
N VAL B 471 4.38 -0.87 26.77
CA VAL B 471 4.95 0.00 27.80
C VAL B 471 3.90 0.98 28.31
N GLN B 472 3.00 1.45 27.44
CA GLN B 472 1.95 2.35 27.90
C GLN B 472 1.04 1.67 28.92
N LEU B 473 0.68 0.42 28.67
CA LEU B 473 -0.18 -0.33 29.59
C LEU B 473 0.57 -0.71 30.85
N LYS C 4 -28.57 -29.15 -18.87
CA LYS C 4 -27.63 -30.24 -18.46
C LYS C 4 -26.96 -30.87 -19.67
N HIS C 5 -26.89 -30.10 -20.77
CA HIS C 5 -26.33 -30.61 -22.02
C HIS C 5 -25.24 -29.70 -22.55
N GLN C 6 -25.35 -28.40 -22.28
CA GLN C 6 -24.43 -27.43 -22.86
C GLN C 6 -23.22 -27.22 -21.96
N GLY C 7 -22.14 -26.74 -22.58
CA GLY C 7 -20.88 -26.62 -21.87
C GLY C 7 -20.99 -25.71 -20.66
N LEU C 8 -20.16 -25.98 -19.67
CA LEU C 8 -20.06 -25.30 -18.39
C LEU C 8 -21.20 -25.66 -17.47
N VAL C 9 -22.21 -26.40 -17.94
CA VAL C 9 -23.22 -26.99 -17.09
C VAL C 9 -23.09 -28.51 -17.04
N ALA C 10 -22.71 -29.12 -18.17
CA ALA C 10 -22.30 -30.51 -18.16
C ALA C 10 -21.07 -30.71 -17.29
N ASP C 11 -20.21 -29.70 -17.20
CA ASP C 11 -19.01 -29.80 -16.38
C ASP C 11 -19.33 -29.67 -14.90
N LEU C 12 -20.22 -28.75 -14.55
CA LEU C 12 -20.57 -28.49 -13.15
C LEU C 12 -21.75 -29.32 -12.67
N LEU C 13 -22.22 -30.26 -13.49
CA LEU C 13 -23.47 -30.95 -13.17
C LEU C 13 -23.49 -31.58 -11.79
N PRO C 14 -22.46 -32.28 -11.32
CA PRO C 14 -22.49 -32.76 -9.93
C PRO C 14 -22.70 -31.65 -8.93
N ASN C 15 -22.07 -30.50 -9.14
CA ASN C 15 -22.26 -29.37 -8.24
C ASN C 15 -23.71 -28.90 -8.24
N ILE C 16 -24.29 -28.79 -9.44
CA ILE C 16 -25.68 -28.35 -9.54
C ILE C 16 -26.60 -29.34 -8.84
N ARG C 17 -26.37 -30.64 -9.04
CA ARG C 17 -27.22 -31.64 -8.41
C ARG C 17 -27.11 -31.60 -6.90
N VAL C 18 -25.89 -31.44 -6.37
CA VAL C 18 -25.73 -31.35 -4.93
C VAL C 18 -26.44 -30.11 -4.40
N MET C 19 -26.30 -28.98 -5.11
CA MET C 19 -26.96 -27.75 -4.68
C MET C 19 -28.47 -27.93 -4.65
N GLN C 20 -29.03 -28.55 -5.69
CA GLN C 20 -30.48 -28.78 -5.71
C GLN C 20 -30.89 -29.72 -4.58
N GLY C 21 -30.13 -30.79 -4.36
CA GLY C 21 -30.51 -31.74 -3.33
C GLY C 21 -30.50 -31.13 -1.94
N VAL C 22 -29.49 -30.31 -1.63
CA VAL C 22 -29.45 -29.67 -0.32
C VAL C 22 -30.56 -28.65 -0.17
N GLY C 23 -31.09 -28.13 -1.27
CA GLY C 23 -32.20 -27.20 -1.22
C GLY C 23 -31.87 -25.79 -1.67
N HIS C 24 -30.95 -25.66 -2.62
CA HIS C 24 -30.59 -24.35 -3.16
C HIS C 24 -31.45 -23.98 -4.36
N PHE C 25 -32.77 -24.07 -4.19
CA PHE C 25 -33.72 -23.68 -5.22
C PHE C 25 -33.21 -24.08 -6.60
N MET C 26 -33.02 -23.13 -7.50
CA MET C 26 -32.41 -23.40 -8.80
C MET C 26 -33.22 -24.41 -9.59
N PHE C 27 -34.44 -23.99 -9.95
CA PHE C 27 -35.36 -24.83 -10.74
C PHE C 27 -35.12 -24.58 -12.22
N ASN C 28 -33.98 -25.05 -12.72
CA ASN C 28 -33.62 -24.78 -14.11
C ASN C 28 -33.06 -25.95 -14.90
N TYR C 29 -32.52 -27.00 -14.27
CA TYR C 29 -31.71 -27.97 -14.99
C TYR C 29 -32.25 -29.38 -14.82
N TYR C 30 -33.56 -29.54 -15.02
CA TYR C 30 -34.18 -30.85 -15.05
C TYR C 30 -35.48 -30.74 -15.84
N SER C 31 -36.09 -31.89 -16.09
CA SER C 31 -37.38 -31.91 -16.78
C SER C 31 -38.41 -31.16 -15.94
N GLU C 32 -39.27 -30.40 -16.61
CA GLU C 32 -40.24 -29.58 -15.91
C GLU C 32 -41.18 -30.40 -15.02
N GLY C 33 -41.32 -31.70 -15.30
CA GLY C 33 -42.19 -32.52 -14.47
C GLY C 33 -41.76 -32.55 -13.02
N LYS C 34 -40.47 -32.40 -12.76
CA LYS C 34 -39.94 -32.38 -11.40
C LYS C 34 -39.91 -30.98 -10.81
N LYS C 35 -40.25 -29.95 -11.58
CA LYS C 35 -40.13 -28.58 -11.08
C LYS C 35 -41.05 -28.35 -9.89
N PHE C 36 -42.29 -28.87 -9.96
CA PHE C 36 -43.21 -28.64 -8.85
C PHE C 36 -42.73 -29.32 -7.58
N PRO C 37 -42.56 -30.65 -7.53
CA PRO C 37 -42.19 -31.30 -6.25
C PRO C 37 -40.97 -30.67 -5.60
N HIS C 38 -39.87 -30.61 -6.34
CA HIS C 38 -38.64 -30.04 -5.80
C HIS C 38 -38.92 -28.70 -5.13
N ARG C 39 -39.72 -27.85 -5.77
CA ARG C 39 -39.99 -26.54 -5.22
C ARG C 39 -40.47 -26.64 -3.78
N ILE C 40 -41.53 -27.43 -3.54
CA ILE C 40 -42.03 -27.52 -2.17
C ILE C 40 -40.90 -27.94 -1.25
N TYR C 41 -40.12 -28.95 -1.64
CA TYR C 41 -39.03 -29.40 -0.78
C TYR C 41 -38.18 -28.22 -0.37
N CYS C 42 -37.76 -27.41 -1.33
CA CYS C 42 -36.92 -26.26 -1.01
C CYS C 42 -37.58 -25.42 0.07
N ILE C 43 -38.83 -25.02 -0.16
CA ILE C 43 -39.51 -24.17 0.81
C ILE C 43 -39.47 -24.83 2.18
N VAL C 44 -39.81 -26.12 2.23
CA VAL C 44 -39.87 -26.79 3.52
C VAL C 44 -38.53 -26.63 4.24
N THR C 45 -37.44 -26.92 3.53
CA THR C 45 -36.14 -26.82 4.17
C THR C 45 -35.97 -25.44 4.78
N LEU C 46 -36.18 -24.40 3.98
CA LEU C 46 -36.00 -23.04 4.48
C LEU C 46 -36.79 -22.87 5.77
N LEU C 47 -38.07 -23.23 5.74
CA LEU C 47 -38.89 -23.07 6.93
C LEU C 47 -38.19 -23.72 8.13
N LEU C 48 -37.90 -25.01 8.01
CA LEU C 48 -37.25 -25.72 9.10
C LEU C 48 -36.02 -24.95 9.56
N LEU C 49 -35.15 -24.61 8.62
CA LEU C 49 -33.96 -23.84 8.96
C LEU C 49 -34.35 -22.65 9.81
N LEU C 50 -35.16 -21.74 9.24
CA LEU C 50 -35.53 -20.54 9.95
C LEU C 50 -36.13 -20.91 11.30
N LEU C 51 -37.03 -21.89 11.31
CA LEU C 51 -37.64 -22.30 12.57
C LEU C 51 -36.55 -22.56 13.60
N GLN C 52 -35.67 -23.51 13.31
CA GLN C 52 -34.57 -23.80 14.22
C GLN C 52 -33.80 -22.53 14.52
N TYR C 53 -33.45 -21.79 13.47
CA TYR C 53 -32.72 -20.55 13.65
C TYR C 53 -33.43 -19.66 14.66
N GLY C 54 -34.73 -19.47 14.49
CA GLY C 54 -35.47 -18.63 15.40
C GLY C 54 -35.34 -19.10 16.83
N MET C 55 -35.52 -20.41 17.05
CA MET C 55 -35.45 -20.93 18.41
C MET C 55 -34.06 -20.74 19.01
N MET C 56 -33.02 -20.64 18.18
CA MET C 56 -31.72 -20.28 18.71
C MET C 56 -31.71 -18.84 19.18
N ALA C 57 -32.21 -17.92 18.35
CA ALA C 57 -32.22 -16.51 18.73
C ALA C 57 -33.02 -16.31 20.01
N VAL C 58 -34.16 -16.97 20.13
CA VAL C 58 -34.95 -16.88 21.36
C VAL C 58 -34.09 -17.26 22.55
N ASN C 59 -33.34 -18.36 22.42
CA ASN C 59 -32.49 -18.79 23.53
C ASN C 59 -31.46 -17.73 23.87
N LEU C 60 -31.01 -16.96 22.88
CA LEU C 60 -30.07 -15.88 23.15
C LEU C 60 -30.69 -14.84 24.08
N MET C 61 -31.98 -14.54 23.91
CA MET C 61 -32.60 -13.47 24.68
C MET C 61 -32.59 -13.77 26.18
N MET C 62 -32.91 -15.01 26.55
CA MET C 62 -32.96 -15.35 27.97
C MET C 62 -31.60 -15.74 28.53
N GLU C 63 -30.57 -15.84 27.70
CA GLU C 63 -29.22 -16.13 28.15
C GLU C 63 -28.36 -14.88 28.28
N SER C 64 -28.94 -13.69 28.14
CA SER C 64 -28.19 -12.44 28.12
C SER C 64 -27.81 -11.96 29.52
N ASP C 65 -28.09 -12.75 30.57
CA ASP C 65 -27.67 -12.35 31.90
C ASP C 65 -26.15 -12.26 32.01
N ASP C 66 -25.45 -13.24 31.42
CA ASP C 66 -24.00 -13.31 31.47
C ASP C 66 -23.41 -12.93 30.12
N VAL C 67 -22.09 -12.76 30.10
CA VAL C 67 -21.38 -12.30 28.92
C VAL C 67 -20.76 -13.48 28.17
N ASP C 68 -20.33 -14.49 28.91
CA ASP C 68 -19.70 -15.65 28.29
C ASP C 68 -20.71 -16.42 27.44
N ASP C 69 -21.87 -16.74 28.03
CA ASP C 69 -22.92 -17.40 27.27
C ASP C 69 -23.40 -16.51 26.14
N LEU C 70 -23.48 -15.20 26.38
CA LEU C 70 -23.88 -14.28 25.32
C LEU C 70 -22.90 -14.32 24.16
N THR C 71 -21.60 -14.35 24.45
CA THR C 71 -20.61 -14.42 23.39
C THR C 71 -20.71 -15.73 22.61
N ALA C 72 -20.85 -16.85 23.32
CA ALA C 72 -20.97 -18.12 22.63
C ALA C 72 -22.22 -18.16 21.75
N ASN C 73 -23.34 -17.65 22.28
CA ASN C 73 -24.57 -17.63 21.51
C ASN C 73 -24.43 -16.75 20.28
N THR C 74 -23.79 -15.60 20.41
CA THR C 74 -23.61 -14.73 19.25
C THR C 74 -22.73 -15.39 18.20
N ILE C 75 -21.67 -16.08 18.63
CA ILE C 75 -20.81 -16.78 17.68
C ILE C 75 -21.61 -17.83 16.91
N THR C 76 -22.39 -18.61 17.64
CA THR C 76 -23.22 -19.62 16.99
C THR C 76 -24.22 -18.97 16.02
N MET C 77 -24.81 -17.85 16.45
CA MET C 77 -25.81 -17.19 15.63
C MET C 77 -25.22 -16.69 14.32
N LEU C 78 -24.01 -16.12 14.35
CA LEU C 78 -23.38 -15.68 13.12
C LEU C 78 -22.97 -16.87 12.25
N PHE C 79 -22.38 -17.89 12.87
CA PHE C 79 -21.98 -19.08 12.12
C PHE C 79 -23.16 -19.64 11.35
N PHE C 80 -24.33 -19.68 11.98
CA PHE C 80 -25.54 -20.20 11.32
C PHE C 80 -26.30 -19.14 10.57
N LEU C 81 -25.90 -17.87 10.66
CA LEU C 81 -26.42 -16.84 9.78
C LEU C 81 -25.85 -16.99 8.39
N HIS C 82 -24.59 -17.37 8.30
CA HIS C 82 -23.96 -17.55 6.98
C HIS C 82 -24.86 -18.30 6.00
N PRO C 83 -25.24 -19.55 6.30
CA PRO C 83 -25.99 -20.34 5.31
C PRO C 83 -27.34 -19.75 4.98
N ILE C 84 -28.03 -19.14 5.95
CA ILE C 84 -29.32 -18.52 5.67
C ILE C 84 -29.16 -17.41 4.64
N VAL C 85 -28.14 -16.57 4.84
CA VAL C 85 -27.90 -15.47 3.91
C VAL C 85 -27.59 -16.02 2.53
N LYS C 86 -26.76 -17.06 2.43
CA LYS C 86 -26.44 -17.61 1.12
C LYS C 86 -27.69 -18.18 0.44
N MET C 87 -28.51 -18.91 1.21
CA MET C 87 -29.71 -19.54 0.64
C MET C 87 -30.68 -18.50 0.13
N ILE C 88 -30.89 -17.41 0.88
CA ILE C 88 -31.75 -16.34 0.40
C ILE C 88 -31.11 -15.61 -0.78
N TYR C 89 -29.78 -15.45 -0.73
CA TYR C 89 -29.09 -14.66 -1.74
C TYR C 89 -29.22 -15.30 -3.11
N PHE C 90 -29.10 -16.62 -3.21
CA PHE C 90 -29.11 -17.22 -4.53
C PHE C 90 -30.38 -16.92 -5.32
N PRO C 91 -31.58 -17.17 -4.81
CA PRO C 91 -32.78 -16.99 -5.65
C PRO C 91 -32.97 -15.56 -6.14
N VAL C 92 -32.65 -14.56 -5.33
CA VAL C 92 -32.90 -13.18 -5.76
C VAL C 92 -31.99 -12.82 -6.94
N ARG C 93 -30.77 -13.36 -6.96
CA ARG C 93 -29.81 -13.10 -8.02
C ARG C 93 -29.72 -14.25 -9.02
N SER C 94 -30.71 -15.13 -9.05
CA SER C 94 -30.62 -16.35 -9.84
C SER C 94 -30.38 -16.06 -11.32
N LYS C 95 -30.86 -14.91 -11.80
CA LYS C 95 -30.75 -14.63 -13.23
C LYS C 95 -29.29 -14.51 -13.64
N ILE C 96 -28.49 -13.77 -12.87
CA ILE C 96 -27.09 -13.63 -13.21
C ILE C 96 -26.36 -14.96 -13.09
N PHE C 97 -26.75 -15.80 -12.11
CA PHE C 97 -26.14 -17.12 -12.00
C PHE C 97 -26.41 -17.94 -13.25
N TYR C 98 -27.66 -17.95 -13.72
CA TYR C 98 -27.98 -18.72 -14.92
C TYR C 98 -27.27 -18.15 -16.14
N LYS C 99 -27.12 -16.82 -16.19
CA LYS C 99 -26.38 -16.20 -17.29
C LYS C 99 -24.93 -16.65 -17.28
N THR C 100 -24.31 -16.71 -16.09
CA THR C 100 -22.94 -17.16 -15.98
C THR C 100 -22.80 -18.61 -16.42
N LEU C 101 -23.71 -19.47 -15.96
CA LEU C 101 -23.58 -20.90 -16.25
C LEU C 101 -23.74 -21.21 -17.73
N ALA C 102 -24.38 -20.33 -18.50
CA ALA C 102 -24.55 -20.52 -19.93
C ALA C 102 -23.56 -19.70 -20.75
N ILE C 103 -22.52 -19.17 -20.11
CA ILE C 103 -21.61 -18.25 -20.80
C ILE C 103 -20.74 -19.01 -21.79
N TRP C 104 -20.36 -20.24 -21.48
CA TRP C 104 -19.44 -21.02 -22.31
C TRP C 104 -20.16 -22.01 -23.21
N ASN C 105 -21.35 -21.65 -23.70
CA ASN C 105 -22.10 -22.58 -24.54
C ASN C 105 -21.55 -22.64 -25.96
N ASN C 106 -21.00 -21.54 -26.47
CA ASN C 106 -20.49 -21.47 -27.84
C ASN C 106 -19.10 -20.85 -27.84
N PRO C 107 -18.08 -21.63 -27.49
CA PRO C 107 -16.70 -21.14 -27.59
C PRO C 107 -16.19 -21.31 -29.01
N ASN C 108 -15.01 -20.75 -29.26
CA ASN C 108 -14.42 -20.79 -30.60
C ASN C 108 -13.65 -22.09 -30.79
N SER C 109 -13.14 -22.29 -32.00
CA SER C 109 -12.47 -23.54 -32.33
C SER C 109 -11.50 -23.30 -33.48
N HIS C 110 -10.28 -23.82 -33.34
CA HIS C 110 -9.30 -23.82 -34.41
C HIS C 110 -8.74 -25.22 -34.57
N PRO C 111 -8.51 -25.68 -35.81
CA PRO C 111 -8.00 -27.04 -35.97
C PRO C 111 -6.69 -27.31 -35.25
N LEU C 112 -5.79 -26.33 -35.21
CA LEU C 112 -4.46 -26.57 -34.67
C LEU C 112 -4.44 -26.62 -33.15
N PHE C 113 -5.40 -25.97 -32.49
CA PHE C 113 -5.42 -25.87 -31.03
C PHE C 113 -6.53 -26.69 -30.41
N ALA C 114 -7.07 -27.67 -31.14
CA ALA C 114 -8.16 -28.47 -30.59
C ALA C 114 -7.69 -29.43 -29.52
N GLU C 115 -6.54 -30.08 -29.73
CA GLU C 115 -6.06 -31.06 -28.77
C GLU C 115 -5.73 -30.40 -27.44
N SER C 116 -5.08 -29.24 -27.47
CA SER C 116 -4.76 -28.54 -26.22
C SER C 116 -6.03 -28.15 -25.50
N ASN C 117 -7.02 -27.65 -26.24
CA ASN C 117 -8.28 -27.25 -25.63
C ASN C 117 -8.96 -28.43 -24.95
N ALA C 118 -9.01 -29.57 -25.64
CA ALA C 118 -9.63 -30.76 -25.05
C ALA C 118 -8.89 -31.21 -23.80
N ARG C 119 -7.56 -31.25 -23.87
CA ARG C 119 -6.77 -31.69 -22.73
C ARG C 119 -7.01 -30.79 -21.52
N PHE C 120 -7.00 -29.48 -21.73
CA PHE C 120 -7.16 -28.57 -20.60
C PHE C 120 -8.58 -28.54 -20.09
N HIS C 121 -9.56 -28.77 -20.96
CA HIS C 121 -10.94 -28.90 -20.50
C HIS C 121 -11.09 -30.13 -19.60
N ALA C 122 -10.51 -31.26 -20.02
CA ALA C 122 -10.57 -32.45 -19.19
C ALA C 122 -9.87 -32.23 -17.86
N LEU C 123 -8.71 -31.58 -17.88
CA LEU C 123 -8.00 -31.29 -16.64
C LEU C 123 -8.87 -30.41 -15.73
N ALA C 124 -9.53 -29.41 -16.30
CA ALA C 124 -10.41 -28.56 -15.50
C ALA C 124 -11.51 -29.38 -14.85
N ILE C 125 -12.13 -30.28 -15.61
CA ILE C 125 -13.22 -31.08 -15.07
C ILE C 125 -12.73 -31.92 -13.89
N THR C 126 -11.57 -32.56 -14.07
CA THR C 126 -11.04 -33.38 -12.99
C THR C 126 -10.76 -32.55 -11.75
N LYS C 127 -10.22 -31.35 -11.93
CA LYS C 127 -9.92 -30.49 -10.78
C LYS C 127 -11.20 -30.07 -10.07
N MET C 128 -12.26 -29.73 -10.82
CA MET C 128 -13.52 -29.39 -10.19
C MET C 128 -14.05 -30.55 -9.37
N ARG C 129 -14.00 -31.76 -9.92
CA ARG C 129 -14.48 -32.93 -9.19
C ARG C 129 -13.68 -33.14 -7.92
N ARG C 130 -12.35 -33.00 -8.00
CA ARG C 130 -11.52 -33.16 -6.82
C ARG C 130 -11.87 -32.15 -5.76
N LEU C 131 -12.07 -30.88 -6.15
CA LEU C 131 -12.41 -29.85 -5.18
C LEU C 131 -13.75 -30.14 -4.52
N LEU C 132 -14.73 -30.56 -5.30
CA LEU C 132 -16.04 -30.87 -4.74
C LEU C 132 -15.95 -31.99 -3.73
N PHE C 133 -15.22 -33.06 -4.07
CA PHE C 133 -15.09 -34.19 -3.15
C PHE C 133 -14.37 -33.77 -1.87
N CYS C 134 -13.30 -32.98 -1.99
CA CYS C 134 -12.57 -32.56 -0.79
C CYS C 134 -13.45 -31.71 0.11
N VAL C 135 -14.22 -30.79 -0.47
CA VAL C 135 -15.07 -29.93 0.35
C VAL C 135 -16.18 -30.73 1.01
N ALA C 136 -16.75 -31.69 0.29
CA ALA C 136 -17.77 -32.56 0.89
C ALA C 136 -17.19 -33.35 2.05
N GLY C 137 -15.99 -33.89 1.88
CA GLY C 137 -15.35 -34.61 2.97
C GLY C 137 -15.11 -33.74 4.18
N ALA C 138 -14.65 -32.51 3.96
CA ALA C 138 -14.45 -31.59 5.08
C ALA C 138 -15.75 -31.29 5.80
N THR C 139 -16.83 -31.09 5.04
CA THR C 139 -18.13 -30.83 5.64
C THR C 139 -18.57 -32.00 6.51
N ILE C 140 -18.44 -33.22 5.98
CA ILE C 140 -18.85 -34.40 6.73
C ILE C 140 -18.01 -34.54 7.99
N PHE C 141 -16.70 -34.27 7.89
CA PHE C 141 -15.84 -34.34 9.06
C PHE C 141 -16.28 -33.35 10.12
N SER C 142 -16.62 -32.13 9.70
CA SER C 142 -17.07 -31.11 10.67
C SER C 142 -18.34 -31.56 11.36
N VAL C 143 -19.29 -32.10 10.60
CA VAL C 143 -20.55 -32.55 11.18
C VAL C 143 -20.30 -33.64 12.21
N ILE C 144 -19.46 -34.62 11.84
CA ILE C 144 -19.18 -35.73 12.76
C ILE C 144 -18.47 -35.22 14.00
N SER C 145 -17.53 -34.29 13.84
CA SER C 145 -16.82 -33.76 14.99
C SER C 145 -17.76 -33.06 15.95
N TRP C 146 -18.69 -32.26 15.43
CA TRP C 146 -19.67 -31.61 16.28
C TRP C 146 -20.52 -32.66 17.01
N THR C 147 -21.02 -33.64 16.27
CA THR C 147 -21.91 -34.63 16.87
C THR C 147 -21.20 -35.48 17.91
N GLY C 148 -19.89 -35.65 17.80
CA GLY C 148 -19.14 -36.40 18.78
C GLY C 148 -18.78 -35.57 20.00
N ILE C 149 -18.31 -34.34 19.76
CA ILE C 149 -17.89 -33.50 20.87
C ILE C 149 -19.08 -33.19 21.77
N THR C 150 -20.28 -33.07 21.19
CA THR C 150 -21.44 -32.83 22.05
C THR C 150 -21.66 -33.96 23.05
N PHE C 151 -21.15 -35.16 22.77
CA PHE C 151 -21.33 -36.31 23.64
C PHE C 151 -20.14 -36.57 24.55
N ILE C 152 -18.93 -36.30 24.09
CA ILE C 152 -17.77 -36.53 24.97
C ILE C 152 -17.81 -35.59 26.16
N GLU C 153 -18.30 -34.37 25.97
CA GLU C 153 -18.33 -33.36 27.03
C GLU C 153 -19.47 -33.65 28.00
N ASP C 154 -19.58 -32.81 29.02
CA ASP C 154 -20.64 -32.92 30.02
C ASP C 154 -21.56 -31.72 29.92
N SER C 155 -22.87 -31.98 29.92
CA SER C 155 -23.88 -30.93 29.80
C SER C 155 -24.20 -30.42 31.20
N VAL C 156 -23.63 -29.26 31.55
CA VAL C 156 -23.83 -28.67 32.87
C VAL C 156 -23.79 -27.15 32.70
N LYS C 157 -24.63 -26.47 33.46
CA LYS C 157 -24.71 -25.02 33.47
C LYS C 157 -24.36 -24.51 34.87
N ARG C 158 -23.71 -23.35 34.92
CA ARG C 158 -23.19 -22.80 36.17
C ARG C 158 -23.96 -21.56 36.56
N ILE C 159 -24.19 -21.40 37.86
CA ILE C 159 -24.89 -20.24 38.40
C ILE C 159 -23.92 -19.47 39.29
N THR C 168 -23.97 -22.54 41.53
CA THR C 168 -24.67 -23.82 41.62
C THR C 168 -24.60 -24.55 40.27
N ILE C 169 -24.89 -25.84 40.28
CA ILE C 169 -24.81 -26.68 39.09
C ILE C 169 -26.23 -27.04 38.67
N ILE C 170 -26.58 -26.67 37.44
CA ILE C 170 -27.91 -26.92 36.88
C ILE C 170 -27.73 -27.82 35.67
N PRO C 171 -28.31 -29.02 35.66
CA PRO C 171 -28.26 -29.84 34.45
C PRO C 171 -28.94 -29.15 33.27
N ILE C 172 -28.39 -29.39 32.08
CA ILE C 172 -28.90 -28.77 30.86
C ILE C 172 -29.07 -29.85 29.81
N PRO C 173 -30.01 -29.72 28.87
CA PRO C 173 -30.16 -30.76 27.85
C PRO C 173 -28.87 -30.97 27.06
N ARG C 174 -28.59 -32.23 26.76
CA ARG C 174 -27.39 -32.61 26.00
C ARG C 174 -27.73 -32.57 24.52
N LEU C 175 -27.67 -31.37 23.96
CA LEU C 175 -27.99 -31.13 22.56
C LEU C 175 -26.78 -30.58 21.83
N MET C 176 -26.74 -30.82 20.52
CA MET C 176 -25.60 -30.40 19.72
C MET C 176 -25.57 -28.90 19.49
N ILE C 177 -26.70 -28.22 19.69
CA ILE C 177 -26.77 -26.76 19.58
C ILE C 177 -27.63 -26.26 20.73
N ARG C 178 -27.16 -25.20 21.40
CA ARG C 178 -27.98 -24.56 22.42
C ARG C 178 -29.26 -24.02 21.77
N THR C 179 -30.39 -24.32 22.38
CA THR C 179 -31.67 -23.93 21.79
C THR C 179 -32.75 -24.02 22.87
N PHE C 180 -33.83 -23.26 22.65
CA PHE C 180 -35.00 -23.27 23.52
C PHE C 180 -36.12 -23.99 22.79
N TYR C 181 -36.73 -24.97 23.46
CA TYR C 181 -37.78 -25.77 22.86
C TYR C 181 -39.03 -25.74 23.74
N PRO C 182 -40.22 -25.59 23.14
CA PRO C 182 -41.44 -25.58 23.96
C PRO C 182 -41.63 -26.84 24.78
N PHE C 183 -41.11 -27.96 24.31
CA PHE C 183 -41.28 -29.24 24.97
C PHE C 183 -40.06 -29.54 25.85
N ASN C 184 -40.09 -30.71 26.50
CA ASN C 184 -38.99 -31.14 27.36
C ASN C 184 -38.05 -32.01 26.53
N ALA C 185 -37.03 -31.38 25.96
CA ALA C 185 -36.05 -32.08 25.13
C ALA C 185 -34.85 -32.53 25.94
N MET C 186 -35.10 -33.24 27.03
CA MET C 186 -34.04 -33.72 27.91
C MET C 186 -33.97 -35.23 27.98
N SER C 187 -35.08 -35.91 28.26
CA SER C 187 -35.07 -37.35 28.46
C SER C 187 -36.02 -38.11 27.56
N GLY C 188 -37.22 -37.58 27.33
CA GLY C 188 -38.22 -38.29 26.57
C GLY C 188 -37.90 -38.34 25.08
N ALA C 189 -38.92 -38.66 24.29
CA ALA C 189 -38.75 -38.67 22.84
C ALA C 189 -38.36 -37.30 22.30
N GLY C 190 -38.64 -36.24 23.07
CA GLY C 190 -38.20 -34.92 22.64
C GLY C 190 -36.70 -34.84 22.47
N HIS C 191 -35.95 -35.53 23.35
CA HIS C 191 -34.50 -35.51 23.25
C HIS C 191 -34.02 -36.08 21.93
N VAL C 192 -34.54 -37.25 21.55
CA VAL C 192 -34.10 -37.88 20.30
C VAL C 192 -34.59 -37.07 19.11
N PHE C 193 -35.80 -36.52 19.19
CA PHE C 193 -36.29 -35.69 18.09
C PHE C 193 -35.39 -34.47 17.90
N ALA C 194 -34.99 -33.83 19.00
CA ALA C 194 -34.10 -32.67 18.91
C ALA C 194 -32.75 -33.07 18.34
N LEU C 195 -32.22 -34.22 18.77
CA LEU C 195 -30.94 -34.67 18.22
C LEU C 195 -31.02 -34.85 16.72
N ILE C 196 -32.07 -35.52 16.25
CA ILE C 196 -32.20 -35.78 14.81
C ILE C 196 -32.39 -34.46 14.06
N TYR C 197 -33.25 -33.58 14.59
CA TYR C 197 -33.49 -32.31 13.92
C TYR C 197 -32.23 -31.47 13.82
N GLN C 198 -31.44 -31.43 14.90
CA GLN C 198 -30.22 -30.63 14.89
C GLN C 198 -29.17 -31.24 13.98
N PHE C 199 -29.09 -32.57 13.91
CA PHE C 199 -28.18 -33.20 12.95
C PHE C 199 -28.55 -32.82 11.53
N TYR C 200 -29.84 -32.89 11.20
CA TYR C 200 -30.29 -32.50 9.88
C TYR C 200 -29.98 -31.02 9.61
N TYR C 201 -30.21 -30.17 10.62
CA TYR C 201 -29.94 -28.74 10.48
C TYR C 201 -28.47 -28.49 10.16
N LEU C 202 -27.57 -29.09 10.94
CA LEU C 202 -26.14 -28.90 10.69
C LEU C 202 -25.77 -29.35 9.29
N VAL C 203 -26.20 -30.55 8.92
CA VAL C 203 -25.84 -31.07 7.60
C VAL C 203 -26.31 -30.12 6.51
N ILE C 204 -27.58 -29.71 6.58
CA ILE C 204 -28.14 -28.91 5.50
C ILE C 204 -27.47 -27.54 5.42
N SER C 205 -27.26 -26.88 6.56
CA SER C 205 -26.66 -25.56 6.54
C SER C 205 -25.25 -25.59 5.97
N MET C 206 -24.41 -26.49 6.52
CA MET C 206 -23.05 -26.58 5.99
C MET C 206 -23.07 -26.93 4.52
N ALA C 207 -23.97 -27.83 4.11
CA ALA C 207 -24.00 -28.25 2.72
C ALA C 207 -24.33 -27.08 1.79
N VAL C 208 -25.35 -26.30 2.14
CA VAL C 208 -25.75 -25.20 1.26
C VAL C 208 -24.62 -24.19 1.14
N SER C 209 -24.06 -23.78 2.28
CA SER C 209 -23.00 -22.76 2.23
C SER C 209 -21.82 -23.26 1.40
N ASN C 210 -21.30 -24.44 1.73
CA ASN C 210 -20.10 -24.92 1.06
C ASN C 210 -20.37 -25.22 -0.40
N SER C 211 -21.60 -25.62 -0.77
CA SER C 211 -21.89 -25.90 -2.16
C SER C 211 -21.89 -24.64 -3.00
N LEU C 212 -22.46 -23.55 -2.49
CA LEU C 212 -22.39 -22.29 -3.22
C LEU C 212 -20.93 -21.85 -3.39
N ASP C 213 -20.15 -21.95 -2.31
CA ASP C 213 -18.74 -21.56 -2.40
C ASP C 213 -18.00 -22.42 -3.42
N VAL C 214 -18.29 -23.72 -3.46
CA VAL C 214 -17.61 -24.61 -4.38
C VAL C 214 -17.98 -24.28 -5.82
N LEU C 215 -19.22 -23.87 -6.07
CA LEU C 215 -19.57 -23.45 -7.43
C LEU C 215 -18.73 -22.24 -7.84
N PHE C 216 -18.60 -21.26 -6.95
CA PHE C 216 -17.75 -20.11 -7.24
C PHE C 216 -16.33 -20.55 -7.58
N CYS C 217 -15.75 -21.40 -6.72
CA CYS C 217 -14.38 -21.84 -6.93
C CYS C 217 -14.23 -22.63 -8.22
N SER C 218 -15.25 -23.40 -8.60
CA SER C 218 -15.20 -24.15 -9.84
C SER C 218 -15.19 -23.23 -11.05
N TRP C 219 -15.98 -22.15 -11.00
CA TRP C 219 -15.86 -21.13 -12.05
C TRP C 219 -14.43 -20.63 -12.16
N LEU C 220 -13.84 -20.30 -11.02
CA LEU C 220 -12.47 -19.78 -11.04
C LEU C 220 -11.49 -20.79 -11.64
N LEU C 221 -11.62 -22.07 -11.26
CA LEU C 221 -10.74 -23.09 -11.80
C LEU C 221 -10.89 -23.21 -13.31
N PHE C 222 -12.13 -23.16 -13.81
CA PHE C 222 -12.31 -23.22 -15.26
C PHE C 222 -11.59 -22.07 -15.94
N ALA C 223 -11.72 -20.85 -15.39
CA ALA C 223 -11.03 -19.71 -15.97
C ALA C 223 -9.51 -19.94 -16.00
N CYS C 224 -8.96 -20.42 -14.89
CA CYS C 224 -7.53 -20.62 -14.80
C CYS C 224 -7.05 -21.63 -15.84
N GLU C 225 -7.79 -22.73 -15.99
CA GLU C 225 -7.39 -23.74 -16.96
C GLU C 225 -7.47 -23.21 -18.39
N GLN C 226 -8.45 -22.37 -18.67
CA GLN C 226 -8.51 -21.76 -20.00
C GLN C 226 -7.30 -20.86 -20.24
N LEU C 227 -6.87 -20.11 -19.21
CA LEU C 227 -5.66 -19.30 -19.35
C LEU C 227 -4.44 -20.18 -19.62
N GLN C 228 -4.33 -21.31 -18.91
CA GLN C 228 -3.23 -22.23 -19.15
C GLN C 228 -3.23 -22.71 -20.59
N HIS C 229 -4.41 -23.05 -21.12
CA HIS C 229 -4.50 -23.44 -22.52
C HIS C 229 -4.03 -22.32 -23.43
N LEU C 230 -4.39 -21.08 -23.11
CA LEU C 230 -3.99 -19.95 -23.94
C LEU C 230 -2.48 -19.84 -24.01
N LYS C 231 -1.80 -19.95 -22.87
CA LYS C 231 -0.34 -19.87 -22.87
C LYS C 231 0.28 -21.03 -23.65
N ALA C 232 -0.20 -22.25 -23.38
CA ALA C 232 0.34 -23.42 -24.05
C ALA C 232 0.24 -23.29 -25.56
N ILE C 233 -0.87 -22.73 -26.06
CA ILE C 233 -1.00 -22.55 -27.50
C ILE C 233 -0.26 -21.31 -28.00
N MET C 234 -0.02 -20.32 -27.14
CA MET C 234 0.79 -19.18 -27.55
C MET C 234 2.18 -19.63 -27.94
N LYS C 235 2.70 -20.64 -27.25
CA LYS C 235 4.04 -21.12 -27.60
C LYS C 235 4.17 -21.51 -29.08
N PRO C 236 3.31 -22.36 -29.64
CA PRO C 236 3.46 -22.73 -31.07
C PRO C 236 2.90 -21.71 -32.05
N LEU C 237 2.11 -20.74 -31.59
CA LEU C 237 1.54 -19.75 -32.51
C LEU C 237 2.62 -18.94 -33.21
N MET C 238 3.62 -18.48 -32.45
CA MET C 238 4.70 -17.71 -33.05
C MET C 238 5.46 -18.54 -34.08
N GLU C 239 5.80 -19.79 -33.72
CA GLU C 239 6.48 -20.65 -34.67
C GLU C 239 5.63 -20.85 -35.91
N LEU C 240 4.31 -20.85 -35.77
CA LEU C 240 3.45 -20.86 -36.94
C LEU C 240 3.64 -19.60 -37.77
N SER C 241 3.81 -18.46 -37.10
CA SER C 241 4.07 -17.22 -37.83
C SER C 241 5.48 -17.15 -38.38
N ALA C 242 6.47 -17.59 -37.59
CA ALA C 242 7.86 -17.49 -38.00
C ALA C 242 8.15 -18.40 -39.18
N THR C 243 8.87 -17.87 -40.16
CA THR C 243 9.29 -18.64 -41.32
C THR C 243 9.98 -17.74 -42.33
N GLY C 313 8.95 -13.55 -47.94
CA GLY C 313 8.56 -14.02 -46.64
C GLY C 313 7.39 -14.99 -46.70
N LEU C 314 6.42 -14.77 -45.82
CA LEU C 314 5.24 -15.64 -45.78
C LEU C 314 4.41 -15.47 -47.04
N THR C 315 3.95 -16.60 -47.59
CA THR C 315 2.99 -16.57 -48.67
C THR C 315 1.60 -16.25 -48.12
N LYS C 316 0.72 -15.78 -49.02
CA LYS C 316 -0.57 -15.27 -48.58
C LYS C 316 -1.32 -16.30 -47.75
N LYS C 317 -1.23 -17.58 -48.11
CA LYS C 317 -1.86 -18.62 -47.31
C LYS C 317 -1.31 -18.61 -45.88
N GLN C 318 0.00 -18.45 -45.74
CA GLN C 318 0.59 -18.40 -44.40
C GLN C 318 0.07 -17.21 -43.62
N GLU C 319 -0.05 -16.05 -44.28
CA GLU C 319 -0.56 -14.88 -43.57
C GLU C 319 -2.00 -15.06 -43.14
N MET C 320 -2.83 -15.68 -43.99
CA MET C 320 -4.19 -15.98 -43.57
C MET C 320 -4.20 -16.92 -42.37
N LEU C 321 -3.33 -17.92 -42.38
CA LEU C 321 -3.28 -18.86 -41.26
C LEU C 321 -2.87 -18.17 -39.97
N VAL C 322 -1.88 -17.28 -40.05
CA VAL C 322 -1.45 -16.55 -38.86
C VAL C 322 -2.56 -15.64 -38.36
N ARG C 323 -3.26 -14.98 -39.29
CA ARG C 323 -4.36 -14.12 -38.90
C ARG C 323 -5.45 -14.92 -38.20
N SER C 324 -5.77 -16.09 -38.72
CA SER C 324 -6.77 -16.94 -38.09
C SER C 324 -6.34 -17.36 -36.69
N ALA C 325 -5.07 -17.73 -36.53
CA ALA C 325 -4.59 -18.14 -35.21
C ALA C 325 -4.65 -16.98 -34.23
N ILE C 326 -4.25 -15.78 -34.66
CA ILE C 326 -4.29 -14.62 -33.79
C ILE C 326 -5.73 -14.28 -33.41
N LYS C 327 -6.64 -14.36 -34.38
CA LYS C 327 -8.05 -14.14 -34.11
C LYS C 327 -8.56 -15.12 -33.06
N TYR C 328 -8.23 -16.40 -33.22
CA TYR C 328 -8.63 -17.40 -32.24
C TYR C 328 -8.10 -17.04 -30.86
N TRP C 329 -6.82 -16.72 -30.76
CA TRP C 329 -6.22 -16.44 -29.45
C TRP C 329 -6.90 -15.24 -28.79
N VAL C 330 -7.07 -14.15 -29.53
CA VAL C 330 -7.64 -12.94 -28.95
C VAL C 330 -9.08 -13.18 -28.54
N GLU C 331 -9.85 -13.86 -29.39
CA GLU C 331 -11.25 -14.12 -29.05
C GLU C 331 -11.38 -15.00 -27.83
N ARG C 332 -10.53 -16.02 -27.70
CA ARG C 332 -10.59 -16.88 -26.51
C ARG C 332 -10.23 -16.09 -25.27
N HIS C 333 -9.21 -15.24 -25.35
CA HIS C 333 -8.85 -14.42 -24.20
C HIS C 333 -10.01 -13.51 -23.79
N LYS C 334 -10.66 -12.90 -24.78
CA LYS C 334 -11.81 -12.05 -24.49
C LYS C 334 -12.94 -12.85 -23.85
N HIS C 335 -13.14 -14.09 -24.30
CA HIS C 335 -14.16 -14.95 -23.70
C HIS C 335 -13.85 -15.23 -22.23
N VAL C 336 -12.59 -15.50 -21.92
CA VAL C 336 -12.22 -15.72 -20.52
C VAL C 336 -12.46 -14.46 -19.71
N VAL C 337 -12.16 -13.30 -20.28
CA VAL C 337 -12.41 -12.04 -19.58
C VAL C 337 -13.90 -11.89 -19.28
N ARG C 338 -14.74 -12.20 -20.27
CA ARG C 338 -16.19 -12.13 -20.07
C ARG C 338 -16.62 -13.05 -18.94
N LEU C 339 -16.09 -14.28 -18.91
CA LEU C 339 -16.47 -15.20 -17.86
C LEU C 339 -16.07 -14.68 -16.49
N VAL C 340 -14.88 -14.09 -16.39
CA VAL C 340 -14.43 -13.57 -15.10
C VAL C 340 -15.33 -12.42 -14.65
N THR C 341 -15.68 -11.52 -15.57
CA THR C 341 -16.58 -10.43 -15.21
C THR C 341 -17.93 -10.96 -14.76
N ALA C 342 -18.45 -11.97 -15.45
CA ALA C 342 -19.74 -12.54 -15.05
C ALA C 342 -19.68 -13.12 -13.65
N VAL C 343 -18.60 -13.86 -13.35
CA VAL C 343 -18.45 -14.42 -12.01
C VAL C 343 -18.40 -13.31 -10.97
N GLY C 344 -17.66 -12.25 -11.26
CA GLY C 344 -17.58 -11.14 -10.32
C GLY C 344 -18.93 -10.52 -10.05
N ASP C 345 -19.69 -10.24 -11.12
CA ASP C 345 -21.04 -9.72 -10.93
C ASP C 345 -21.89 -10.66 -10.10
N ALA C 346 -21.79 -11.97 -10.36
CA ALA C 346 -22.63 -12.92 -9.65
C ALA C 346 -22.32 -12.94 -8.16
N TYR C 347 -21.04 -12.91 -7.78
CA TYR C 347 -20.67 -13.27 -6.41
C TYR C 347 -20.02 -12.16 -5.59
N GLY C 348 -19.91 -10.93 -6.09
CA GLY C 348 -19.26 -9.89 -5.32
C GLY C 348 -19.98 -9.56 -4.02
N VAL C 349 -21.30 -9.37 -4.09
CA VAL C 349 -22.04 -9.01 -2.89
C VAL C 349 -22.04 -10.17 -1.91
N ALA C 350 -22.06 -11.41 -2.40
CA ALA C 350 -21.96 -12.56 -1.52
C ALA C 350 -20.64 -12.54 -0.77
N LEU C 351 -19.54 -12.26 -1.47
CA LEU C 351 -18.25 -12.16 -0.79
C LEU C 351 -18.27 -11.06 0.26
N LEU C 352 -18.83 -9.91 -0.09
CA LEU C 352 -18.88 -8.80 0.86
C LEU C 352 -19.62 -9.20 2.13
N LEU C 353 -20.79 -9.83 1.98
CA LEU C 353 -21.57 -10.23 3.14
C LEU C 353 -20.83 -11.29 3.95
N HIS C 354 -20.20 -12.25 3.27
CA HIS C 354 -19.46 -13.29 3.97
C HIS C 354 -18.38 -12.69 4.85
N MET C 355 -17.56 -11.80 4.29
CA MET C 355 -16.49 -11.20 5.08
C MET C 355 -17.03 -10.29 6.17
N LEU C 356 -18.17 -9.62 5.92
CA LEU C 356 -18.77 -8.79 6.95
C LEU C 356 -19.15 -9.64 8.16
N THR C 357 -19.77 -10.80 7.93
CA THR C 357 -20.11 -11.67 9.05
C THR C 357 -18.85 -12.23 9.71
N THR C 358 -17.88 -12.63 8.89
CA THR C 358 -16.64 -13.19 9.43
C THR C 358 -16.00 -12.22 10.42
N THR C 359 -15.79 -10.97 10.02
CA THR C 359 -15.14 -10.00 10.91
C THR C 359 -15.64 -10.09 12.35
N ILE C 360 -16.95 -9.99 12.56
CA ILE C 360 -17.49 -10.06 13.90
C ILE C 360 -17.29 -11.44 14.50
N THR C 361 -17.45 -12.49 13.68
CA THR C 361 -17.23 -13.84 14.20
C THR C 361 -15.83 -13.98 14.77
N LEU C 362 -14.83 -13.54 14.01
CA LEU C 362 -13.43 -13.63 14.44
C LEU C 362 -13.16 -12.76 15.65
N THR C 363 -13.76 -11.58 15.73
CA THR C 363 -13.58 -10.75 16.92
C THR C 363 -14.06 -11.48 18.17
N LEU C 364 -15.28 -12.00 18.13
CA LEU C 364 -15.81 -12.72 19.28
C LEU C 364 -14.99 -13.97 19.57
N LEU C 365 -14.49 -14.62 18.52
CA LEU C 365 -13.70 -15.83 18.71
C LEU C 365 -12.36 -15.51 19.37
N ALA C 366 -11.75 -14.38 19.02
CA ALA C 366 -10.54 -13.97 19.71
C ALA C 366 -10.81 -13.71 21.19
N TYR C 367 -11.90 -13.03 21.49
CA TYR C 367 -12.23 -12.84 22.90
C TYR C 367 -12.42 -14.18 23.61
N GLN C 368 -13.05 -15.14 22.92
CA GLN C 368 -13.26 -16.45 23.54
C GLN C 368 -11.95 -17.18 23.75
N ALA C 369 -11.06 -17.17 22.76
CA ALA C 369 -9.77 -17.82 22.89
C ALA C 369 -8.97 -17.21 24.03
N THR C 370 -9.20 -15.95 24.35
CA THR C 370 -8.52 -15.35 25.49
C THR C 370 -8.79 -16.10 26.79
N LYS C 371 -9.89 -16.86 26.87
CA LYS C 371 -10.27 -17.54 28.10
C LYS C 371 -9.85 -19.00 28.15
N VAL C 372 -9.14 -19.49 27.14
CA VAL C 372 -8.75 -20.91 27.11
C VAL C 372 -7.70 -21.18 28.17
N ASN C 373 -7.83 -22.33 28.84
CA ASN C 373 -6.82 -22.75 29.82
C ASN C 373 -6.81 -24.29 29.84
N GLY C 374 -5.92 -24.88 29.06
CA GLY C 374 -5.78 -26.32 29.02
C GLY C 374 -6.10 -26.91 27.67
N VAL C 375 -6.41 -28.22 27.64
CA VAL C 375 -6.75 -28.92 26.42
C VAL C 375 -8.12 -29.54 26.57
N ASN C 376 -8.99 -28.89 27.34
CA ASN C 376 -10.31 -29.42 27.64
C ASN C 376 -11.24 -29.18 26.45
N VAL C 377 -12.54 -29.38 26.66
CA VAL C 377 -13.50 -29.30 25.56
C VAL C 377 -13.55 -27.88 24.99
N TYR C 378 -13.55 -26.87 25.87
CA TYR C 378 -13.67 -25.48 25.45
C TYR C 378 -12.63 -25.15 24.38
N ALA C 379 -11.38 -25.54 24.62
CA ALA C 379 -10.32 -25.25 23.66
C ALA C 379 -10.63 -25.90 22.32
N ALA C 380 -11.11 -27.15 22.35
CA ALA C 380 -11.43 -27.83 21.09
C ALA C 380 -12.51 -27.09 20.32
N THR C 381 -13.56 -26.65 21.01
CA THR C 381 -14.64 -25.94 20.33
C THR C 381 -14.14 -24.64 19.71
N VAL C 382 -13.35 -23.87 20.47
CA VAL C 382 -12.86 -22.61 19.96
C VAL C 382 -11.96 -22.83 18.75
N ILE C 383 -11.05 -23.81 18.84
CA ILE C 383 -10.14 -24.07 17.74
C ILE C 383 -10.91 -24.51 16.51
N GLY C 384 -11.97 -25.31 16.70
CA GLY C 384 -12.78 -25.72 15.57
C GLY C 384 -13.48 -24.56 14.90
N TYR C 385 -14.04 -23.65 15.69
CA TYR C 385 -14.69 -22.48 15.12
C TYR C 385 -13.70 -21.67 14.30
N LEU C 386 -12.54 -21.36 14.88
CA LEU C 386 -11.54 -20.58 14.15
C LEU C 386 -11.11 -21.30 12.88
N LEU C 387 -10.89 -22.61 12.97
CA LEU C 387 -10.46 -23.37 11.80
C LEU C 387 -11.50 -23.30 10.69
N TYR C 388 -12.78 -23.47 11.02
CA TYR C 388 -13.80 -23.45 9.98
C TYR C 388 -13.89 -22.07 9.33
N THR C 389 -13.93 -21.01 10.13
CA THR C 389 -14.04 -19.67 9.58
C THR C 389 -12.86 -19.35 8.68
N LEU C 390 -11.64 -19.53 9.20
CA LEU C 390 -10.46 -19.24 8.42
C LEU C 390 -10.36 -20.17 7.21
N GLY C 391 -10.93 -21.37 7.29
CA GLY C 391 -10.92 -22.24 6.12
C GLY C 391 -11.79 -21.73 5.00
N GLN C 392 -12.98 -21.22 5.33
CA GLN C 392 -13.81 -20.60 4.30
C GLN C 392 -13.08 -19.43 3.66
N VAL C 393 -12.55 -18.53 4.49
CA VAL C 393 -11.84 -17.37 3.95
C VAL C 393 -10.66 -17.82 3.10
N PHE C 394 -9.93 -18.85 3.57
CA PHE C 394 -8.74 -19.30 2.86
C PHE C 394 -9.09 -19.91 1.52
N LEU C 395 -10.20 -20.66 1.45
CA LEU C 395 -10.63 -21.20 0.16
C LEU C 395 -10.88 -20.08 -0.84
N PHE C 396 -11.68 -19.09 -0.43
CA PHE C 396 -11.94 -17.96 -1.33
C PHE C 396 -10.63 -17.33 -1.79
N CYS C 397 -9.75 -17.05 -0.82
CA CYS C 397 -8.52 -16.33 -1.11
C CYS C 397 -7.60 -17.12 -2.02
N ILE C 398 -7.46 -18.43 -1.79
CA ILE C 398 -6.54 -19.23 -2.59
C ILE C 398 -7.00 -19.25 -4.04
N PHE C 399 -8.31 -19.41 -4.26
CA PHE C 399 -8.75 -19.48 -5.65
C PHE C 399 -8.66 -18.12 -6.35
N GLY C 400 -8.99 -17.04 -5.63
CA GLY C 400 -8.77 -15.72 -6.21
C GLY C 400 -7.32 -15.48 -6.56
N ASN C 401 -6.41 -15.88 -5.66
CA ASN C 401 -4.98 -15.70 -5.90
C ASN C 401 -4.53 -16.49 -7.11
N ARG C 402 -5.03 -17.72 -7.27
CA ARG C 402 -4.67 -18.50 -8.44
C ARG C 402 -5.12 -17.80 -9.72
N LEU C 403 -6.34 -17.23 -9.72
CA LEU C 403 -6.78 -16.48 -10.89
C LEU C 403 -5.82 -15.35 -11.21
N ILE C 404 -5.45 -14.58 -10.18
CA ILE C 404 -4.55 -13.45 -10.37
C ILE C 404 -3.23 -13.92 -10.97
N GLU C 405 -2.68 -15.00 -10.41
CA GLU C 405 -1.37 -15.47 -10.83
C GLU C 405 -1.39 -15.93 -12.29
N GLU C 406 -2.41 -16.69 -12.69
CA GLU C 406 -2.45 -17.14 -14.08
C GLU C 406 -2.63 -15.97 -15.04
N SER C 407 -3.52 -15.03 -14.69
CA SER C 407 -3.72 -13.86 -15.55
C SER C 407 -2.41 -13.10 -15.72
N SER C 408 -1.66 -12.90 -14.62
CA SER C 408 -0.39 -12.20 -14.73
C SER C 408 0.61 -12.99 -15.58
N SER C 409 0.73 -14.29 -15.32
CA SER C 409 1.72 -15.10 -16.01
C SER C 409 1.46 -15.22 -17.49
N VAL C 410 0.25 -14.84 -17.95
CA VAL C 410 0.04 -14.77 -19.39
C VAL C 410 1.10 -13.91 -20.06
N MET C 411 1.53 -12.83 -19.38
CA MET C 411 2.54 -11.95 -19.95
C MET C 411 3.88 -12.66 -20.11
N GLU C 412 4.29 -13.40 -19.07
CA GLU C 412 5.52 -14.17 -19.18
C GLU C 412 5.45 -15.17 -20.31
N ALA C 413 4.31 -15.84 -20.46
CA ALA C 413 4.16 -16.80 -21.55
C ALA C 413 4.23 -16.11 -22.90
N ALA C 414 3.74 -14.87 -22.98
CA ALA C 414 3.80 -14.13 -24.24
C ALA C 414 5.22 -13.67 -24.55
N TYR C 415 6.01 -13.36 -23.52
CA TYR C 415 7.39 -12.93 -23.75
C TYR C 415 8.28 -14.09 -24.15
N SER C 416 7.96 -15.30 -23.70
CA SER C 416 8.87 -16.44 -23.80
C SER C 416 8.80 -17.18 -25.12
N CYS C 417 7.92 -16.79 -26.04
CA CYS C 417 7.92 -17.40 -27.35
C CYS C 417 9.07 -16.82 -28.18
N HIS C 418 9.20 -17.31 -29.41
CA HIS C 418 10.25 -16.82 -30.31
C HIS C 418 9.68 -15.70 -31.19
N TRP C 419 9.27 -14.62 -30.52
CA TRP C 419 8.69 -13.50 -31.26
C TRP C 419 9.73 -12.78 -32.11
N TYR C 420 10.98 -12.73 -31.65
CA TYR C 420 12.01 -12.04 -32.42
C TYR C 420 12.18 -12.63 -33.80
N ASP C 421 11.78 -13.88 -34.01
CA ASP C 421 11.85 -14.51 -35.32
C ASP C 421 10.54 -14.42 -36.08
N GLY C 422 9.47 -13.92 -35.46
CA GLY C 422 8.17 -13.87 -36.10
C GLY C 422 8.04 -12.70 -37.07
N SER C 423 6.83 -12.56 -37.61
CA SER C 423 6.53 -11.50 -38.55
C SER C 423 6.03 -10.27 -37.80
N GLU C 424 5.61 -9.24 -38.55
CA GLU C 424 5.23 -7.98 -37.93
C GLU C 424 3.88 -8.06 -37.24
N GLU C 425 2.91 -8.72 -37.87
CA GLU C 425 1.60 -8.86 -37.23
C GLU C 425 1.72 -9.64 -35.94
N ALA C 426 2.51 -10.72 -35.94
CA ALA C 426 2.70 -11.50 -34.73
C ALA C 426 3.36 -10.68 -33.63
N LYS C 427 4.35 -9.86 -34.01
CA LYS C 427 5.02 -9.03 -33.00
C LYS C 427 4.08 -7.98 -32.43
N THR C 428 3.26 -7.35 -33.26
CA THR C 428 2.29 -6.39 -32.74
C THR C 428 1.26 -7.07 -31.85
N PHE C 429 0.86 -8.29 -32.22
CA PHE C 429 -0.05 -9.06 -31.37
C PHE C 429 0.59 -9.34 -30.01
N VAL C 430 1.87 -9.69 -30.01
CA VAL C 430 2.57 -9.94 -28.74
C VAL C 430 2.62 -8.66 -27.91
N GLN C 431 2.92 -7.53 -28.55
CA GLN C 431 3.01 -6.26 -27.82
C GLN C 431 1.67 -5.91 -27.17
N ILE C 432 0.58 -6.04 -27.95
CA ILE C 432 -0.73 -5.69 -27.42
C ILE C 432 -1.13 -6.64 -26.29
N VAL C 433 -0.81 -7.92 -26.45
CA VAL C 433 -1.15 -8.88 -25.39
C VAL C 433 -0.38 -8.57 -24.12
N CYS C 434 0.89 -8.20 -24.24
CA CYS C 434 1.65 -7.81 -23.04
C CYS C 434 1.03 -6.58 -22.39
N GLN C 435 0.69 -5.57 -23.20
CA GLN C 435 0.01 -4.39 -22.66
C GLN C 435 -1.21 -4.80 -21.87
N GLN C 436 -2.03 -5.69 -22.44
CA GLN C 436 -3.24 -6.12 -21.75
C GLN C 436 -2.93 -6.85 -20.45
N CYS C 437 -1.93 -7.74 -20.49
CA CYS C 437 -1.59 -8.54 -19.32
C CYS C 437 -0.87 -7.73 -18.25
N GLN C 438 -0.53 -6.47 -18.52
CA GLN C 438 0.06 -5.63 -17.49
C GLN C 438 -0.79 -5.61 -16.23
N LYS C 439 -2.11 -5.73 -16.37
CA LYS C 439 -3.02 -5.79 -15.24
C LYS C 439 -3.61 -7.20 -15.12
N ALA C 440 -3.79 -7.66 -13.88
CA ALA C 440 -4.18 -9.03 -13.61
C ALA C 440 -5.67 -9.12 -13.31
N MET C 441 -6.31 -10.15 -13.87
CA MET C 441 -7.70 -10.42 -13.55
C MET C 441 -7.84 -10.73 -12.07
N SER C 442 -8.94 -10.30 -11.48
CA SER C 442 -9.19 -10.56 -10.06
C SER C 442 -10.69 -10.43 -9.81
N ILE C 443 -11.11 -10.94 -8.65
CA ILE C 443 -12.49 -10.85 -8.19
C ILE C 443 -12.50 -9.94 -6.97
N SER C 444 -13.37 -8.95 -6.98
CA SER C 444 -13.49 -7.99 -5.91
C SER C 444 -14.81 -8.17 -5.18
N GLY C 445 -14.79 -7.94 -3.86
CA GLY C 445 -15.98 -8.03 -3.07
C GLY C 445 -16.79 -6.75 -3.11
N ALA C 446 -17.44 -6.49 -4.24
CA ALA C 446 -18.21 -5.27 -4.46
C ALA C 446 -17.29 -4.05 -4.49
N LYS C 447 -16.12 -4.21 -5.11
CA LYS C 447 -15.11 -3.16 -5.24
C LYS C 447 -14.55 -2.71 -3.92
N PHE C 448 -14.94 -3.34 -2.81
CA PHE C 448 -14.45 -2.97 -1.49
C PHE C 448 -13.16 -3.68 -1.11
N PHE C 449 -12.78 -4.72 -1.85
CA PHE C 449 -11.53 -5.43 -1.63
C PHE C 449 -11.40 -6.45 -2.75
N THR C 450 -10.26 -7.14 -2.78
CA THR C 450 -10.02 -8.24 -3.70
C THR C 450 -9.76 -9.50 -2.91
N VAL C 451 -10.22 -10.63 -3.45
CA VAL C 451 -10.01 -11.93 -2.82
C VAL C 451 -8.66 -12.45 -3.28
N SER C 452 -7.71 -12.50 -2.36
CA SER C 452 -6.37 -13.01 -2.63
C SER C 452 -5.75 -13.38 -1.30
N LEU C 453 -4.63 -14.11 -1.37
CA LEU C 453 -3.96 -14.52 -0.15
C LEU C 453 -3.53 -13.33 0.69
N ASP C 454 -3.39 -12.15 0.08
CA ASP C 454 -3.12 -10.95 0.86
C ASP C 454 -4.28 -10.63 1.79
N LEU C 455 -5.51 -10.80 1.32
CA LEU C 455 -6.67 -10.57 2.19
C LEU C 455 -6.68 -11.55 3.35
N PHE C 456 -6.38 -12.82 3.08
CA PHE C 456 -6.32 -13.80 4.16
C PHE C 456 -5.23 -13.45 5.17
N ALA C 457 -4.07 -13.04 4.68
CA ALA C 457 -2.99 -12.66 5.58
C ALA C 457 -3.38 -11.46 6.43
N SER C 458 -4.05 -10.47 5.84
CA SER C 458 -4.48 -9.31 6.60
C SER C 458 -5.50 -9.70 7.66
N VAL C 459 -6.46 -10.57 7.32
CA VAL C 459 -7.44 -11.01 8.30
C VAL C 459 -6.76 -11.73 9.45
N LEU C 460 -5.84 -12.63 9.12
CA LEU C 460 -5.14 -13.39 10.16
C LEU C 460 -4.33 -12.46 11.05
N GLY C 461 -3.62 -11.50 10.46
CA GLY C 461 -2.87 -10.55 11.25
C GLY C 461 -3.75 -9.72 12.16
N ALA C 462 -4.90 -9.29 11.65
CA ALA C 462 -5.81 -8.50 12.46
C ALA C 462 -6.31 -9.30 13.66
N VAL C 463 -6.69 -10.56 13.45
CA VAL C 463 -7.19 -11.36 14.56
C VAL C 463 -6.08 -11.62 15.57
N VAL C 464 -4.86 -11.90 15.09
CA VAL C 464 -3.75 -12.17 16.00
C VAL C 464 -3.43 -10.91 16.83
N THR C 465 -3.41 -9.75 16.18
CA THR C 465 -3.13 -8.51 16.89
C THR C 465 -4.20 -8.22 17.93
N TYR C 466 -5.47 -8.42 17.56
CA TYR C 466 -6.54 -8.21 18.53
C TYR C 466 -6.40 -9.14 19.72
N PHE C 467 -6.04 -10.40 19.46
CA PHE C 467 -5.84 -11.34 20.56
C PHE C 467 -4.69 -10.89 21.47
N MET C 468 -3.59 -10.43 20.89
CA MET C 468 -2.46 -9.98 21.69
C MET C 468 -2.85 -8.80 22.56
N VAL C 469 -3.55 -7.83 21.98
CA VAL C 469 -3.99 -6.67 22.75
C VAL C 469 -4.91 -7.12 23.88
N LEU C 470 -5.83 -8.05 23.58
CA LEU C 470 -6.78 -8.51 24.59
C LEU C 470 -6.06 -9.17 25.76
N VAL C 471 -5.09 -10.04 25.46
CA VAL C 471 -4.38 -10.72 26.54
C VAL C 471 -3.57 -9.70 27.35
N GLN C 472 -3.02 -8.68 26.68
CA GLN C 472 -2.28 -7.66 27.41
C GLN C 472 -3.19 -6.89 28.35
N LEU C 473 -4.39 -6.53 27.89
CA LEU C 473 -5.34 -5.80 28.72
C LEU C 473 -5.88 -6.69 29.84
N LYS D 4 -26.62 30.15 -19.98
CA LYS D 4 -27.49 28.95 -19.90
C LYS D 4 -27.46 28.17 -21.21
N HIS D 5 -27.18 28.89 -22.30
CA HIS D 5 -27.29 28.33 -23.64
C HIS D 5 -26.01 27.63 -24.09
N GLN D 6 -25.17 27.19 -23.16
CA GLN D 6 -23.94 26.50 -23.49
C GLN D 6 -23.82 25.24 -22.64
N GLY D 7 -23.16 24.23 -23.21
CA GLY D 7 -23.11 22.93 -22.56
C GLY D 7 -22.43 23.00 -21.21
N LEU D 8 -22.82 22.06 -20.34
CA LEU D 8 -22.29 21.83 -19.01
C LEU D 8 -22.79 22.86 -18.01
N VAL D 9 -23.51 23.89 -18.43
CA VAL D 9 -24.16 24.81 -17.51
C VAL D 9 -25.65 24.74 -17.79
N ALA D 10 -26.01 24.39 -19.03
CA ALA D 10 -27.39 24.02 -19.31
C ALA D 10 -27.76 22.72 -18.61
N ASP D 11 -26.85 21.75 -18.61
CA ASP D 11 -27.13 20.44 -18.03
C ASP D 11 -27.21 20.52 -16.52
N LEU D 12 -26.38 21.36 -15.90
CA LEU D 12 -26.32 21.45 -14.44
C LEU D 12 -27.16 22.60 -13.90
N LEU D 13 -28.02 23.18 -14.72
CA LEU D 13 -28.74 24.39 -14.31
C LEU D 13 -29.55 24.21 -13.03
N PRO D 14 -30.27 23.11 -12.81
CA PRO D 14 -30.98 22.95 -11.54
C PRO D 14 -30.07 23.05 -10.32
N ASN D 15 -28.87 22.46 -10.39
CA ASN D 15 -27.94 22.55 -9.27
C ASN D 15 -27.51 23.99 -9.05
N ILE D 16 -27.19 24.71 -10.13
CA ILE D 16 -26.78 26.10 -10.00
C ILE D 16 -27.89 26.93 -9.38
N ARG D 17 -29.13 26.72 -9.83
CA ARG D 17 -30.25 27.48 -9.29
C ARG D 17 -30.47 27.16 -7.82
N VAL D 18 -30.36 25.89 -7.43
CA VAL D 18 -30.49 25.54 -6.02
C VAL D 18 -29.41 26.23 -5.19
N MET D 19 -28.17 26.17 -5.68
CA MET D 19 -27.06 26.81 -4.99
C MET D 19 -27.31 28.29 -4.79
N GLN D 20 -27.67 28.99 -5.86
CA GLN D 20 -27.96 30.41 -5.75
C GLN D 20 -29.11 30.66 -4.79
N GLY D 21 -30.15 29.82 -4.85
CA GLY D 21 -31.30 30.02 -3.99
C GLY D 21 -30.95 29.94 -2.52
N VAL D 22 -30.08 28.99 -2.15
CA VAL D 22 -29.74 28.86 -0.73
C VAL D 22 -28.71 29.87 -0.27
N GLY D 23 -28.17 30.69 -1.19
CA GLY D 23 -27.23 31.72 -0.82
C GLY D 23 -25.78 31.31 -1.04
N HIS D 24 -25.49 30.71 -2.19
CA HIS D 24 -24.16 30.21 -2.50
C HIS D 24 -23.44 31.15 -3.47
N PHE D 25 -23.66 32.45 -3.32
CA PHE D 25 -23.00 33.47 -4.15
C PHE D 25 -23.20 33.09 -5.62
N MET D 26 -22.15 33.01 -6.42
CA MET D 26 -22.27 32.62 -7.83
C MET D 26 -23.16 33.59 -8.60
N PHE D 27 -22.72 34.85 -8.64
CA PHE D 27 -23.43 35.88 -9.39
C PHE D 27 -22.92 35.87 -10.83
N ASN D 28 -23.28 34.81 -11.55
CA ASN D 28 -22.79 34.62 -12.91
C ASN D 28 -23.84 34.22 -13.91
N TYR D 29 -24.97 33.63 -13.50
CA TYR D 29 -25.83 32.94 -14.45
C TYR D 29 -27.27 33.44 -14.39
N TYR D 30 -27.46 34.75 -14.43
CA TYR D 30 -28.79 35.33 -14.57
C TYR D 30 -28.62 36.74 -15.14
N SER D 31 -29.75 37.39 -15.40
CA SER D 31 -29.73 38.76 -15.89
C SER D 31 -29.16 39.70 -14.84
N GLU D 32 -28.50 40.77 -15.31
CA GLU D 32 -27.83 41.68 -14.40
C GLU D 32 -28.79 42.33 -13.41
N GLY D 33 -30.07 42.42 -13.75
CA GLY D 33 -31.01 43.05 -12.84
C GLY D 33 -31.05 42.39 -11.48
N LYS D 34 -30.95 41.06 -11.44
CA LYS D 34 -30.97 40.32 -10.20
C LYS D 34 -29.61 40.29 -9.50
N LYS D 35 -28.58 40.87 -10.10
CA LYS D 35 -27.24 40.80 -9.52
C LYS D 35 -27.20 41.47 -8.16
N PHE D 36 -27.81 42.65 -8.03
CA PHE D 36 -27.68 43.41 -6.80
C PHE D 36 -28.57 42.84 -5.70
N PRO D 37 -29.86 42.57 -5.96
CA PRO D 37 -30.68 41.94 -4.91
C PRO D 37 -30.07 40.65 -4.39
N HIS D 38 -29.78 39.72 -5.30
CA HIS D 38 -29.26 38.42 -4.89
C HIS D 38 -28.07 38.57 -3.96
N ARG D 39 -27.10 39.40 -4.35
CA ARG D 39 -25.92 39.59 -3.52
C ARG D 39 -26.32 39.92 -2.09
N ILE D 40 -27.20 40.90 -1.91
CA ILE D 40 -27.59 41.29 -0.57
C ILE D 40 -28.09 40.07 0.18
N TYR D 41 -29.00 39.32 -0.44
CA TYR D 41 -29.54 38.13 0.20
C TYR D 41 -28.40 37.25 0.67
N CYS D 42 -27.46 36.94 -0.23
CA CYS D 42 -26.35 36.07 0.14
C CYS D 42 -25.70 36.57 1.42
N ILE D 43 -25.34 37.85 1.45
CA ILE D 43 -24.64 38.37 2.62
C ILE D 43 -25.44 38.09 3.86
N VAL D 44 -26.74 38.43 3.84
CA VAL D 44 -27.55 38.25 5.03
C VAL D 44 -27.47 36.81 5.48
N THR D 45 -27.67 35.87 4.55
CA THR D 45 -27.64 34.47 4.93
C THR D 45 -26.34 34.17 5.67
N LEU D 46 -25.21 34.52 5.05
CA LEU D 46 -23.93 34.27 5.70
C LEU D 46 -23.93 34.86 7.09
N LEU D 47 -24.27 36.15 7.17
CA LEU D 47 -24.35 36.80 8.48
C LEU D 47 -25.12 35.92 9.44
N LEU D 48 -26.37 35.60 9.08
CA LEU D 48 -27.20 34.81 9.98
C LEU D 48 -26.47 33.55 10.39
N LEU D 49 -25.98 32.79 9.40
CA LEU D 49 -25.23 31.58 9.71
C LEU D 49 -24.20 31.87 10.78
N LEU D 50 -23.27 32.77 10.48
CA LEU D 50 -22.19 33.04 11.42
C LEU D 50 -22.74 33.38 12.79
N LEU D 51 -23.77 34.23 12.84
CA LEU D 51 -24.30 34.63 14.13
C LEU D 51 -24.68 33.40 14.95
N GLN D 52 -25.50 32.53 14.35
CA GLN D 52 -25.89 31.31 15.07
C GLN D 52 -24.65 30.54 15.49
N TYR D 53 -23.70 30.36 14.58
CA TYR D 53 -22.47 29.66 14.92
C TYR D 53 -21.84 30.28 16.16
N GLY D 54 -21.67 31.59 16.16
CA GLY D 54 -21.09 32.23 17.32
C GLY D 54 -21.90 31.95 18.57
N MET D 55 -23.21 32.07 18.47
CA MET D 55 -24.06 31.85 19.63
C MET D 55 -23.92 30.42 20.15
N MET D 56 -23.57 29.48 19.28
CA MET D 56 -23.28 28.13 19.74
C MET D 56 -21.95 28.08 20.46
N ALA D 57 -20.92 28.71 19.89
CA ALA D 57 -19.59 28.63 20.47
C ALA D 57 -19.59 29.18 21.89
N VAL D 58 -20.29 30.30 22.11
CA VAL D 58 -20.37 30.85 23.45
C VAL D 58 -20.90 29.80 24.42
N ASN D 59 -21.94 29.08 24.02
CA ASN D 59 -22.47 28.02 24.88
C ASN D 59 -21.37 27.01 25.23
N LEU D 60 -20.57 26.63 24.23
CA LEU D 60 -19.46 25.71 24.48
C LEU D 60 -18.58 26.19 25.62
N MET D 61 -18.41 27.51 25.75
CA MET D 61 -17.56 28.02 26.83
C MET D 61 -18.14 27.71 28.19
N MET D 62 -19.46 27.86 28.36
CA MET D 62 -20.05 27.60 29.67
C MET D 62 -20.35 26.12 29.88
N GLU D 63 -20.19 25.29 28.86
CA GLU D 63 -20.38 23.84 28.97
C GLU D 63 -19.07 23.11 28.73
N SER D 64 -17.99 23.62 29.32
CA SER D 64 -16.67 23.02 29.17
C SER D 64 -16.17 22.37 30.46
N ASP D 65 -16.76 22.71 31.61
CA ASP D 65 -16.35 22.06 32.85
C ASP D 65 -16.59 20.57 32.80
N ASP D 66 -17.73 20.15 32.26
CA ASP D 66 -17.99 18.74 32.04
C ASP D 66 -17.36 18.30 30.71
N VAL D 67 -17.18 16.99 30.56
CA VAL D 67 -16.43 16.44 29.44
C VAL D 67 -17.36 15.86 28.37
N ASP D 68 -18.45 15.22 28.77
CA ASP D 68 -19.35 14.61 27.79
C ASP D 68 -20.04 15.69 26.96
N ASP D 69 -20.63 16.69 27.61
CA ASP D 69 -21.26 17.76 26.87
C ASP D 69 -20.24 18.52 26.03
N LEU D 70 -18.99 18.57 26.48
CA LEU D 70 -17.94 19.15 25.65
C LEU D 70 -17.81 18.37 24.34
N THR D 71 -17.84 17.05 24.41
CA THR D 71 -17.74 16.24 23.20
C THR D 71 -18.95 16.46 22.30
N ALA D 72 -20.15 16.50 22.88
CA ALA D 72 -21.35 16.73 22.08
C ALA D 72 -21.29 18.08 21.38
N ASN D 73 -20.93 19.12 22.12
CA ASN D 73 -20.86 20.46 21.56
C ASN D 73 -19.80 20.52 20.47
N THR D 74 -18.65 19.88 20.67
CA THR D 74 -17.62 19.89 19.66
C THR D 74 -18.08 19.18 18.39
N ILE D 75 -18.79 18.08 18.54
CA ILE D 75 -19.30 17.36 17.36
C ILE D 75 -20.27 18.23 16.58
N THR D 76 -21.20 18.89 17.30
CA THR D 76 -22.13 19.77 16.61
C THR D 76 -21.39 20.91 15.93
N MET D 77 -20.37 21.46 16.59
CA MET D 77 -19.63 22.59 16.03
C MET D 77 -18.90 22.20 14.76
N LEU D 78 -18.30 21.02 14.72
CA LEU D 78 -17.64 20.58 13.49
C LEU D 78 -18.65 20.28 12.39
N PHE D 79 -19.76 19.62 12.75
CA PHE D 79 -20.81 19.35 11.78
C PHE D 79 -21.26 20.63 11.09
N PHE D 80 -21.49 21.68 11.89
CA PHE D 80 -21.91 22.96 11.33
C PHE D 80 -20.75 23.81 10.83
N LEU D 81 -19.51 23.39 11.10
CA LEU D 81 -18.35 24.03 10.49
C LEU D 81 -18.27 23.68 9.01
N HIS D 82 -18.62 22.44 8.67
CA HIS D 82 -18.55 22.05 7.26
C HIS D 82 -19.22 23.06 6.33
N PRO D 83 -20.50 23.40 6.56
CA PRO D 83 -21.18 24.35 5.67
C PRO D 83 -20.51 25.71 5.58
N ILE D 84 -20.04 26.26 6.70
CA ILE D 84 -19.41 27.57 6.69
C ILE D 84 -18.16 27.55 5.83
N VAL D 85 -17.35 26.51 6.00
CA VAL D 85 -16.13 26.40 5.20
C VAL D 85 -16.46 26.31 3.73
N LYS D 86 -17.47 25.51 3.36
CA LYS D 86 -17.84 25.41 1.95
C LYS D 86 -18.32 26.76 1.41
N MET D 87 -19.15 27.44 2.19
CA MET D 87 -19.73 28.72 1.76
C MET D 87 -18.64 29.75 1.51
N ILE D 88 -17.67 29.85 2.42
CA ILE D 88 -16.57 30.79 2.22
C ILE D 88 -15.64 30.32 1.12
N TYR D 89 -15.47 29.01 0.97
CA TYR D 89 -14.53 28.48 -0.01
C TYR D 89 -14.97 28.80 -1.43
N PHE D 90 -16.27 28.70 -1.72
CA PHE D 90 -16.69 28.87 -3.11
C PHE D 90 -16.31 30.24 -3.68
N PRO D 91 -16.66 31.37 -3.05
CA PRO D 91 -16.40 32.66 -3.71
C PRO D 91 -14.93 32.95 -3.98
N VAL D 92 -14.03 32.54 -3.08
CA VAL D 92 -12.62 32.86 -3.27
C VAL D 92 -12.06 32.13 -4.47
N ARG D 93 -12.53 30.90 -4.72
CA ARG D 93 -12.09 30.11 -5.85
C ARG D 93 -13.08 30.15 -7.00
N SER D 94 -13.98 31.14 -7.01
CA SER D 94 -15.04 31.16 -8.00
C SER D 94 -14.50 31.16 -9.43
N LYS D 95 -13.30 31.72 -9.64
CA LYS D 95 -12.76 31.82 -10.99
C LYS D 95 -12.54 30.44 -11.59
N ILE D 96 -11.95 29.52 -10.81
CA ILE D 96 -11.70 28.18 -11.33
C ILE D 96 -13.00 27.42 -11.51
N PHE D 97 -13.98 27.64 -10.63
CA PHE D 97 -15.29 27.01 -10.81
C PHE D 97 -15.92 27.44 -12.13
N TYR D 98 -15.91 28.74 -12.41
CA TYR D 98 -16.45 29.23 -13.67
C TYR D 98 -15.65 28.70 -14.86
N LYS D 99 -14.33 28.56 -14.71
CA LYS D 99 -13.54 27.99 -15.78
C LYS D 99 -13.96 26.55 -16.06
N THR D 100 -14.20 25.77 -14.99
CA THR D 100 -14.65 24.40 -15.16
C THR D 100 -16.01 24.34 -15.84
N LEU D 101 -16.95 25.16 -15.37
CA LEU D 101 -18.31 25.10 -15.92
C LEU D 101 -18.36 25.49 -17.39
N ALA D 102 -17.33 26.13 -17.91
CA ALA D 102 -17.29 26.56 -19.30
C ALA D 102 -16.40 25.66 -20.16
N ILE D 103 -16.05 24.47 -19.68
CA ILE D 103 -15.15 23.60 -20.41
C ILE D 103 -15.82 23.10 -21.68
N TRP D 104 -17.07 22.62 -21.57
CA TRP D 104 -17.71 21.88 -22.65
C TRP D 104 -18.60 22.76 -23.52
N ASN D 105 -18.25 24.05 -23.67
CA ASN D 105 -19.08 24.93 -24.48
C ASN D 105 -18.93 24.65 -25.96
N ASN D 106 -17.76 24.19 -26.40
CA ASN D 106 -17.49 23.92 -27.81
C ASN D 106 -16.83 22.55 -27.94
N PRO D 107 -17.62 21.47 -27.95
CA PRO D 107 -17.03 20.13 -28.06
C PRO D 107 -16.86 19.68 -29.50
N ASN D 108 -16.29 18.49 -29.67
CA ASN D 108 -16.01 17.92 -30.98
C ASN D 108 -17.29 17.33 -31.59
N SER D 109 -17.22 17.02 -32.88
CA SER D 109 -18.37 16.43 -33.56
C SER D 109 -17.90 15.63 -34.77
N HIS D 110 -18.49 14.45 -34.95
CA HIS D 110 -18.26 13.62 -36.12
C HIS D 110 -19.59 13.07 -36.59
N PRO D 111 -19.85 13.04 -37.91
CA PRO D 111 -21.15 12.56 -38.37
C PRO D 111 -21.50 11.15 -37.91
N LEU D 112 -20.52 10.23 -37.92
CA LEU D 112 -20.84 8.84 -37.64
C LEU D 112 -21.16 8.62 -36.17
N PHE D 113 -20.47 9.32 -35.28
CA PHE D 113 -20.61 9.11 -33.85
C PHE D 113 -21.53 10.13 -33.19
N ALA D 114 -22.25 10.92 -33.99
CA ALA D 114 -23.16 11.92 -33.43
C ALA D 114 -24.27 11.25 -32.62
N GLU D 115 -24.97 10.29 -33.23
CA GLU D 115 -26.12 9.68 -32.57
C GLU D 115 -25.70 9.12 -31.22
N SER D 116 -24.69 8.26 -31.21
CA SER D 116 -24.20 7.72 -29.95
C SER D 116 -23.94 8.84 -28.96
N ASN D 117 -23.18 9.85 -29.38
CA ASN D 117 -22.91 10.98 -28.50
C ASN D 117 -24.19 11.48 -27.88
N ALA D 118 -25.15 11.86 -28.73
CA ALA D 118 -26.39 12.41 -28.22
C ALA D 118 -26.97 11.50 -27.16
N ARG D 119 -27.09 10.20 -27.47
CA ARG D 119 -27.71 9.29 -26.53
C ARG D 119 -27.00 9.39 -25.18
N PHE D 120 -25.68 9.24 -25.19
CA PHE D 120 -24.97 9.22 -23.93
C PHE D 120 -25.10 10.57 -23.23
N HIS D 121 -25.03 11.65 -24.00
CA HIS D 121 -25.24 12.97 -23.41
C HIS D 121 -26.57 12.98 -22.66
N ALA D 122 -27.64 12.56 -23.34
CA ALA D 122 -28.93 12.50 -22.68
C ALA D 122 -28.83 11.67 -21.41
N LEU D 123 -28.22 10.49 -21.52
CA LEU D 123 -28.09 9.62 -20.35
C LEU D 123 -27.49 10.40 -19.20
N ALA D 124 -26.38 11.09 -19.45
CA ALA D 124 -25.70 11.81 -18.38
C ALA D 124 -26.69 12.71 -17.65
N ILE D 125 -27.43 13.53 -18.41
CA ILE D 125 -28.33 14.48 -17.77
C ILE D 125 -29.25 13.76 -16.82
N THR D 126 -29.86 12.66 -17.30
CA THR D 126 -30.79 11.93 -16.48
C THR D 126 -30.15 11.58 -15.14
N LYS D 127 -28.98 10.94 -15.20
CA LYS D 127 -28.33 10.53 -13.97
C LYS D 127 -28.12 11.73 -13.06
N MET D 128 -27.60 12.83 -13.62
CA MET D 128 -27.37 14.00 -12.80
C MET D 128 -28.62 14.37 -12.04
N ARG D 129 -29.75 14.49 -12.76
CA ARG D 129 -30.99 14.87 -12.10
C ARG D 129 -31.25 13.93 -10.94
N ARG D 130 -31.21 12.62 -11.21
CA ARG D 130 -31.49 11.65 -10.16
C ARG D 130 -30.65 11.96 -8.93
N LEU D 131 -29.34 12.11 -9.13
CA LEU D 131 -28.45 12.33 -8.00
C LEU D 131 -28.95 13.50 -7.18
N LEU D 132 -29.18 14.64 -7.82
CA LEU D 132 -29.63 15.81 -7.09
C LEU D 132 -30.85 15.47 -6.26
N PHE D 133 -31.87 14.92 -6.92
CA PHE D 133 -33.11 14.61 -6.22
C PHE D 133 -32.80 13.74 -5.01
N CYS D 134 -32.05 12.65 -5.23
CA CYS D 134 -31.77 11.75 -4.13
C CYS D 134 -31.16 12.53 -2.97
N VAL D 135 -30.10 13.29 -3.24
CA VAL D 135 -29.44 14.00 -2.16
C VAL D 135 -30.42 14.96 -1.52
N ALA D 136 -31.18 15.70 -2.34
CA ALA D 136 -32.17 16.60 -1.78
C ALA D 136 -33.06 15.85 -0.80
N GLY D 137 -33.60 14.71 -1.24
CA GLY D 137 -34.43 13.93 -0.34
C GLY D 137 -33.72 13.65 0.96
N ALA D 138 -32.51 13.09 0.87
CA ALA D 138 -31.76 12.78 2.07
C ALA D 138 -31.69 14.01 2.96
N THR D 139 -31.28 15.14 2.38
CA THR D 139 -31.15 16.35 3.18
C THR D 139 -32.44 16.63 3.93
N ILE D 140 -33.55 16.67 3.19
CA ILE D 140 -34.83 16.97 3.83
C ILE D 140 -35.07 16.00 4.97
N PHE D 141 -34.91 14.71 4.70
CA PHE D 141 -35.14 13.71 5.73
C PHE D 141 -34.38 14.06 6.98
N SER D 142 -33.09 14.35 6.84
CA SER D 142 -32.27 14.65 8.01
C SER D 142 -32.92 15.76 8.81
N VAL D 143 -33.23 16.88 8.15
CA VAL D 143 -33.84 18.00 8.86
C VAL D 143 -35.02 17.51 9.67
N ILE D 144 -35.97 16.85 8.99
CA ILE D 144 -37.19 16.42 9.66
C ILE D 144 -36.82 15.54 10.85
N SER D 145 -35.97 14.54 10.63
CA SER D 145 -35.60 13.65 11.73
C SER D 145 -35.09 14.47 12.90
N TRP D 146 -34.15 15.38 12.62
CA TRP D 146 -33.64 16.25 13.67
C TRP D 146 -34.78 16.84 14.46
N THR D 147 -35.64 17.61 13.78
CA THR D 147 -36.74 18.27 14.46
C THR D 147 -37.55 17.24 15.24
N GLY D 148 -37.88 16.11 14.59
CA GLY D 148 -38.65 15.10 15.28
C GLY D 148 -38.05 14.74 16.61
N ILE D 149 -36.76 14.37 16.61
CA ILE D 149 -36.14 13.90 17.85
C ILE D 149 -36.27 14.97 18.92
N THR D 150 -36.11 16.24 18.53
CA THR D 150 -36.04 17.31 19.51
C THR D 150 -37.33 17.44 20.30
N PHE D 151 -38.42 16.81 19.84
CA PHE D 151 -39.69 16.86 20.54
C PHE D 151 -40.06 15.56 21.21
N ILE D 152 -39.41 14.45 20.88
CA ILE D 152 -39.73 13.18 21.53
C ILE D 152 -38.89 12.96 22.78
N GLU D 153 -37.67 13.50 22.82
CA GLU D 153 -36.85 13.38 24.01
C GLU D 153 -37.31 14.36 25.08
N ASP D 154 -36.68 14.28 26.25
CA ASP D 154 -36.96 15.17 27.36
C ASP D 154 -35.79 16.12 27.54
N SER D 155 -36.09 17.42 27.55
CA SER D 155 -35.06 18.45 27.67
C SER D 155 -34.76 18.66 29.14
N VAL D 156 -33.65 18.08 29.61
CA VAL D 156 -33.27 18.15 31.01
C VAL D 156 -31.75 18.07 31.09
N LYS D 157 -31.20 18.72 32.11
CA LYS D 157 -29.76 18.76 32.34
C LYS D 157 -29.47 18.21 33.73
N ARG D 158 -28.39 17.43 33.83
CA ARG D 158 -27.98 16.80 35.09
C ARG D 158 -26.87 17.63 35.74
N ILE D 159 -26.99 17.83 37.05
CA ILE D 159 -26.00 18.59 37.78
C ILE D 159 -25.48 17.77 38.96
N THR D 168 -28.93 16.63 40.60
CA THR D 168 -30.18 17.35 40.43
C THR D 168 -30.54 17.49 38.96
N ILE D 169 -31.82 17.72 38.70
CA ILE D 169 -32.34 17.89 37.34
C ILE D 169 -32.76 19.34 37.17
N ILE D 170 -32.24 19.97 36.12
CA ILE D 170 -32.55 21.36 35.79
C ILE D 170 -33.20 21.37 34.41
N PRO D 171 -34.39 21.94 34.23
CA PRO D 171 -35.01 21.98 32.90
C PRO D 171 -34.20 22.86 31.97
N ILE D 172 -33.87 22.34 30.79
CA ILE D 172 -33.11 23.07 29.79
C ILE D 172 -34.08 23.53 28.69
N PRO D 173 -33.85 24.68 28.05
CA PRO D 173 -34.71 25.07 26.94
C PRO D 173 -34.74 24.00 25.85
N ARG D 174 -35.94 23.80 25.29
CA ARG D 174 -36.16 22.73 24.32
C ARG D 174 -35.97 23.28 22.92
N LEU D 175 -34.72 23.31 22.48
CA LEU D 175 -34.36 23.74 21.14
C LEU D 175 -33.72 22.59 20.38
N MET D 176 -33.67 22.74 19.06
CA MET D 176 -33.11 21.72 18.20
C MET D 176 -31.59 21.70 18.23
N ILE D 177 -30.97 22.80 18.66
CA ILE D 177 -29.52 22.89 18.82
C ILE D 177 -29.24 23.56 20.16
N ARG D 178 -28.31 23.00 20.92
CA ARG D 178 -27.93 23.59 22.20
C ARG D 178 -27.23 24.93 21.94
N THR D 179 -27.81 26.01 22.46
CA THR D 179 -27.30 27.34 22.17
C THR D 179 -27.66 28.27 23.31
N PHE D 180 -26.89 29.37 23.41
CA PHE D 180 -27.12 30.41 24.40
C PHE D 180 -27.70 31.62 23.69
N TYR D 181 -28.79 32.18 24.24
CA TYR D 181 -29.50 33.27 23.61
C TYR D 181 -29.74 34.39 24.61
N PRO D 182 -29.57 35.65 24.20
CA PRO D 182 -29.98 36.76 25.09
C PRO D 182 -31.47 36.72 25.43
N PHE D 183 -32.31 36.30 24.48
CA PHE D 183 -33.73 36.15 24.76
C PHE D 183 -33.93 35.13 25.89
N ASN D 184 -35.18 35.04 26.36
CA ASN D 184 -35.51 34.04 27.37
C ASN D 184 -35.31 32.63 26.85
N ALA D 185 -35.72 32.38 25.61
CA ALA D 185 -35.55 31.11 24.92
C ALA D 185 -36.38 29.99 25.53
N MET D 186 -37.24 30.29 26.49
CA MET D 186 -38.14 29.31 27.09
C MET D 186 -39.60 29.72 26.99
N SER D 187 -39.92 31.00 27.19
CA SER D 187 -41.29 31.47 27.04
C SER D 187 -41.70 31.41 25.57
N GLY D 188 -42.96 31.78 25.31
CA GLY D 188 -43.52 31.56 23.99
C GLY D 188 -42.76 32.28 22.88
N ALA D 189 -42.55 33.59 23.04
CA ALA D 189 -41.96 34.37 21.96
C ALA D 189 -40.55 33.91 21.66
N GLY D 190 -39.69 33.85 22.68
CA GLY D 190 -38.31 33.44 22.47
C GLY D 190 -38.21 32.01 21.97
N HIS D 191 -39.02 31.11 22.54
CA HIS D 191 -38.99 29.72 22.12
C HIS D 191 -39.36 29.58 20.65
N VAL D 192 -40.44 30.26 20.24
CA VAL D 192 -40.88 30.17 18.85
C VAL D 192 -39.83 30.75 17.91
N PHE D 193 -39.28 31.91 18.27
CA PHE D 193 -38.26 32.51 17.40
C PHE D 193 -37.04 31.61 17.29
N ALA D 194 -36.60 31.03 18.41
CA ALA D 194 -35.45 30.14 18.38
C ALA D 194 -35.72 28.93 17.51
N LEU D 195 -36.91 28.34 17.62
CA LEU D 195 -37.24 27.18 16.80
C LEU D 195 -37.20 27.54 15.32
N ILE D 196 -37.79 28.67 14.95
CA ILE D 196 -37.82 29.05 13.54
C ILE D 196 -36.41 29.32 13.04
N TYR D 197 -35.61 30.05 13.82
CA TYR D 197 -34.26 30.38 13.40
C TYR D 197 -33.41 29.13 13.24
N GLN D 198 -33.53 28.19 14.18
CA GLN D 198 -32.73 26.97 14.10
C GLN D 198 -33.18 26.09 12.95
N PHE D 199 -34.48 26.05 12.65
CA PHE D 199 -34.93 25.32 11.48
C PHE D 199 -34.32 25.91 10.20
N TYR D 200 -34.33 27.24 10.10
CA TYR D 200 -33.73 27.89 8.95
C TYR D 200 -32.24 27.57 8.87
N TYR D 201 -31.56 27.61 10.01
CA TYR D 201 -30.13 27.28 10.05
C TYR D 201 -29.87 25.89 9.52
N LEU D 202 -30.59 24.89 10.03
CA LEU D 202 -30.39 23.52 9.60
C LEU D 202 -30.59 23.40 8.09
N VAL D 203 -31.71 23.93 7.60
CA VAL D 203 -32.01 23.78 6.18
C VAL D 203 -30.90 24.40 5.34
N ILE D 204 -30.49 25.63 5.66
CA ILE D 204 -29.52 26.33 4.84
C ILE D 204 -28.17 25.63 4.89
N SER D 205 -27.72 25.23 6.08
CA SER D 205 -26.41 24.60 6.19
C SER D 205 -26.35 23.30 5.40
N MET D 206 -27.32 22.40 5.64
CA MET D 206 -27.32 21.15 4.91
C MET D 206 -27.39 21.40 3.41
N ALA D 207 -28.23 22.36 3.00
CA ALA D 207 -28.43 22.59 1.57
C ALA D 207 -27.15 23.08 0.91
N VAL D 208 -26.45 24.05 1.52
CA VAL D 208 -25.25 24.58 0.88
C VAL D 208 -24.18 23.50 0.78
N SER D 209 -23.94 22.79 1.88
CA SER D 209 -22.91 21.75 1.86
C SER D 209 -23.22 20.72 0.78
N ASN D 210 -24.43 20.16 0.81
CA ASN D 210 -24.76 19.10 -0.12
C ASN D 210 -24.83 19.60 -1.56
N SER D 211 -25.19 20.87 -1.76
CA SER D 211 -25.26 21.38 -3.12
C SER D 211 -23.88 21.46 -3.75
N LEU D 212 -22.89 21.95 -3.00
CA LEU D 212 -21.53 21.94 -3.55
C LEU D 212 -21.05 20.51 -3.81
N ASP D 213 -21.32 19.61 -2.86
CA ASP D 213 -20.92 18.22 -3.06
C ASP D 213 -21.55 17.64 -4.33
N VAL D 214 -22.84 17.90 -4.54
CA VAL D 214 -23.54 17.37 -5.69
C VAL D 214 -23.00 17.97 -6.98
N LEU D 215 -22.60 19.24 -6.96
CA LEU D 215 -21.98 19.82 -8.14
C LEU D 215 -20.72 19.05 -8.53
N PHE D 216 -19.87 18.78 -7.54
CA PHE D 216 -18.67 17.98 -7.80
C PHE D 216 -19.03 16.62 -8.40
N CYS D 217 -19.95 15.91 -7.75
CA CYS D 217 -20.31 14.58 -8.20
C CYS D 217 -20.93 14.60 -9.59
N SER D 218 -21.67 15.66 -9.93
CA SER D 218 -22.26 15.76 -11.27
C SER D 218 -21.19 15.96 -12.32
N TRP D 219 -20.18 16.77 -12.03
CA TRP D 219 -19.04 16.86 -12.93
C TRP D 219 -18.47 15.48 -13.21
N LEU D 220 -18.26 14.71 -12.13
CA LEU D 220 -17.69 13.38 -12.29
C LEU D 220 -18.61 12.47 -13.12
N LEU D 221 -19.91 12.55 -12.88
CA LEU D 221 -20.87 11.76 -13.66
C LEU D 221 -20.77 12.07 -15.15
N PHE D 222 -20.69 13.37 -15.48
CA PHE D 222 -20.57 13.74 -16.89
C PHE D 222 -19.30 13.17 -17.50
N ALA D 223 -18.19 13.26 -16.76
CA ALA D 223 -16.93 12.70 -17.29
C ALA D 223 -17.06 11.20 -17.53
N CYS D 224 -17.66 10.48 -16.59
CA CYS D 224 -17.80 9.03 -16.72
C CYS D 224 -18.67 8.68 -17.92
N GLU D 225 -19.75 9.41 -18.14
CA GLU D 225 -20.61 9.12 -19.29
C GLU D 225 -19.89 9.42 -20.60
N GLN D 226 -19.05 10.46 -20.64
CA GLN D 226 -18.27 10.71 -21.84
C GLN D 226 -17.30 9.56 -22.12
N LEU D 227 -16.66 9.04 -21.07
CA LEU D 227 -15.80 7.88 -21.25
C LEU D 227 -16.59 6.68 -21.76
N GLN D 228 -17.79 6.48 -21.22
CA GLN D 228 -18.66 5.42 -21.72
C GLN D 228 -18.95 5.58 -23.20
N HIS D 229 -19.21 6.81 -23.63
CA HIS D 229 -19.46 7.06 -25.05
C HIS D 229 -18.24 6.68 -25.89
N LEU D 230 -17.05 7.05 -25.43
CA LEU D 230 -15.84 6.72 -26.20
C LEU D 230 -15.66 5.21 -26.31
N LYS D 231 -15.85 4.50 -25.20
CA LYS D 231 -15.74 3.04 -25.23
C LYS D 231 -16.76 2.45 -26.19
N ALA D 232 -18.00 2.93 -26.14
CA ALA D 232 -19.03 2.38 -27.00
C ALA D 232 -18.72 2.59 -28.47
N ILE D 233 -18.20 3.76 -28.83
CA ILE D 233 -17.95 4.05 -30.24
C ILE D 233 -16.63 3.49 -30.74
N MET D 234 -15.75 3.00 -29.86
CA MET D 234 -14.47 2.48 -30.32
C MET D 234 -14.61 1.27 -31.25
N LYS D 235 -15.74 0.55 -31.22
CA LYS D 235 -15.88 -0.63 -32.06
C LYS D 235 -16.11 -0.25 -33.52
N PRO D 236 -17.15 0.50 -33.88
CA PRO D 236 -17.35 0.86 -35.29
C PRO D 236 -16.18 1.62 -35.88
N LEU D 237 -15.41 2.33 -35.06
CA LEU D 237 -14.17 2.95 -35.54
C LEU D 237 -13.25 1.90 -36.16
N MET D 238 -12.96 0.84 -35.40
CA MET D 238 -12.08 -0.20 -35.91
C MET D 238 -12.71 -0.89 -37.11
N GLU D 239 -14.00 -1.23 -37.03
CA GLU D 239 -14.63 -1.89 -38.17
C GLU D 239 -14.55 -1.01 -39.41
N LEU D 240 -14.58 0.30 -39.23
CA LEU D 240 -14.38 1.22 -40.34
C LEU D 240 -12.95 1.13 -40.87
N SER D 241 -11.98 0.99 -39.97
CA SER D 241 -10.60 0.81 -40.42
C SER D 241 -10.40 -0.50 -41.17
N ALA D 242 -11.03 -1.57 -40.68
CA ALA D 242 -10.76 -2.91 -41.21
C ALA D 242 -11.35 -3.07 -42.60
N THR D 243 -10.59 -3.71 -43.48
CA THR D 243 -11.06 -4.04 -44.82
C THR D 243 -9.99 -4.81 -45.59
N GLY D 313 -4.38 -1.80 -49.00
CA GLY D 313 -5.63 -2.27 -49.58
C GLY D 313 -6.70 -1.20 -49.60
N LEU D 314 -6.75 -0.39 -48.55
CA LEU D 314 -7.73 0.68 -48.47
C LEU D 314 -7.48 1.73 -49.55
N THR D 315 -8.58 2.31 -50.06
CA THR D 315 -8.49 3.44 -50.94
C THR D 315 -8.22 4.71 -50.14
N LYS D 316 -7.86 5.78 -50.84
CA LYS D 316 -7.47 7.02 -50.17
C LYS D 316 -8.61 7.56 -49.32
N LYS D 317 -9.84 7.54 -49.86
CA LYS D 317 -10.97 8.08 -49.11
C LYS D 317 -11.16 7.34 -47.79
N GLN D 318 -10.98 6.01 -47.81
CA GLN D 318 -11.08 5.25 -46.57
C GLN D 318 -10.00 5.65 -45.58
N GLU D 319 -8.79 5.90 -46.07
CA GLU D 319 -7.72 6.35 -45.18
C GLU D 319 -8.09 7.67 -44.52
N MET D 320 -8.61 8.62 -45.31
CA MET D 320 -8.99 9.90 -44.72
C MET D 320 -10.13 9.74 -43.72
N LEU D 321 -11.10 8.88 -44.04
CA LEU D 321 -12.20 8.65 -43.11
C LEU D 321 -11.71 8.06 -41.80
N VAL D 322 -10.81 7.08 -41.87
CA VAL D 322 -10.28 6.48 -40.65
C VAL D 322 -9.48 7.50 -39.86
N ARG D 323 -8.72 8.35 -40.56
CA ARG D 323 -7.95 9.37 -39.86
C ARG D 323 -8.87 10.36 -39.15
N SER D 324 -9.97 10.75 -39.79
CA SER D 324 -10.92 11.65 -39.16
C SER D 324 -11.55 11.00 -37.92
N ALA D 325 -11.88 9.71 -38.02
CA ALA D 325 -12.44 9.02 -36.86
C ALA D 325 -11.44 8.96 -35.72
N ILE D 326 -10.19 8.64 -36.02
CA ILE D 326 -9.17 8.56 -34.99
C ILE D 326 -8.94 9.92 -34.34
N LYS D 327 -8.92 10.98 -35.17
CA LYS D 327 -8.78 12.33 -34.65
C LYS D 327 -9.93 12.67 -33.70
N TYR D 328 -11.16 12.35 -34.11
CA TYR D 328 -12.31 12.62 -33.24
C TYR D 328 -12.16 11.90 -31.91
N TRP D 329 -11.80 10.62 -31.95
CA TRP D 329 -11.66 9.85 -30.71
C TRP D 329 -10.62 10.48 -29.79
N VAL D 330 -9.44 10.77 -30.33
CA VAL D 330 -8.35 11.28 -29.50
C VAL D 330 -8.70 12.64 -28.93
N GLU D 331 -9.29 13.52 -29.76
CA GLU D 331 -9.62 14.85 -29.28
C GLU D 331 -10.67 14.80 -28.19
N ARG D 332 -11.70 13.97 -28.34
CA ARG D 332 -12.69 13.85 -27.28
C ARG D 332 -12.08 13.31 -26.00
N HIS D 333 -11.17 12.33 -26.12
CA HIS D 333 -10.53 11.80 -24.93
C HIS D 333 -9.71 12.88 -24.22
N LYS D 334 -8.96 13.67 -24.98
CA LYS D 334 -8.19 14.76 -24.38
C LYS D 334 -9.10 15.77 -23.71
N HIS D 335 -10.25 16.06 -24.32
CA HIS D 335 -11.21 16.98 -23.72
C HIS D 335 -11.70 16.46 -22.39
N VAL D 336 -12.00 15.15 -22.31
CA VAL D 336 -12.42 14.57 -21.03
C VAL D 336 -11.30 14.71 -20.00
N VAL D 337 -10.05 14.48 -20.42
CA VAL D 337 -8.93 14.61 -19.49
C VAL D 337 -8.84 16.03 -18.96
N ARG D 338 -9.01 17.02 -19.85
CA ARG D 338 -8.98 18.41 -19.42
C ARG D 338 -10.08 18.69 -18.41
N LEU D 339 -11.29 18.19 -18.65
CA LEU D 339 -12.38 18.39 -17.71
C LEU D 339 -12.04 17.81 -16.35
N VAL D 340 -11.46 16.61 -16.33
CA VAL D 340 -11.13 15.97 -15.05
C VAL D 340 -10.07 16.78 -14.33
N THR D 341 -9.07 17.28 -15.06
CA THR D 341 -8.03 18.10 -14.44
C THR D 341 -8.62 19.36 -13.83
N ALA D 342 -9.52 20.03 -14.56
CA ALA D 342 -10.14 21.23 -14.04
C ALA D 342 -10.95 20.94 -12.79
N VAL D 343 -11.69 19.82 -12.78
CA VAL D 343 -12.48 19.46 -11.60
C VAL D 343 -11.56 19.25 -10.40
N GLY D 344 -10.45 18.54 -10.61
CA GLY D 344 -9.51 18.33 -9.51
C GLY D 344 -8.96 19.64 -8.99
N ASP D 345 -8.54 20.52 -9.89
CA ASP D 345 -8.04 21.82 -9.46
C ASP D 345 -9.08 22.58 -8.65
N ALA D 346 -10.33 22.52 -9.09
CA ALA D 346 -11.38 23.26 -8.40
C ALA D 346 -11.61 22.72 -6.99
N TYR D 347 -11.63 21.40 -6.81
CA TYR D 347 -12.17 20.83 -5.58
C TYR D 347 -11.16 20.13 -4.68
N GLY D 348 -9.86 20.13 -5.02
CA GLY D 348 -8.91 19.41 -4.19
C GLY D 348 -8.83 19.92 -2.77
N VAL D 349 -8.69 21.24 -2.60
CA VAL D 349 -8.55 21.78 -1.25
C VAL D 349 -9.84 21.62 -0.47
N ALA D 350 -10.99 21.70 -1.14
CA ALA D 350 -12.26 21.45 -0.47
C ALA D 350 -12.30 20.04 0.08
N LEU D 351 -11.87 19.06 -0.71
CA LEU D 351 -11.82 17.69 -0.23
C LEU D 351 -10.88 17.56 0.97
N LEU D 352 -9.71 18.19 0.88
CA LEU D 352 -8.75 18.11 1.96
C LEU D 352 -9.34 18.65 3.27
N LEU D 353 -9.96 19.83 3.21
CA LEU D 353 -10.55 20.41 4.42
C LEU D 353 -11.71 19.56 4.93
N HIS D 354 -12.52 19.02 4.01
CA HIS D 354 -13.62 18.15 4.41
C HIS D 354 -13.10 16.98 5.24
N MET D 355 -12.08 16.28 4.73
CA MET D 355 -11.59 15.12 5.46
C MET D 355 -10.86 15.50 6.74
N LEU D 356 -10.18 16.66 6.75
CA LEU D 356 -9.56 17.11 8.00
C LEU D 356 -10.62 17.30 9.09
N THR D 357 -11.75 17.92 8.74
CA THR D 357 -12.82 18.06 9.73
C THR D 357 -13.42 16.72 10.11
N THR D 358 -13.65 15.87 9.10
CA THR D 358 -14.31 14.59 9.33
C THR D 358 -13.51 13.69 10.25
N THR D 359 -12.18 13.78 10.21
CA THR D 359 -11.37 12.93 11.07
C THR D 359 -11.66 13.19 12.54
N ILE D 360 -11.63 14.46 12.95
CA ILE D 360 -11.94 14.80 14.34
C ILE D 360 -13.39 14.48 14.65
N THR D 361 -14.28 14.72 13.69
CA THR D 361 -15.69 14.39 13.90
C THR D 361 -15.84 12.92 14.25
N LEU D 362 -15.20 12.04 13.48
CA LEU D 362 -15.34 10.61 13.68
C LEU D 362 -14.64 10.14 14.94
N THR D 363 -13.51 10.75 15.32
CA THR D 363 -12.90 10.40 16.59
C THR D 363 -13.86 10.68 17.75
N LEU D 364 -14.40 11.89 17.79
CA LEU D 364 -15.33 12.22 18.87
C LEU D 364 -16.58 11.35 18.80
N LEU D 365 -17.01 10.99 17.59
CA LEU D 365 -18.21 10.16 17.47
C LEU D 365 -17.97 8.75 17.96
N ALA D 366 -16.77 8.20 17.73
CA ALA D 366 -16.44 6.89 18.29
C ALA D 366 -16.46 6.94 19.81
N TYR D 367 -15.86 7.98 20.39
CA TYR D 367 -15.95 8.09 21.85
C TYR D 367 -17.39 8.19 22.31
N GLN D 368 -18.23 8.90 21.56
CA GLN D 368 -19.63 9.02 21.94
C GLN D 368 -20.35 7.68 21.85
N ALA D 369 -20.10 6.93 20.78
CA ALA D 369 -20.72 5.62 20.60
C ALA D 369 -20.31 4.66 21.71
N THR D 370 -19.14 4.88 22.30
CA THR D 370 -18.71 4.01 23.39
C THR D 370 -19.72 4.01 24.54
N LYS D 371 -20.51 5.08 24.68
CA LYS D 371 -21.43 5.23 25.81
C LYS D 371 -22.86 4.80 25.50
N VAL D 372 -23.12 4.27 24.31
CA VAL D 372 -24.48 3.86 23.96
C VAL D 372 -24.86 2.63 24.78
N ASN D 373 -26.08 2.65 25.33
CA ASN D 373 -26.56 1.52 26.13
C ASN D 373 -28.01 1.16 25.79
N GLY D 374 -28.46 1.47 24.58
CA GLY D 374 -29.78 1.08 24.13
C GLY D 374 -30.83 2.18 24.17
N VAL D 375 -30.54 3.31 24.81
CA VAL D 375 -31.52 4.39 24.89
C VAL D 375 -31.83 4.89 23.49
N ASN D 376 -33.12 5.11 23.22
CA ASN D 376 -33.56 5.44 21.88
C ASN D 376 -32.94 6.76 21.40
N VAL D 377 -33.06 7.82 22.19
CA VAL D 377 -32.69 9.15 21.71
C VAL D 377 -31.18 9.24 21.49
N TYR D 378 -30.40 8.85 22.49
CA TYR D 378 -28.95 8.98 22.38
C TYR D 378 -28.40 8.12 21.25
N ALA D 379 -28.84 6.85 21.20
CA ALA D 379 -28.38 5.96 20.14
C ALA D 379 -28.76 6.50 18.78
N ALA D 380 -29.99 7.00 18.64
CA ALA D 380 -30.43 7.54 17.36
C ALA D 380 -29.60 8.74 16.95
N THR D 381 -29.31 9.65 17.89
CA THR D 381 -28.51 10.82 17.56
C THR D 381 -27.12 10.43 17.11
N VAL D 382 -26.48 9.52 17.85
CA VAL D 382 -25.13 9.11 17.48
C VAL D 382 -25.13 8.41 16.12
N ILE D 383 -26.11 7.54 15.88
CA ILE D 383 -26.17 6.82 14.62
C ILE D 383 -26.43 7.79 13.47
N GLY D 384 -27.25 8.81 13.69
CA GLY D 384 -27.48 9.80 12.65
C GLY D 384 -26.22 10.58 12.33
N TYR D 385 -25.48 11.01 13.36
CA TYR D 385 -24.23 11.71 13.11
C TYR D 385 -23.27 10.86 12.29
N LEU D 386 -23.07 9.61 12.73
CA LEU D 386 -22.15 8.72 12.04
C LEU D 386 -22.61 8.48 10.60
N LEU D 387 -23.91 8.26 10.41
CA LEU D 387 -24.43 7.97 9.08
C LEU D 387 -24.22 9.16 8.15
N TYR D 388 -24.51 10.37 8.62
CA TYR D 388 -24.36 11.54 7.76
C TYR D 388 -22.90 11.75 7.37
N THR D 389 -21.99 11.66 8.35
CA THR D 389 -20.58 11.86 8.05
C THR D 389 -20.08 10.83 7.05
N LEU D 390 -20.32 9.55 7.34
CA LEU D 390 -19.84 8.50 6.46
C LEU D 390 -20.54 8.56 5.11
N GLY D 391 -21.77 9.09 5.06
CA GLY D 391 -22.44 9.23 3.78
C GLY D 391 -21.81 10.28 2.89
N GLN D 392 -21.42 11.41 3.48
CA GLN D 392 -20.70 12.41 2.69
C GLN D 392 -19.40 11.82 2.14
N VAL D 393 -18.60 11.20 3.03
CA VAL D 393 -17.36 10.60 2.57
C VAL D 393 -17.63 9.56 1.50
N PHE D 394 -18.68 8.75 1.68
CA PHE D 394 -18.98 7.68 0.75
C PHE D 394 -19.37 8.23 -0.61
N LEU D 395 -20.13 9.32 -0.65
CA LEU D 395 -20.51 9.92 -1.92
C LEU D 395 -19.27 10.33 -2.71
N PHE D 396 -18.38 11.09 -2.05
CA PHE D 396 -17.16 11.51 -2.74
C PHE D 396 -16.40 10.30 -3.25
N CYS D 397 -16.19 9.31 -2.38
CA CYS D 397 -15.36 8.17 -2.72
C CYS D 397 -15.98 7.36 -3.85
N ILE D 398 -17.29 7.15 -3.82
CA ILE D 398 -17.92 6.30 -4.84
C ILE D 398 -17.79 6.96 -6.20
N PHE D 399 -17.96 8.28 -6.28
CA PHE D 399 -17.87 8.88 -7.61
C PHE D 399 -16.42 8.93 -8.11
N GLY D 400 -15.46 9.17 -7.23
CA GLY D 400 -14.07 9.06 -7.63
C GLY D 400 -13.73 7.66 -8.13
N ASN D 401 -14.22 6.63 -7.42
CA ASN D 401 -13.97 5.25 -7.82
C ASN D 401 -14.59 4.95 -9.18
N ARG D 402 -15.79 5.47 -9.42
CA ARG D 402 -16.41 5.27 -10.73
C ARG D 402 -15.54 5.89 -11.82
N LEU D 403 -14.97 7.07 -11.56
CA LEU D 403 -14.10 7.69 -12.55
C LEU D 403 -12.89 6.80 -12.85
N ILE D 404 -12.26 6.27 -11.80
CA ILE D 404 -11.09 5.41 -12.00
C ILE D 404 -11.46 4.18 -12.81
N GLU D 405 -12.59 3.54 -12.45
CA GLU D 405 -13.01 2.33 -13.13
C GLU D 405 -13.28 2.59 -14.60
N GLU D 406 -13.95 3.70 -14.92
CA GLU D 406 -14.20 4.03 -16.32
C GLU D 406 -12.90 4.27 -17.07
N SER D 407 -11.96 4.96 -16.44
CA SER D 407 -10.68 5.25 -17.10
C SER D 407 -9.98 3.96 -17.49
N SER D 408 -9.93 2.98 -16.59
CA SER D 408 -9.28 1.71 -16.94
C SER D 408 -10.11 0.88 -17.91
N SER D 409 -11.43 0.91 -17.76
CA SER D 409 -12.28 0.22 -18.71
C SER D 409 -12.07 0.73 -20.12
N VAL D 410 -11.57 1.96 -20.28
CA VAL D 410 -11.26 2.44 -21.62
C VAL D 410 -10.24 1.53 -22.29
N MET D 411 -9.17 1.19 -21.55
CA MET D 411 -8.19 0.24 -22.08
C MET D 411 -8.84 -1.11 -22.35
N GLU D 412 -9.63 -1.57 -21.39
CA GLU D 412 -10.29 -2.87 -21.56
C GLU D 412 -11.08 -2.92 -22.85
N ALA D 413 -11.85 -1.86 -23.14
CA ALA D 413 -12.68 -1.81 -24.34
C ALA D 413 -11.87 -1.56 -25.60
N ALA D 414 -10.74 -0.87 -25.49
CA ALA D 414 -9.86 -0.72 -26.64
C ALA D 414 -9.32 -2.07 -27.07
N TYR D 415 -9.04 -2.94 -26.11
CA TYR D 415 -8.56 -4.29 -26.44
C TYR D 415 -9.63 -5.07 -27.21
N SER D 416 -10.87 -5.02 -26.74
CA SER D 416 -11.92 -5.94 -27.19
C SER D 416 -12.59 -5.40 -28.45
N CYS D 417 -11.83 -5.39 -29.53
CA CYS D 417 -12.35 -5.05 -30.85
C CYS D 417 -11.47 -5.72 -31.89
N HIS D 418 -11.88 -5.59 -33.16
CA HIS D 418 -11.23 -6.35 -34.23
C HIS D 418 -10.03 -5.60 -34.77
N TRP D 419 -9.07 -5.31 -33.89
CA TRP D 419 -7.86 -4.64 -34.33
C TRP D 419 -7.00 -5.53 -35.20
N TYR D 420 -6.99 -6.84 -34.95
CA TYR D 420 -6.15 -7.74 -35.74
C TYR D 420 -6.52 -7.71 -37.22
N ASP D 421 -7.71 -7.26 -37.57
CA ASP D 421 -8.11 -7.12 -38.96
C ASP D 421 -7.83 -5.73 -39.54
N GLY D 422 -7.35 -4.79 -38.72
CA GLY D 422 -7.21 -3.42 -39.13
C GLY D 422 -5.95 -3.17 -39.93
N SER D 423 -5.64 -1.89 -40.10
CA SER D 423 -4.44 -1.45 -40.79
C SER D 423 -3.41 -0.99 -39.78
N GLU D 424 -2.26 -0.52 -40.28
CA GLU D 424 -1.17 -0.15 -39.39
C GLU D 424 -1.54 1.05 -38.53
N GLU D 425 -2.19 2.05 -39.12
CA GLU D 425 -2.57 3.23 -38.36
C GLU D 425 -3.53 2.89 -37.23
N ALA D 426 -4.52 2.04 -37.53
CA ALA D 426 -5.51 1.67 -36.51
C ALA D 426 -4.86 0.89 -35.37
N LYS D 427 -3.97 -0.04 -35.70
CA LYS D 427 -3.31 -0.82 -34.65
C LYS D 427 -2.40 0.08 -33.80
N THR D 428 -1.67 1.00 -34.43
CA THR D 428 -0.84 1.91 -33.66
C THR D 428 -1.69 2.81 -32.77
N PHE D 429 -2.84 3.26 -33.28
CA PHE D 429 -3.76 4.04 -32.47
C PHE D 429 -4.22 3.25 -31.26
N VAL D 430 -4.55 1.97 -31.47
CA VAL D 430 -4.97 1.12 -30.35
C VAL D 430 -3.84 1.01 -29.33
N GLN D 431 -2.62 0.78 -29.80
CA GLN D 431 -1.49 0.61 -28.88
C GLN D 431 -1.25 1.88 -28.05
N ILE D 432 -1.27 3.04 -28.71
CA ILE D 432 -1.02 4.28 -28.00
C ILE D 432 -2.14 4.59 -27.02
N VAL D 433 -3.39 4.32 -27.41
CA VAL D 433 -4.51 4.58 -26.51
C VAL D 433 -4.41 3.67 -25.29
N CYS D 434 -4.08 2.40 -25.49
CA CYS D 434 -3.95 1.48 -24.35
C CYS D 434 -2.82 1.94 -23.44
N GLN D 435 -1.68 2.32 -24.01
CA GLN D 435 -0.56 2.76 -23.19
C GLN D 435 -0.93 3.99 -22.37
N GLN D 436 -1.62 4.94 -23.00
CA GLN D 436 -2.06 6.12 -22.27
C GLN D 436 -3.03 5.74 -21.15
N CYS D 437 -3.95 4.82 -21.42
CA CYS D 437 -4.95 4.42 -20.44
C CYS D 437 -4.38 3.53 -19.35
N GLN D 438 -3.12 3.09 -19.46
CA GLN D 438 -2.52 2.32 -18.37
C GLN D 438 -2.63 3.04 -17.04
N LYS D 439 -2.59 4.37 -17.04
CA LYS D 439 -2.72 5.16 -15.82
C LYS D 439 -4.15 5.71 -15.75
N ALA D 440 -4.81 5.47 -14.62
CA ALA D 440 -6.21 5.81 -14.47
C ALA D 440 -6.38 7.26 -14.03
N MET D 441 -7.41 7.91 -14.56
CA MET D 441 -7.78 9.24 -14.08
C MET D 441 -8.25 9.15 -12.63
N SER D 442 -7.97 10.19 -11.87
CA SER D 442 -8.36 10.20 -10.47
C SER D 442 -8.43 11.63 -9.97
N ILE D 443 -9.06 11.80 -8.82
CA ILE D 443 -9.15 13.08 -8.14
C ILE D 443 -8.48 12.93 -6.79
N SER D 444 -7.57 13.85 -6.47
CA SER D 444 -6.81 13.80 -5.23
C SER D 444 -7.15 15.00 -4.36
N GLY D 445 -7.11 14.80 -3.05
CA GLY D 445 -7.34 15.87 -2.12
C GLY D 445 -6.13 16.77 -1.99
N ALA D 446 -5.79 17.48 -3.08
CA ALA D 446 -4.60 18.32 -3.13
C ALA D 446 -3.33 17.49 -3.06
N LYS D 447 -3.35 16.33 -3.71
CA LYS D 447 -2.25 15.38 -3.80
C LYS D 447 -1.91 14.73 -2.47
N PHE D 448 -2.65 15.02 -1.39
CA PHE D 448 -2.43 14.35 -0.12
C PHE D 448 -3.05 12.96 -0.08
N PHE D 449 -3.95 12.65 -1.02
CA PHE D 449 -4.54 11.32 -1.12
C PHE D 449 -5.41 11.26 -2.37
N THR D 450 -6.02 10.10 -2.62
CA THR D 450 -6.93 9.92 -3.75
C THR D 450 -8.31 9.58 -3.21
N VAL D 451 -9.34 10.10 -3.87
CA VAL D 451 -10.72 9.81 -3.50
C VAL D 451 -11.16 8.56 -4.25
N SER D 452 -11.43 7.50 -3.49
CA SER D 452 -11.89 6.23 -4.03
C SER D 452 -12.43 5.44 -2.86
N LEU D 453 -13.01 4.28 -3.14
CA LEU D 453 -13.56 3.46 -2.06
C LEU D 453 -12.48 3.02 -1.09
N ASP D 454 -11.22 3.02 -1.51
CA ASP D 454 -10.13 2.70 -0.61
C ASP D 454 -10.02 3.74 0.52
N LEU D 455 -10.21 5.02 0.18
CA LEU D 455 -10.16 6.05 1.21
C LEU D 455 -11.29 5.87 2.21
N PHE D 456 -12.50 5.57 1.74
CA PHE D 456 -13.61 5.33 2.64
C PHE D 456 -13.34 4.12 3.52
N ALA D 457 -12.77 3.06 2.93
CA ALA D 457 -12.43 1.88 3.71
C ALA D 457 -11.40 2.21 4.79
N SER D 458 -10.42 3.03 4.46
CA SER D 458 -9.42 3.42 5.44
C SER D 458 -10.05 4.21 6.58
N VAL D 459 -10.93 5.16 6.25
CA VAL D 459 -11.59 5.94 7.29
C VAL D 459 -12.43 5.03 8.19
N LEU D 460 -13.19 4.13 7.57
CA LEU D 460 -14.04 3.23 8.33
C LEU D 460 -13.22 2.31 9.23
N GLY D 461 -12.14 1.76 8.69
CA GLY D 461 -11.29 0.90 9.49
C GLY D 461 -10.66 1.64 10.66
N ALA D 462 -10.19 2.86 10.42
CA ALA D 462 -9.60 3.63 11.51
C ALA D 462 -10.62 3.89 12.62
N VAL D 463 -11.84 4.29 12.24
CA VAL D 463 -12.84 4.59 13.26
C VAL D 463 -13.23 3.32 14.01
N VAL D 464 -13.38 2.20 13.30
CA VAL D 464 -13.76 0.95 13.96
C VAL D 464 -12.66 0.50 14.91
N THR D 465 -11.41 0.56 14.48
CA THR D 465 -10.29 0.16 15.34
C THR D 465 -10.24 1.03 16.58
N TYR D 466 -10.37 2.35 16.42
CA TYR D 466 -10.34 3.22 17.58
C TYR D 466 -11.49 2.91 18.52
N PHE D 467 -12.67 2.64 17.97
CA PHE D 467 -13.81 2.30 18.82
C PHE D 467 -13.55 1.02 19.61
N MET D 468 -12.99 0.01 18.96
CA MET D 468 -12.72 -1.25 19.64
C MET D 468 -11.72 -1.03 20.77
N VAL D 469 -10.64 -0.29 20.50
CA VAL D 469 -9.68 0.00 21.55
C VAL D 469 -10.37 0.72 22.71
N LEU D 470 -11.21 1.71 22.38
CA LEU D 470 -11.88 2.48 23.43
C LEU D 470 -12.76 1.59 24.29
N VAL D 471 -13.53 0.70 23.68
CA VAL D 471 -14.45 -0.12 24.46
C VAL D 471 -13.66 -1.09 25.33
N GLN D 472 -12.59 -1.67 24.80
CA GLN D 472 -11.79 -2.59 25.60
C GLN D 472 -11.16 -1.87 26.79
N LEU D 473 -10.65 -0.66 26.58
CA LEU D 473 -10.09 0.11 27.68
C LEU D 473 -11.20 0.62 28.59
#